data_1LEA
# 
_entry.id   1LEA 
# 
_audit_conform.dict_name       mmcif_pdbx.dic 
_audit_conform.dict_version    5.392 
_audit_conform.dict_location   http://mmcif.pdb.org/dictionaries/ascii/mmcif_pdbx.dic 
# 
loop_
_database_2.database_id 
_database_2.database_code 
_database_2.pdbx_database_accession 
_database_2.pdbx_DOI 
PDB   1LEA         pdb_00001lea 10.2210/pdb1lea/pdb 
WWPDB D_1000174679 ?            ?                   
# 
loop_
_pdbx_audit_revision_history.ordinal 
_pdbx_audit_revision_history.data_content_type 
_pdbx_audit_revision_history.major_revision 
_pdbx_audit_revision_history.minor_revision 
_pdbx_audit_revision_history.revision_date 
1 'Structure model' 1 0 1994-08-31 
2 'Structure model' 1 1 2008-03-24 
3 'Structure model' 1 2 2011-07-13 
4 'Structure model' 1 3 2022-02-23 
5 'Structure model' 1 4 2024-05-22 
# 
_pdbx_audit_revision_details.ordinal             1 
_pdbx_audit_revision_details.revision_ordinal    1 
_pdbx_audit_revision_details.data_content_type   'Structure model' 
_pdbx_audit_revision_details.provider            repository 
_pdbx_audit_revision_details.type                'Initial release' 
_pdbx_audit_revision_details.description         ? 
_pdbx_audit_revision_details.details             ? 
# 
loop_
_pdbx_audit_revision_group.ordinal 
_pdbx_audit_revision_group.revision_ordinal 
_pdbx_audit_revision_group.data_content_type 
_pdbx_audit_revision_group.group 
1 2 'Structure model' 'Version format compliance' 
2 3 'Structure model' 'Version format compliance' 
3 4 'Structure model' 'Database references'       
4 4 'Structure model' 'Derived calculations'      
5 4 'Structure model' Other                       
6 5 'Structure model' 'Data collection'           
# 
loop_
_pdbx_audit_revision_category.ordinal 
_pdbx_audit_revision_category.revision_ordinal 
_pdbx_audit_revision_category.data_content_type 
_pdbx_audit_revision_category.category 
1 4 'Structure model' database_2            
2 4 'Structure model' pdbx_database_status  
3 4 'Structure model' pdbx_struct_assembly  
4 4 'Structure model' pdbx_struct_oper_list 
5 5 'Structure model' chem_comp_atom        
6 5 'Structure model' chem_comp_bond        
# 
loop_
_pdbx_audit_revision_item.ordinal 
_pdbx_audit_revision_item.revision_ordinal 
_pdbx_audit_revision_item.data_content_type 
_pdbx_audit_revision_item.item 
1 4 'Structure model' '_database_2.pdbx_DOI'                
2 4 'Structure model' '_database_2.pdbx_database_accession' 
3 4 'Structure model' '_pdbx_database_status.process_site'  
# 
_pdbx_database_status.status_code                     REL 
_pdbx_database_status.entry_id                        1LEA 
_pdbx_database_status.recvd_initial_deposition_date   1994-05-11 
_pdbx_database_status.deposit_site                    ? 
_pdbx_database_status.process_site                    BNL 
_pdbx_database_status.SG_entry                        . 
_pdbx_database_status.pdb_format_compatible           Y 
_pdbx_database_status.status_code_mr                  ? 
_pdbx_database_status.status_code_sf                  ? 
_pdbx_database_status.status_code_cs                  ? 
_pdbx_database_status.status_code_nmr_data            ? 
_pdbx_database_status.methods_development_category    ? 
# 
_pdbx_database_related.db_name        PDB 
_pdbx_database_related.db_id          1LEB 
_pdbx_database_related.details        . 
_pdbx_database_related.content_type   ensemble 
# 
loop_
_audit_author.name 
_audit_author.pdbx_ordinal 
'Fogh, R.H.'     1 
'Ottleben, G.'   2 
'Rueterjans, H.' 3 
'Schnarr, M.'    4 
'Boelens, R.'    5 
'Kaptein, R.'    6 
# 
_citation.id                        primary 
_citation.title                     
'Solution structure of the LexA repressor DNA binding domain determined by 1H NMR spectroscopy.' 
_citation.journal_abbrev            'EMBO J.' 
_citation.journal_volume            13 
_citation.page_first                3936 
_citation.page_last                 3944 
_citation.year                      1994 
_citation.journal_id_ASTM           EMJODG 
_citation.country                   UK 
_citation.journal_id_ISSN           0261-4189 
_citation.journal_id_CSD            0897 
_citation.book_publisher            ? 
_citation.pdbx_database_id_PubMed   8076591 
_citation.pdbx_database_id_DOI      ? 
# 
loop_
_citation_author.citation_id 
_citation_author.name 
_citation_author.ordinal 
_citation_author.identifier_ORCID 
primary 'Fogh, R.H.'    1 ? 
primary 'Ottleben, G.'  2 ? 
primary 'Ruterjans, H.' 3 ? 
primary 'Schnarr, M.'   4 ? 
primary 'Boelens, R.'   5 ? 
primary 'Kaptein, R.'   6 ? 
# 
_entity.id                         1 
_entity.type                       polymer 
_entity.src_method                 man 
_entity.pdbx_description           'LEXA REPRESSOR DNA BINDING DOMAIN' 
_entity.formula_weight             9214.596 
_entity.pdbx_number_of_molecules   1 
_entity.pdbx_ec                    ? 
_entity.pdbx_mutation              ? 
_entity.pdbx_fragment              ? 
_entity.details                    ? 
# 
_entity_poly.entity_id                      1 
_entity_poly.type                           'polypeptide(L)' 
_entity_poly.nstd_linkage                   no 
_entity_poly.nstd_monomer                   no 
_entity_poly.pdbx_seq_one_letter_code       
;MKALTARQQEVFDLIRDHISQTGMPPTRAEIAQRLGFRSPNAAEEHLKALARKGVIEIVSGASRGIRLLQEEEEGLPLVG
RVAA
;
_entity_poly.pdbx_seq_one_letter_code_can   
;MKALTARQQEVFDLIRDHISQTGMPPTRAEIAQRLGFRSPNAAEEHLKALARKGVIEIVSGASRGIRLLQEEEEGLPLVG
RVAA
;
_entity_poly.pdbx_strand_id                 A 
_entity_poly.pdbx_target_identifier         ? 
# 
loop_
_entity_poly_seq.entity_id 
_entity_poly_seq.num 
_entity_poly_seq.mon_id 
_entity_poly_seq.hetero 
1 1  MET n 
1 2  LYS n 
1 3  ALA n 
1 4  LEU n 
1 5  THR n 
1 6  ALA n 
1 7  ARG n 
1 8  GLN n 
1 9  GLN n 
1 10 GLU n 
1 11 VAL n 
1 12 PHE n 
1 13 ASP n 
1 14 LEU n 
1 15 ILE n 
1 16 ARG n 
1 17 ASP n 
1 18 HIS n 
1 19 ILE n 
1 20 SER n 
1 21 GLN n 
1 22 THR n 
1 23 GLY n 
1 24 MET n 
1 25 PRO n 
1 26 PRO n 
1 27 THR n 
1 28 ARG n 
1 29 ALA n 
1 30 GLU n 
1 31 ILE n 
1 32 ALA n 
1 33 GLN n 
1 34 ARG n 
1 35 LEU n 
1 36 GLY n 
1 37 PHE n 
1 38 ARG n 
1 39 SER n 
1 40 PRO n 
1 41 ASN n 
1 42 ALA n 
1 43 ALA n 
1 44 GLU n 
1 45 GLU n 
1 46 HIS n 
1 47 LEU n 
1 48 LYS n 
1 49 ALA n 
1 50 LEU n 
1 51 ALA n 
1 52 ARG n 
1 53 LYS n 
1 54 GLY n 
1 55 VAL n 
1 56 ILE n 
1 57 GLU n 
1 58 ILE n 
1 59 VAL n 
1 60 SER n 
1 61 GLY n 
1 62 ALA n 
1 63 SER n 
1 64 ARG n 
1 65 GLY n 
1 66 ILE n 
1 67 ARG n 
1 68 LEU n 
1 69 LEU n 
1 70 GLN n 
1 71 GLU n 
1 72 GLU n 
1 73 GLU n 
1 74 GLU n 
1 75 GLY n 
1 76 LEU n 
1 77 PRO n 
1 78 LEU n 
1 79 VAL n 
1 80 GLY n 
1 81 ARG n 
1 82 VAL n 
1 83 ALA n 
1 84 ALA n 
# 
_entity_src_gen.entity_id                          1 
_entity_src_gen.pdbx_src_id                        1 
_entity_src_gen.pdbx_alt_source_flag               sample 
_entity_src_gen.pdbx_seq_type                      ? 
_entity_src_gen.pdbx_beg_seq_num                   ? 
_entity_src_gen.pdbx_end_seq_num                   ? 
_entity_src_gen.gene_src_common_name               ? 
_entity_src_gen.gene_src_genus                     Escherichia 
_entity_src_gen.pdbx_gene_src_gene                 ? 
_entity_src_gen.gene_src_species                   ? 
_entity_src_gen.gene_src_strain                    ? 
_entity_src_gen.gene_src_tissue                    ? 
_entity_src_gen.gene_src_tissue_fraction           ? 
_entity_src_gen.gene_src_details                   ? 
_entity_src_gen.pdbx_gene_src_fragment             ? 
_entity_src_gen.pdbx_gene_src_scientific_name      'Escherichia coli' 
_entity_src_gen.pdbx_gene_src_ncbi_taxonomy_id     562 
_entity_src_gen.pdbx_gene_src_variant              ? 
_entity_src_gen.pdbx_gene_src_cell_line            ? 
_entity_src_gen.pdbx_gene_src_atcc                 ? 
_entity_src_gen.pdbx_gene_src_organ                ? 
_entity_src_gen.pdbx_gene_src_organelle            ? 
_entity_src_gen.pdbx_gene_src_cell                 ? 
_entity_src_gen.pdbx_gene_src_cellular_location    ? 
_entity_src_gen.host_org_common_name               ? 
_entity_src_gen.pdbx_host_org_scientific_name      ? 
_entity_src_gen.pdbx_host_org_ncbi_taxonomy_id     ? 
_entity_src_gen.host_org_genus                     ? 
_entity_src_gen.pdbx_host_org_gene                 ? 
_entity_src_gen.pdbx_host_org_organ                ? 
_entity_src_gen.host_org_species                   ? 
_entity_src_gen.pdbx_host_org_tissue               ? 
_entity_src_gen.pdbx_host_org_tissue_fraction      ? 
_entity_src_gen.pdbx_host_org_strain               ? 
_entity_src_gen.pdbx_host_org_variant              ? 
_entity_src_gen.pdbx_host_org_cell_line            ? 
_entity_src_gen.pdbx_host_org_atcc                 ? 
_entity_src_gen.pdbx_host_org_culture_collection   ? 
_entity_src_gen.pdbx_host_org_cell                 ? 
_entity_src_gen.pdbx_host_org_organelle            ? 
_entity_src_gen.pdbx_host_org_cellular_location    ? 
_entity_src_gen.pdbx_host_org_vector_type          ? 
_entity_src_gen.pdbx_host_org_vector               ? 
_entity_src_gen.host_org_details                   ? 
_entity_src_gen.expression_system_id               ? 
_entity_src_gen.plasmid_name                       ? 
_entity_src_gen.plasmid_details                    ? 
_entity_src_gen.pdbx_description                   ? 
# 
loop_
_chem_comp.id 
_chem_comp.type 
_chem_comp.mon_nstd_flag 
_chem_comp.name 
_chem_comp.pdbx_synonyms 
_chem_comp.formula 
_chem_comp.formula_weight 
ALA 'L-peptide linking' y ALANINE         ? 'C3 H7 N O2'     89.093  
ARG 'L-peptide linking' y ARGININE        ? 'C6 H15 N4 O2 1' 175.209 
ASN 'L-peptide linking' y ASPARAGINE      ? 'C4 H8 N2 O3'    132.118 
ASP 'L-peptide linking' y 'ASPARTIC ACID' ? 'C4 H7 N O4'     133.103 
GLN 'L-peptide linking' y GLUTAMINE       ? 'C5 H10 N2 O3'   146.144 
GLU 'L-peptide linking' y 'GLUTAMIC ACID' ? 'C5 H9 N O4'     147.129 
GLY 'peptide linking'   y GLYCINE         ? 'C2 H5 N O2'     75.067  
HIS 'L-peptide linking' y HISTIDINE       ? 'C6 H10 N3 O2 1' 156.162 
ILE 'L-peptide linking' y ISOLEUCINE      ? 'C6 H13 N O2'    131.173 
LEU 'L-peptide linking' y LEUCINE         ? 'C6 H13 N O2'    131.173 
LYS 'L-peptide linking' y LYSINE          ? 'C6 H15 N2 O2 1' 147.195 
MET 'L-peptide linking' y METHIONINE      ? 'C5 H11 N O2 S'  149.211 
PHE 'L-peptide linking' y PHENYLALANINE   ? 'C9 H11 N O2'    165.189 
PRO 'L-peptide linking' y PROLINE         ? 'C5 H9 N O2'     115.130 
SER 'L-peptide linking' y SERINE          ? 'C3 H7 N O3'     105.093 
THR 'L-peptide linking' y THREONINE       ? 'C4 H9 N O3'     119.119 
VAL 'L-peptide linking' y VALINE          ? 'C5 H11 N O2'    117.146 
# 
loop_
_pdbx_poly_seq_scheme.asym_id 
_pdbx_poly_seq_scheme.entity_id 
_pdbx_poly_seq_scheme.seq_id 
_pdbx_poly_seq_scheme.mon_id 
_pdbx_poly_seq_scheme.ndb_seq_num 
_pdbx_poly_seq_scheme.pdb_seq_num 
_pdbx_poly_seq_scheme.auth_seq_num 
_pdbx_poly_seq_scheme.pdb_mon_id 
_pdbx_poly_seq_scheme.auth_mon_id 
_pdbx_poly_seq_scheme.pdb_strand_id 
_pdbx_poly_seq_scheme.pdb_ins_code 
_pdbx_poly_seq_scheme.hetero 
A 1 1  MET 1  1  1  MET MET A . n 
A 1 2  LYS 2  2  2  LYS LYS A . n 
A 1 3  ALA 3  3  3  ALA ALA A . n 
A 1 4  LEU 4  4  4  LEU LEU A . n 
A 1 5  THR 5  5  5  THR THR A . n 
A 1 6  ALA 6  6  6  ALA ALA A . n 
A 1 7  ARG 7  7  7  ARG ARG A . n 
A 1 8  GLN 8  8  8  GLN GLN A . n 
A 1 9  GLN 9  9  9  GLN GLN A . n 
A 1 10 GLU 10 10 10 GLU GLU A . n 
A 1 11 VAL 11 11 11 VAL VAL A . n 
A 1 12 PHE 12 12 12 PHE PHE A . n 
A 1 13 ASP 13 13 13 ASP ASP A . n 
A 1 14 LEU 14 14 14 LEU LEU A . n 
A 1 15 ILE 15 15 15 ILE ILE A . n 
A 1 16 ARG 16 16 16 ARG ARG A . n 
A 1 17 ASP 17 17 17 ASP ASP A . n 
A 1 18 HIS 18 18 18 HIS HIS A . n 
A 1 19 ILE 19 19 19 ILE ILE A . n 
A 1 20 SER 20 20 20 SER SER A . n 
A 1 21 GLN 21 21 21 GLN GLN A . n 
A 1 22 THR 22 22 22 THR THR A . n 
A 1 23 GLY 23 23 23 GLY GLY A . n 
A 1 24 MET 24 24 24 MET MET A . n 
A 1 25 PRO 25 25 25 PRO PRO A . n 
A 1 26 PRO 26 26 26 PRO PRO A . n 
A 1 27 THR 27 27 27 THR THR A . n 
A 1 28 ARG 28 28 28 ARG ARG A . n 
A 1 29 ALA 29 29 29 ALA ALA A . n 
A 1 30 GLU 30 30 30 GLU GLU A . n 
A 1 31 ILE 31 31 31 ILE ILE A . n 
A 1 32 ALA 32 32 32 ALA ALA A . n 
A 1 33 GLN 33 33 33 GLN GLN A . n 
A 1 34 ARG 34 34 34 ARG ARG A . n 
A 1 35 LEU 35 35 35 LEU LEU A . n 
A 1 36 GLY 36 36 36 GLY GLY A . n 
A 1 37 PHE 37 37 37 PHE PHE A . n 
A 1 38 ARG 38 38 38 ARG ARG A . n 
A 1 39 SER 39 39 39 SER SER A . n 
A 1 40 PRO 40 40 40 PRO PRO A . n 
A 1 41 ASN 41 41 41 ASN ASN A . n 
A 1 42 ALA 42 42 42 ALA ALA A . n 
A 1 43 ALA 43 43 43 ALA ALA A . n 
A 1 44 GLU 44 44 44 GLU GLU A . n 
A 1 45 GLU 45 45 45 GLU GLU A . n 
A 1 46 HIS 46 46 46 HIS HIS A . n 
A 1 47 LEU 47 47 47 LEU LEU A . n 
A 1 48 LYS 48 48 48 LYS LYS A . n 
A 1 49 ALA 49 49 49 ALA ALA A . n 
A 1 50 LEU 50 50 50 LEU LEU A . n 
A 1 51 ALA 51 51 51 ALA ALA A . n 
A 1 52 ARG 52 52 52 ARG ARG A . n 
A 1 53 LYS 53 53 53 LYS LYS A . n 
A 1 54 GLY 54 54 54 GLY GLY A . n 
A 1 55 VAL 55 55 55 VAL VAL A . n 
A 1 56 ILE 56 56 56 ILE ILE A . n 
A 1 57 GLU 57 57 57 GLU GLU A . n 
A 1 58 ILE 58 58 58 ILE ILE A . n 
A 1 59 VAL 59 59 59 VAL VAL A . n 
A 1 60 SER 60 60 60 SER SER A . n 
A 1 61 GLY 61 61 61 GLY GLY A . n 
A 1 62 ALA 62 62 62 ALA ALA A . n 
A 1 63 SER 63 63 63 SER SER A . n 
A 1 64 ARG 64 64 64 ARG ARG A . n 
A 1 65 GLY 65 65 65 GLY GLY A . n 
A 1 66 ILE 66 66 66 ILE ILE A . n 
A 1 67 ARG 67 67 67 ARG ARG A . n 
A 1 68 LEU 68 68 68 LEU LEU A . n 
A 1 69 LEU 69 69 69 LEU LEU A . n 
A 1 70 GLN 70 70 70 GLN GLN A . n 
A 1 71 GLU 71 71 71 GLU GLU A . n 
A 1 72 GLU 72 72 72 GLU GLU A . n 
A 1 73 GLU 73 73 ?  ?   ?   A . n 
A 1 74 GLU 74 74 ?  ?   ?   A . n 
A 1 75 GLY 75 75 ?  ?   ?   A . n 
A 1 76 LEU 76 76 ?  ?   ?   A . n 
A 1 77 PRO 77 77 ?  ?   ?   A . n 
A 1 78 LEU 78 78 ?  ?   ?   A . n 
A 1 79 VAL 79 79 ?  ?   ?   A . n 
A 1 80 GLY 80 80 ?  ?   ?   A . n 
A 1 81 ARG 81 81 ?  ?   ?   A . n 
A 1 82 VAL 82 82 ?  ?   ?   A . n 
A 1 83 ALA 83 83 ?  ?   ?   A . n 
A 1 84 ALA 84 84 ?  ?   ?   A . n 
# 
_cell.entry_id           1LEA 
_cell.length_a           1.000 
_cell.length_b           1.000 
_cell.length_c           1.000 
_cell.angle_alpha        90.00 
_cell.angle_beta         90.00 
_cell.angle_gamma        90.00 
_cell.Z_PDB              1 
_cell.pdbx_unique_axis   ? 
# 
_symmetry.entry_id                         1LEA 
_symmetry.space_group_name_H-M             'P 1' 
_symmetry.pdbx_full_space_group_name_H-M   ? 
_symmetry.cell_setting                     ? 
_symmetry.Int_Tables_number                1 
# 
_exptl.entry_id          1LEA 
_exptl.method            'SOLUTION NMR' 
_exptl.crystals_number   ? 
# 
_struct.entry_id                  1LEA 
_struct.title                     'SOLUTION STRUCTURE OF THE LEXA REPRESSOR DNA BINDING DETERMINED BY 1H NMR SPECTROSCOPY' 
_struct.pdbx_model_details        ? 
_struct.pdbx_CASP_flag            ? 
_struct.pdbx_model_type_details   ? 
# 
_struct_keywords.entry_id        1LEA 
_struct_keywords.pdbx_keywords   'TRANSCRIPTION REGULATION' 
_struct_keywords.text            'TRANSCRIPTION REGULATION' 
# 
_struct_asym.id                            A 
_struct_asym.pdbx_blank_PDB_chainid_flag   Y 
_struct_asym.pdbx_modified                 N 
_struct_asym.entity_id                     1 
_struct_asym.details                       ? 
# 
_struct_ref.id                         1 
_struct_ref.db_name                    UNP 
_struct_ref.db_code                    LEXA_ECOLI 
_struct_ref.entity_id                  1 
_struct_ref.pdbx_db_accession          P0A7C2 
_struct_ref.pdbx_align_begin           1 
_struct_ref.pdbx_seq_one_letter_code   
;MKALTARQQEVFDLIRDHISQTGMPPTRAEIAQRLGFRSPNAAEEHLKALARKGVIEIVSGASRGIRLLQEEEEGLPLVG
RVAAGEPLLAQQHIEGHYQVDPSLFKPNADFLLRVSGMSMKDIGIMDGDLLAVHKTQDVRNGQVVVARIDDEVTVKRLKK
QGNKVELLPENSEFKPIVVDLRQQSFTIEGLAVGVIRNGDWL
;
_struct_ref.pdbx_db_isoform            ? 
# 
_struct_ref_seq.align_id                      1 
_struct_ref_seq.ref_id                        1 
_struct_ref_seq.pdbx_PDB_id_code              1LEA 
_struct_ref_seq.pdbx_strand_id                A 
_struct_ref_seq.seq_align_beg                 1 
_struct_ref_seq.pdbx_seq_align_beg_ins_code   ? 
_struct_ref_seq.seq_align_end                 84 
_struct_ref_seq.pdbx_seq_align_end_ins_code   ? 
_struct_ref_seq.pdbx_db_accession             P0A7C2 
_struct_ref_seq.db_align_beg                  1 
_struct_ref_seq.pdbx_db_align_beg_ins_code    ? 
_struct_ref_seq.db_align_end                  84 
_struct_ref_seq.pdbx_db_align_end_ins_code    ? 
_struct_ref_seq.pdbx_auth_seq_align_beg       1 
_struct_ref_seq.pdbx_auth_seq_align_end       84 
# 
_pdbx_struct_assembly.id                   1 
_pdbx_struct_assembly.details              author_defined_assembly 
_pdbx_struct_assembly.method_details       ? 
_pdbx_struct_assembly.oligomeric_details   monomeric 
_pdbx_struct_assembly.oligomeric_count     1 
# 
_pdbx_struct_assembly_gen.assembly_id       1 
_pdbx_struct_assembly_gen.oper_expression   1 
_pdbx_struct_assembly_gen.asym_id_list      A 
# 
_pdbx_struct_oper_list.id                   1 
_pdbx_struct_oper_list.type                 'identity operation' 
_pdbx_struct_oper_list.name                 1_555 
_pdbx_struct_oper_list.symmetry_operation   x,y,z 
_pdbx_struct_oper_list.matrix[1][1]         1.0000000000 
_pdbx_struct_oper_list.matrix[1][2]         0.0000000000 
_pdbx_struct_oper_list.matrix[1][3]         0.0000000000 
_pdbx_struct_oper_list.vector[1]            0.0000000000 
_pdbx_struct_oper_list.matrix[2][1]         0.0000000000 
_pdbx_struct_oper_list.matrix[2][2]         1.0000000000 
_pdbx_struct_oper_list.matrix[2][3]         0.0000000000 
_pdbx_struct_oper_list.vector[2]            0.0000000000 
_pdbx_struct_oper_list.matrix[3][1]         0.0000000000 
_pdbx_struct_oper_list.matrix[3][2]         0.0000000000 
_pdbx_struct_oper_list.matrix[3][3]         1.0000000000 
_pdbx_struct_oper_list.vector[3]            0.0000000000 
# 
_struct_biol.id   1 
# 
loop_
_struct_conf.conf_type_id 
_struct_conf.id 
_struct_conf.pdbx_PDB_helix_id 
_struct_conf.beg_label_comp_id 
_struct_conf.beg_label_asym_id 
_struct_conf.beg_label_seq_id 
_struct_conf.pdbx_beg_PDB_ins_code 
_struct_conf.end_label_comp_id 
_struct_conf.end_label_asym_id 
_struct_conf.end_label_seq_id 
_struct_conf.pdbx_end_PDB_ins_code 
_struct_conf.beg_auth_comp_id 
_struct_conf.beg_auth_asym_id 
_struct_conf.beg_auth_seq_id 
_struct_conf.end_auth_comp_id 
_struct_conf.end_auth_asym_id 
_struct_conf.end_auth_seq_id 
_struct_conf.pdbx_PDB_helix_class 
_struct_conf.details 
_struct_conf.pdbx_PDB_helix_length 
HELX_P HELX_P1 H1 ALA A 6  ? GLN A 21 ? ALA A 6  GLN A 21 1 ? 16 
HELX_P HELX_P2 H2 ARG A 28 ? LEU A 35 ? ARG A 28 LEU A 35 1 ? 8  
HELX_P HELX_P3 H3 ASN A 41 ? ARG A 52 ? ASN A 41 ARG A 52 1 ? 12 
# 
_struct_conf_type.id          HELX_P 
_struct_conf_type.criteria    ? 
_struct_conf_type.reference   ? 
# 
_struct_sheet.id               S1 
_struct_sheet.type             ? 
_struct_sheet.number_strands   2 
_struct_sheet.details          ? 
# 
_struct_sheet_order.sheet_id     S1 
_struct_sheet_order.range_id_1   1 
_struct_sheet_order.range_id_2   2 
_struct_sheet_order.offset       ? 
_struct_sheet_order.sense        anti-parallel 
# 
loop_
_struct_sheet_range.sheet_id 
_struct_sheet_range.id 
_struct_sheet_range.beg_label_comp_id 
_struct_sheet_range.beg_label_asym_id 
_struct_sheet_range.beg_label_seq_id 
_struct_sheet_range.pdbx_beg_PDB_ins_code 
_struct_sheet_range.end_label_comp_id 
_struct_sheet_range.end_label_asym_id 
_struct_sheet_range.end_label_seq_id 
_struct_sheet_range.pdbx_end_PDB_ins_code 
_struct_sheet_range.beg_auth_comp_id 
_struct_sheet_range.beg_auth_asym_id 
_struct_sheet_range.beg_auth_seq_id 
_struct_sheet_range.end_auth_comp_id 
_struct_sheet_range.end_auth_asym_id 
_struct_sheet_range.end_auth_seq_id 
S1 1 ILE A 56 ? ILE A 58 ? ILE A 56 ILE A 58 
S1 2 ILE A 66 ? LEU A 68 ? ILE A 66 LEU A 68 
# 
_pdbx_struct_sheet_hbond.sheet_id                S1 
_pdbx_struct_sheet_hbond.range_id_1              1 
_pdbx_struct_sheet_hbond.range_id_2              2 
_pdbx_struct_sheet_hbond.range_1_label_atom_id   N 
_pdbx_struct_sheet_hbond.range_1_label_comp_id   GLU 
_pdbx_struct_sheet_hbond.range_1_label_asym_id   A 
_pdbx_struct_sheet_hbond.range_1_label_seq_id    57 
_pdbx_struct_sheet_hbond.range_1_PDB_ins_code    ? 
_pdbx_struct_sheet_hbond.range_1_auth_atom_id    N 
_pdbx_struct_sheet_hbond.range_1_auth_comp_id    GLU 
_pdbx_struct_sheet_hbond.range_1_auth_asym_id    A 
_pdbx_struct_sheet_hbond.range_1_auth_seq_id     57 
_pdbx_struct_sheet_hbond.range_2_label_atom_id   O 
_pdbx_struct_sheet_hbond.range_2_label_comp_id   ARG 
_pdbx_struct_sheet_hbond.range_2_label_asym_id   A 
_pdbx_struct_sheet_hbond.range_2_label_seq_id    67 
_pdbx_struct_sheet_hbond.range_2_PDB_ins_code    ? 
_pdbx_struct_sheet_hbond.range_2_auth_atom_id    O 
_pdbx_struct_sheet_hbond.range_2_auth_comp_id    ARG 
_pdbx_struct_sheet_hbond.range_2_auth_asym_id    A 
_pdbx_struct_sheet_hbond.range_2_auth_seq_id     67 
# 
loop_
_pdbx_validate_rmsd_bond.id 
_pdbx_validate_rmsd_bond.PDB_model_num 
_pdbx_validate_rmsd_bond.auth_atom_id_1 
_pdbx_validate_rmsd_bond.auth_asym_id_1 
_pdbx_validate_rmsd_bond.auth_comp_id_1 
_pdbx_validate_rmsd_bond.auth_seq_id_1 
_pdbx_validate_rmsd_bond.PDB_ins_code_1 
_pdbx_validate_rmsd_bond.label_alt_id_1 
_pdbx_validate_rmsd_bond.auth_atom_id_2 
_pdbx_validate_rmsd_bond.auth_asym_id_2 
_pdbx_validate_rmsd_bond.auth_comp_id_2 
_pdbx_validate_rmsd_bond.auth_seq_id_2 
_pdbx_validate_rmsd_bond.PDB_ins_code_2 
_pdbx_validate_rmsd_bond.label_alt_id_2 
_pdbx_validate_rmsd_bond.bond_value 
_pdbx_validate_rmsd_bond.bond_target_value 
_pdbx_validate_rmsd_bond.bond_deviation 
_pdbx_validate_rmsd_bond.bond_standard_deviation 
_pdbx_validate_rmsd_bond.linker_flag 
1 1 CD A GLU 10 ? ? OE2 A GLU 10 ? ? 1.360 1.252 0.108 0.011 N 
2 1 CG A HIS 18 ? ? CD2 A HIS 18 ? ? 1.410 1.354 0.056 0.009 N 
3 1 CD A GLU 30 ? ? OE2 A GLU 30 ? ? 1.358 1.252 0.106 0.011 N 
4 1 CD A GLU 44 ? ? OE2 A GLU 44 ? ? 1.360 1.252 0.108 0.011 N 
5 1 CD A GLU 45 ? ? OE2 A GLU 45 ? ? 1.360 1.252 0.108 0.011 N 
6 1 CD A GLU 57 ? ? OE2 A GLU 57 ? ? 1.363 1.252 0.111 0.011 N 
7 1 CD A GLU 71 ? ? OE2 A GLU 71 ? ? 1.362 1.252 0.110 0.011 N 
8 1 CD A GLU 72 ? ? OE2 A GLU 72 ? ? 1.363 1.252 0.111 0.011 N 
# 
loop_
_pdbx_validate_rmsd_angle.id 
_pdbx_validate_rmsd_angle.PDB_model_num 
_pdbx_validate_rmsd_angle.auth_atom_id_1 
_pdbx_validate_rmsd_angle.auth_asym_id_1 
_pdbx_validate_rmsd_angle.auth_comp_id_1 
_pdbx_validate_rmsd_angle.auth_seq_id_1 
_pdbx_validate_rmsd_angle.PDB_ins_code_1 
_pdbx_validate_rmsd_angle.label_alt_id_1 
_pdbx_validate_rmsd_angle.auth_atom_id_2 
_pdbx_validate_rmsd_angle.auth_asym_id_2 
_pdbx_validate_rmsd_angle.auth_comp_id_2 
_pdbx_validate_rmsd_angle.auth_seq_id_2 
_pdbx_validate_rmsd_angle.PDB_ins_code_2 
_pdbx_validate_rmsd_angle.label_alt_id_2 
_pdbx_validate_rmsd_angle.auth_atom_id_3 
_pdbx_validate_rmsd_angle.auth_asym_id_3 
_pdbx_validate_rmsd_angle.auth_comp_id_3 
_pdbx_validate_rmsd_angle.auth_seq_id_3 
_pdbx_validate_rmsd_angle.PDB_ins_code_3 
_pdbx_validate_rmsd_angle.label_alt_id_3 
_pdbx_validate_rmsd_angle.angle_value 
_pdbx_validate_rmsd_angle.angle_target_value 
_pdbx_validate_rmsd_angle.angle_deviation 
_pdbx_validate_rmsd_angle.angle_standard_deviation 
_pdbx_validate_rmsd_angle.linker_flag 
1  1 NE  A ARG 7  ? ? CZ  A ARG 7  ? ? NH1 A ARG 7  ? ? 124.63 120.30 4.33  0.50 N 
2  1 CB  A ASP 13 ? ? CG  A ASP 13 ? ? OD2 A ASP 13 ? ? 112.61 118.30 -5.69 0.90 N 
3  1 NE  A ARG 16 ? ? CZ  A ARG 16 ? ? NH1 A ARG 16 ? ? 124.32 120.30 4.02  0.50 N 
4  1 CB  A ASP 17 ? ? CG  A ASP 17 ? ? OD2 A ASP 17 ? ? 112.75 118.30 -5.55 0.90 N 
5  1 ND1 A HIS 18 ? ? CE1 A HIS 18 ? ? NE2 A HIS 18 ? ? 119.66 111.50 8.16  1.30 N 
6  1 NE  A ARG 28 ? ? CZ  A ARG 28 ? ? NH1 A ARG 28 ? ? 124.89 120.30 4.59  0.50 N 
7  1 NE  A ARG 34 ? ? CZ  A ARG 34 ? ? NH1 A ARG 34 ? ? 124.67 120.30 4.37  0.50 N 
8  1 NE  A ARG 38 ? ? CZ  A ARG 38 ? ? NH1 A ARG 38 ? ? 124.51 120.30 4.21  0.50 N 
9  1 ND1 A HIS 46 ? ? CE1 A HIS 46 ? ? NE2 A HIS 46 ? ? 119.73 111.50 8.23  1.30 N 
10 1 NE  A ARG 52 ? ? CZ  A ARG 52 ? ? NH1 A ARG 52 ? ? 124.49 120.30 4.19  0.50 N 
11 1 NE  A ARG 52 ? ? CZ  A ARG 52 ? ? NH2 A ARG 52 ? ? 117.23 120.30 -3.07 0.50 N 
12 1 NE  A ARG 64 ? ? CZ  A ARG 64 ? ? NH1 A ARG 64 ? ? 124.49 120.30 4.19  0.50 N 
13 1 NE  A ARG 64 ? ? CZ  A ARG 64 ? ? NH2 A ARG 64 ? ? 117.16 120.30 -3.14 0.50 N 
14 1 NE  A ARG 67 ? ? CZ  A ARG 67 ? ? NH1 A ARG 67 ? ? 124.37 120.30 4.07  0.50 N 
# 
_pdbx_validate_torsion.id              1 
_pdbx_validate_torsion.PDB_model_num   1 
_pdbx_validate_torsion.auth_comp_id    GLU 
_pdbx_validate_torsion.auth_asym_id    A 
_pdbx_validate_torsion.auth_seq_id     71 
_pdbx_validate_torsion.PDB_ins_code    ? 
_pdbx_validate_torsion.label_alt_id    ? 
_pdbx_validate_torsion.phi             -145.24 
_pdbx_validate_torsion.psi             -97.29 
# 
_pdbx_nmr_ensemble.entry_id                             1LEA 
_pdbx_nmr_ensemble.conformers_calculated_total_number   ? 
_pdbx_nmr_ensemble.conformers_submitted_total_number    1 
_pdbx_nmr_ensemble.conformer_selection_criteria         ? 
# 
_pdbx_nmr_software.classification   refinement 
_pdbx_nmr_software.name             DGII 
_pdbx_nmr_software.version          ? 
_pdbx_nmr_software.authors          'BIOSYM, INC.' 
_pdbx_nmr_software.ordinal          1 
# 
loop_
_pdbx_unobs_or_zero_occ_residues.id 
_pdbx_unobs_or_zero_occ_residues.PDB_model_num 
_pdbx_unobs_or_zero_occ_residues.polymer_flag 
_pdbx_unobs_or_zero_occ_residues.occupancy_flag 
_pdbx_unobs_or_zero_occ_residues.auth_asym_id 
_pdbx_unobs_or_zero_occ_residues.auth_comp_id 
_pdbx_unobs_or_zero_occ_residues.auth_seq_id 
_pdbx_unobs_or_zero_occ_residues.PDB_ins_code 
_pdbx_unobs_or_zero_occ_residues.label_asym_id 
_pdbx_unobs_or_zero_occ_residues.label_comp_id 
_pdbx_unobs_or_zero_occ_residues.label_seq_id 
1  1 Y 1 A GLU 73 ? A GLU 73 
2  1 Y 1 A GLU 74 ? A GLU 74 
3  1 Y 1 A GLY 75 ? A GLY 75 
4  1 Y 1 A LEU 76 ? A LEU 76 
5  1 Y 1 A PRO 77 ? A PRO 77 
6  1 Y 1 A LEU 78 ? A LEU 78 
7  1 Y 1 A VAL 79 ? A VAL 79 
8  1 Y 1 A GLY 80 ? A GLY 80 
9  1 Y 1 A ARG 81 ? A ARG 81 
10 1 Y 1 A VAL 82 ? A VAL 82 
11 1 Y 1 A ALA 83 ? A ALA 83 
12 1 Y 1 A ALA 84 ? A ALA 84 
# 
loop_
_chem_comp_atom.comp_id 
_chem_comp_atom.atom_id 
_chem_comp_atom.type_symbol 
_chem_comp_atom.pdbx_aromatic_flag 
_chem_comp_atom.pdbx_stereo_config 
_chem_comp_atom.pdbx_ordinal 
ALA N    N N N 1   
ALA CA   C N S 2   
ALA C    C N N 3   
ALA O    O N N 4   
ALA CB   C N N 5   
ALA OXT  O N N 6   
ALA H    H N N 7   
ALA H2   H N N 8   
ALA HA   H N N 9   
ALA HB1  H N N 10  
ALA HB2  H N N 11  
ALA HB3  H N N 12  
ALA HXT  H N N 13  
ARG N    N N N 14  
ARG CA   C N S 15  
ARG C    C N N 16  
ARG O    O N N 17  
ARG CB   C N N 18  
ARG CG   C N N 19  
ARG CD   C N N 20  
ARG NE   N N N 21  
ARG CZ   C N N 22  
ARG NH1  N N N 23  
ARG NH2  N N N 24  
ARG OXT  O N N 25  
ARG H    H N N 26  
ARG H2   H N N 27  
ARG HA   H N N 28  
ARG HB2  H N N 29  
ARG HB3  H N N 30  
ARG HG2  H N N 31  
ARG HG3  H N N 32  
ARG HD2  H N N 33  
ARG HD3  H N N 34  
ARG HE   H N N 35  
ARG HH11 H N N 36  
ARG HH12 H N N 37  
ARG HH21 H N N 38  
ARG HH22 H N N 39  
ARG HXT  H N N 40  
ASN N    N N N 41  
ASN CA   C N S 42  
ASN C    C N N 43  
ASN O    O N N 44  
ASN CB   C N N 45  
ASN CG   C N N 46  
ASN OD1  O N N 47  
ASN ND2  N N N 48  
ASN OXT  O N N 49  
ASN H    H N N 50  
ASN H2   H N N 51  
ASN HA   H N N 52  
ASN HB2  H N N 53  
ASN HB3  H N N 54  
ASN HD21 H N N 55  
ASN HD22 H N N 56  
ASN HXT  H N N 57  
ASP N    N N N 58  
ASP CA   C N S 59  
ASP C    C N N 60  
ASP O    O N N 61  
ASP CB   C N N 62  
ASP CG   C N N 63  
ASP OD1  O N N 64  
ASP OD2  O N N 65  
ASP OXT  O N N 66  
ASP H    H N N 67  
ASP H2   H N N 68  
ASP HA   H N N 69  
ASP HB2  H N N 70  
ASP HB3  H N N 71  
ASP HD2  H N N 72  
ASP HXT  H N N 73  
GLN N    N N N 74  
GLN CA   C N S 75  
GLN C    C N N 76  
GLN O    O N N 77  
GLN CB   C N N 78  
GLN CG   C N N 79  
GLN CD   C N N 80  
GLN OE1  O N N 81  
GLN NE2  N N N 82  
GLN OXT  O N N 83  
GLN H    H N N 84  
GLN H2   H N N 85  
GLN HA   H N N 86  
GLN HB2  H N N 87  
GLN HB3  H N N 88  
GLN HG2  H N N 89  
GLN HG3  H N N 90  
GLN HE21 H N N 91  
GLN HE22 H N N 92  
GLN HXT  H N N 93  
GLU N    N N N 94  
GLU CA   C N S 95  
GLU C    C N N 96  
GLU O    O N N 97  
GLU CB   C N N 98  
GLU CG   C N N 99  
GLU CD   C N N 100 
GLU OE1  O N N 101 
GLU OE2  O N N 102 
GLU OXT  O N N 103 
GLU H    H N N 104 
GLU H2   H N N 105 
GLU HA   H N N 106 
GLU HB2  H N N 107 
GLU HB3  H N N 108 
GLU HG2  H N N 109 
GLU HG3  H N N 110 
GLU HE2  H N N 111 
GLU HXT  H N N 112 
GLY N    N N N 113 
GLY CA   C N N 114 
GLY C    C N N 115 
GLY O    O N N 116 
GLY OXT  O N N 117 
GLY H    H N N 118 
GLY H2   H N N 119 
GLY HA2  H N N 120 
GLY HA3  H N N 121 
GLY HXT  H N N 122 
HIS N    N N N 123 
HIS CA   C N S 124 
HIS C    C N N 125 
HIS O    O N N 126 
HIS CB   C N N 127 
HIS CG   C Y N 128 
HIS ND1  N Y N 129 
HIS CD2  C Y N 130 
HIS CE1  C Y N 131 
HIS NE2  N Y N 132 
HIS OXT  O N N 133 
HIS H    H N N 134 
HIS H2   H N N 135 
HIS HA   H N N 136 
HIS HB2  H N N 137 
HIS HB3  H N N 138 
HIS HD1  H N N 139 
HIS HD2  H N N 140 
HIS HE1  H N N 141 
HIS HE2  H N N 142 
HIS HXT  H N N 143 
ILE N    N N N 144 
ILE CA   C N S 145 
ILE C    C N N 146 
ILE O    O N N 147 
ILE CB   C N S 148 
ILE CG1  C N N 149 
ILE CG2  C N N 150 
ILE CD1  C N N 151 
ILE OXT  O N N 152 
ILE H    H N N 153 
ILE H2   H N N 154 
ILE HA   H N N 155 
ILE HB   H N N 156 
ILE HG12 H N N 157 
ILE HG13 H N N 158 
ILE HG21 H N N 159 
ILE HG22 H N N 160 
ILE HG23 H N N 161 
ILE HD11 H N N 162 
ILE HD12 H N N 163 
ILE HD13 H N N 164 
ILE HXT  H N N 165 
LEU N    N N N 166 
LEU CA   C N S 167 
LEU C    C N N 168 
LEU O    O N N 169 
LEU CB   C N N 170 
LEU CG   C N N 171 
LEU CD1  C N N 172 
LEU CD2  C N N 173 
LEU OXT  O N N 174 
LEU H    H N N 175 
LEU H2   H N N 176 
LEU HA   H N N 177 
LEU HB2  H N N 178 
LEU HB3  H N N 179 
LEU HG   H N N 180 
LEU HD11 H N N 181 
LEU HD12 H N N 182 
LEU HD13 H N N 183 
LEU HD21 H N N 184 
LEU HD22 H N N 185 
LEU HD23 H N N 186 
LEU HXT  H N N 187 
LYS N    N N N 188 
LYS CA   C N S 189 
LYS C    C N N 190 
LYS O    O N N 191 
LYS CB   C N N 192 
LYS CG   C N N 193 
LYS CD   C N N 194 
LYS CE   C N N 195 
LYS NZ   N N N 196 
LYS OXT  O N N 197 
LYS H    H N N 198 
LYS H2   H N N 199 
LYS HA   H N N 200 
LYS HB2  H N N 201 
LYS HB3  H N N 202 
LYS HG2  H N N 203 
LYS HG3  H N N 204 
LYS HD2  H N N 205 
LYS HD3  H N N 206 
LYS HE2  H N N 207 
LYS HE3  H N N 208 
LYS HZ1  H N N 209 
LYS HZ2  H N N 210 
LYS HZ3  H N N 211 
LYS HXT  H N N 212 
MET N    N N N 213 
MET CA   C N S 214 
MET C    C N N 215 
MET O    O N N 216 
MET CB   C N N 217 
MET CG   C N N 218 
MET SD   S N N 219 
MET CE   C N N 220 
MET OXT  O N N 221 
MET H    H N N 222 
MET H2   H N N 223 
MET HA   H N N 224 
MET HB2  H N N 225 
MET HB3  H N N 226 
MET HG2  H N N 227 
MET HG3  H N N 228 
MET HE1  H N N 229 
MET HE2  H N N 230 
MET HE3  H N N 231 
MET HXT  H N N 232 
PHE N    N N N 233 
PHE CA   C N S 234 
PHE C    C N N 235 
PHE O    O N N 236 
PHE CB   C N N 237 
PHE CG   C Y N 238 
PHE CD1  C Y N 239 
PHE CD2  C Y N 240 
PHE CE1  C Y N 241 
PHE CE2  C Y N 242 
PHE CZ   C Y N 243 
PHE OXT  O N N 244 
PHE H    H N N 245 
PHE H2   H N N 246 
PHE HA   H N N 247 
PHE HB2  H N N 248 
PHE HB3  H N N 249 
PHE HD1  H N N 250 
PHE HD2  H N N 251 
PHE HE1  H N N 252 
PHE HE2  H N N 253 
PHE HZ   H N N 254 
PHE HXT  H N N 255 
PRO N    N N N 256 
PRO CA   C N S 257 
PRO C    C N N 258 
PRO O    O N N 259 
PRO CB   C N N 260 
PRO CG   C N N 261 
PRO CD   C N N 262 
PRO OXT  O N N 263 
PRO H    H N N 264 
PRO HA   H N N 265 
PRO HB2  H N N 266 
PRO HB3  H N N 267 
PRO HG2  H N N 268 
PRO HG3  H N N 269 
PRO HD2  H N N 270 
PRO HD3  H N N 271 
PRO HXT  H N N 272 
SER N    N N N 273 
SER CA   C N S 274 
SER C    C N N 275 
SER O    O N N 276 
SER CB   C N N 277 
SER OG   O N N 278 
SER OXT  O N N 279 
SER H    H N N 280 
SER H2   H N N 281 
SER HA   H N N 282 
SER HB2  H N N 283 
SER HB3  H N N 284 
SER HG   H N N 285 
SER HXT  H N N 286 
THR N    N N N 287 
THR CA   C N S 288 
THR C    C N N 289 
THR O    O N N 290 
THR CB   C N R 291 
THR OG1  O N N 292 
THR CG2  C N N 293 
THR OXT  O N N 294 
THR H    H N N 295 
THR H2   H N N 296 
THR HA   H N N 297 
THR HB   H N N 298 
THR HG1  H N N 299 
THR HG21 H N N 300 
THR HG22 H N N 301 
THR HG23 H N N 302 
THR HXT  H N N 303 
VAL N    N N N 304 
VAL CA   C N S 305 
VAL C    C N N 306 
VAL O    O N N 307 
VAL CB   C N N 308 
VAL CG1  C N N 309 
VAL CG2  C N N 310 
VAL OXT  O N N 311 
VAL H    H N N 312 
VAL H2   H N N 313 
VAL HA   H N N 314 
VAL HB   H N N 315 
VAL HG11 H N N 316 
VAL HG12 H N N 317 
VAL HG13 H N N 318 
VAL HG21 H N N 319 
VAL HG22 H N N 320 
VAL HG23 H N N 321 
VAL HXT  H N N 322 
# 
loop_
_chem_comp_bond.comp_id 
_chem_comp_bond.atom_id_1 
_chem_comp_bond.atom_id_2 
_chem_comp_bond.value_order 
_chem_comp_bond.pdbx_aromatic_flag 
_chem_comp_bond.pdbx_stereo_config 
_chem_comp_bond.pdbx_ordinal 
ALA N   CA   sing N N 1   
ALA N   H    sing N N 2   
ALA N   H2   sing N N 3   
ALA CA  C    sing N N 4   
ALA CA  CB   sing N N 5   
ALA CA  HA   sing N N 6   
ALA C   O    doub N N 7   
ALA C   OXT  sing N N 8   
ALA CB  HB1  sing N N 9   
ALA CB  HB2  sing N N 10  
ALA CB  HB3  sing N N 11  
ALA OXT HXT  sing N N 12  
ARG N   CA   sing N N 13  
ARG N   H    sing N N 14  
ARG N   H2   sing N N 15  
ARG CA  C    sing N N 16  
ARG CA  CB   sing N N 17  
ARG CA  HA   sing N N 18  
ARG C   O    doub N N 19  
ARG C   OXT  sing N N 20  
ARG CB  CG   sing N N 21  
ARG CB  HB2  sing N N 22  
ARG CB  HB3  sing N N 23  
ARG CG  CD   sing N N 24  
ARG CG  HG2  sing N N 25  
ARG CG  HG3  sing N N 26  
ARG CD  NE   sing N N 27  
ARG CD  HD2  sing N N 28  
ARG CD  HD3  sing N N 29  
ARG NE  CZ   sing N N 30  
ARG NE  HE   sing N N 31  
ARG CZ  NH1  sing N N 32  
ARG CZ  NH2  doub N N 33  
ARG NH1 HH11 sing N N 34  
ARG NH1 HH12 sing N N 35  
ARG NH2 HH21 sing N N 36  
ARG NH2 HH22 sing N N 37  
ARG OXT HXT  sing N N 38  
ASN N   CA   sing N N 39  
ASN N   H    sing N N 40  
ASN N   H2   sing N N 41  
ASN CA  C    sing N N 42  
ASN CA  CB   sing N N 43  
ASN CA  HA   sing N N 44  
ASN C   O    doub N N 45  
ASN C   OXT  sing N N 46  
ASN CB  CG   sing N N 47  
ASN CB  HB2  sing N N 48  
ASN CB  HB3  sing N N 49  
ASN CG  OD1  doub N N 50  
ASN CG  ND2  sing N N 51  
ASN ND2 HD21 sing N N 52  
ASN ND2 HD22 sing N N 53  
ASN OXT HXT  sing N N 54  
ASP N   CA   sing N N 55  
ASP N   H    sing N N 56  
ASP N   H2   sing N N 57  
ASP CA  C    sing N N 58  
ASP CA  CB   sing N N 59  
ASP CA  HA   sing N N 60  
ASP C   O    doub N N 61  
ASP C   OXT  sing N N 62  
ASP CB  CG   sing N N 63  
ASP CB  HB2  sing N N 64  
ASP CB  HB3  sing N N 65  
ASP CG  OD1  doub N N 66  
ASP CG  OD2  sing N N 67  
ASP OD2 HD2  sing N N 68  
ASP OXT HXT  sing N N 69  
GLN N   CA   sing N N 70  
GLN N   H    sing N N 71  
GLN N   H2   sing N N 72  
GLN CA  C    sing N N 73  
GLN CA  CB   sing N N 74  
GLN CA  HA   sing N N 75  
GLN C   O    doub N N 76  
GLN C   OXT  sing N N 77  
GLN CB  CG   sing N N 78  
GLN CB  HB2  sing N N 79  
GLN CB  HB3  sing N N 80  
GLN CG  CD   sing N N 81  
GLN CG  HG2  sing N N 82  
GLN CG  HG3  sing N N 83  
GLN CD  OE1  doub N N 84  
GLN CD  NE2  sing N N 85  
GLN NE2 HE21 sing N N 86  
GLN NE2 HE22 sing N N 87  
GLN OXT HXT  sing N N 88  
GLU N   CA   sing N N 89  
GLU N   H    sing N N 90  
GLU N   H2   sing N N 91  
GLU CA  C    sing N N 92  
GLU CA  CB   sing N N 93  
GLU CA  HA   sing N N 94  
GLU C   O    doub N N 95  
GLU C   OXT  sing N N 96  
GLU CB  CG   sing N N 97  
GLU CB  HB2  sing N N 98  
GLU CB  HB3  sing N N 99  
GLU CG  CD   sing N N 100 
GLU CG  HG2  sing N N 101 
GLU CG  HG3  sing N N 102 
GLU CD  OE1  doub N N 103 
GLU CD  OE2  sing N N 104 
GLU OE2 HE2  sing N N 105 
GLU OXT HXT  sing N N 106 
GLY N   CA   sing N N 107 
GLY N   H    sing N N 108 
GLY N   H2   sing N N 109 
GLY CA  C    sing N N 110 
GLY CA  HA2  sing N N 111 
GLY CA  HA3  sing N N 112 
GLY C   O    doub N N 113 
GLY C   OXT  sing N N 114 
GLY OXT HXT  sing N N 115 
HIS N   CA   sing N N 116 
HIS N   H    sing N N 117 
HIS N   H2   sing N N 118 
HIS CA  C    sing N N 119 
HIS CA  CB   sing N N 120 
HIS CA  HA   sing N N 121 
HIS C   O    doub N N 122 
HIS C   OXT  sing N N 123 
HIS CB  CG   sing N N 124 
HIS CB  HB2  sing N N 125 
HIS CB  HB3  sing N N 126 
HIS CG  ND1  sing Y N 127 
HIS CG  CD2  doub Y N 128 
HIS ND1 CE1  doub Y N 129 
HIS ND1 HD1  sing N N 130 
HIS CD2 NE2  sing Y N 131 
HIS CD2 HD2  sing N N 132 
HIS CE1 NE2  sing Y N 133 
HIS CE1 HE1  sing N N 134 
HIS NE2 HE2  sing N N 135 
HIS OXT HXT  sing N N 136 
ILE N   CA   sing N N 137 
ILE N   H    sing N N 138 
ILE N   H2   sing N N 139 
ILE CA  C    sing N N 140 
ILE CA  CB   sing N N 141 
ILE CA  HA   sing N N 142 
ILE C   O    doub N N 143 
ILE C   OXT  sing N N 144 
ILE CB  CG1  sing N N 145 
ILE CB  CG2  sing N N 146 
ILE CB  HB   sing N N 147 
ILE CG1 CD1  sing N N 148 
ILE CG1 HG12 sing N N 149 
ILE CG1 HG13 sing N N 150 
ILE CG2 HG21 sing N N 151 
ILE CG2 HG22 sing N N 152 
ILE CG2 HG23 sing N N 153 
ILE CD1 HD11 sing N N 154 
ILE CD1 HD12 sing N N 155 
ILE CD1 HD13 sing N N 156 
ILE OXT HXT  sing N N 157 
LEU N   CA   sing N N 158 
LEU N   H    sing N N 159 
LEU N   H2   sing N N 160 
LEU CA  C    sing N N 161 
LEU CA  CB   sing N N 162 
LEU CA  HA   sing N N 163 
LEU C   O    doub N N 164 
LEU C   OXT  sing N N 165 
LEU CB  CG   sing N N 166 
LEU CB  HB2  sing N N 167 
LEU CB  HB3  sing N N 168 
LEU CG  CD1  sing N N 169 
LEU CG  CD2  sing N N 170 
LEU CG  HG   sing N N 171 
LEU CD1 HD11 sing N N 172 
LEU CD1 HD12 sing N N 173 
LEU CD1 HD13 sing N N 174 
LEU CD2 HD21 sing N N 175 
LEU CD2 HD22 sing N N 176 
LEU CD2 HD23 sing N N 177 
LEU OXT HXT  sing N N 178 
LYS N   CA   sing N N 179 
LYS N   H    sing N N 180 
LYS N   H2   sing N N 181 
LYS CA  C    sing N N 182 
LYS CA  CB   sing N N 183 
LYS CA  HA   sing N N 184 
LYS C   O    doub N N 185 
LYS C   OXT  sing N N 186 
LYS CB  CG   sing N N 187 
LYS CB  HB2  sing N N 188 
LYS CB  HB3  sing N N 189 
LYS CG  CD   sing N N 190 
LYS CG  HG2  sing N N 191 
LYS CG  HG3  sing N N 192 
LYS CD  CE   sing N N 193 
LYS CD  HD2  sing N N 194 
LYS CD  HD3  sing N N 195 
LYS CE  NZ   sing N N 196 
LYS CE  HE2  sing N N 197 
LYS CE  HE3  sing N N 198 
LYS NZ  HZ1  sing N N 199 
LYS NZ  HZ2  sing N N 200 
LYS NZ  HZ3  sing N N 201 
LYS OXT HXT  sing N N 202 
MET N   CA   sing N N 203 
MET N   H    sing N N 204 
MET N   H2   sing N N 205 
MET CA  C    sing N N 206 
MET CA  CB   sing N N 207 
MET CA  HA   sing N N 208 
MET C   O    doub N N 209 
MET C   OXT  sing N N 210 
MET CB  CG   sing N N 211 
MET CB  HB2  sing N N 212 
MET CB  HB3  sing N N 213 
MET CG  SD   sing N N 214 
MET CG  HG2  sing N N 215 
MET CG  HG3  sing N N 216 
MET SD  CE   sing N N 217 
MET CE  HE1  sing N N 218 
MET CE  HE2  sing N N 219 
MET CE  HE3  sing N N 220 
MET OXT HXT  sing N N 221 
PHE N   CA   sing N N 222 
PHE N   H    sing N N 223 
PHE N   H2   sing N N 224 
PHE CA  C    sing N N 225 
PHE CA  CB   sing N N 226 
PHE CA  HA   sing N N 227 
PHE C   O    doub N N 228 
PHE C   OXT  sing N N 229 
PHE CB  CG   sing N N 230 
PHE CB  HB2  sing N N 231 
PHE CB  HB3  sing N N 232 
PHE CG  CD1  doub Y N 233 
PHE CG  CD2  sing Y N 234 
PHE CD1 CE1  sing Y N 235 
PHE CD1 HD1  sing N N 236 
PHE CD2 CE2  doub Y N 237 
PHE CD2 HD2  sing N N 238 
PHE CE1 CZ   doub Y N 239 
PHE CE1 HE1  sing N N 240 
PHE CE2 CZ   sing Y N 241 
PHE CE2 HE2  sing N N 242 
PHE CZ  HZ   sing N N 243 
PHE OXT HXT  sing N N 244 
PRO N   CA   sing N N 245 
PRO N   CD   sing N N 246 
PRO N   H    sing N N 247 
PRO CA  C    sing N N 248 
PRO CA  CB   sing N N 249 
PRO CA  HA   sing N N 250 
PRO C   O    doub N N 251 
PRO C   OXT  sing N N 252 
PRO CB  CG   sing N N 253 
PRO CB  HB2  sing N N 254 
PRO CB  HB3  sing N N 255 
PRO CG  CD   sing N N 256 
PRO CG  HG2  sing N N 257 
PRO CG  HG3  sing N N 258 
PRO CD  HD2  sing N N 259 
PRO CD  HD3  sing N N 260 
PRO OXT HXT  sing N N 261 
SER N   CA   sing N N 262 
SER N   H    sing N N 263 
SER N   H2   sing N N 264 
SER CA  C    sing N N 265 
SER CA  CB   sing N N 266 
SER CA  HA   sing N N 267 
SER C   O    doub N N 268 
SER C   OXT  sing N N 269 
SER CB  OG   sing N N 270 
SER CB  HB2  sing N N 271 
SER CB  HB3  sing N N 272 
SER OG  HG   sing N N 273 
SER OXT HXT  sing N N 274 
THR N   CA   sing N N 275 
THR N   H    sing N N 276 
THR N   H2   sing N N 277 
THR CA  C    sing N N 278 
THR CA  CB   sing N N 279 
THR CA  HA   sing N N 280 
THR C   O    doub N N 281 
THR C   OXT  sing N N 282 
THR CB  OG1  sing N N 283 
THR CB  CG2  sing N N 284 
THR CB  HB   sing N N 285 
THR OG1 HG1  sing N N 286 
THR CG2 HG21 sing N N 287 
THR CG2 HG22 sing N N 288 
THR CG2 HG23 sing N N 289 
THR OXT HXT  sing N N 290 
VAL N   CA   sing N N 291 
VAL N   H    sing N N 292 
VAL N   H2   sing N N 293 
VAL CA  C    sing N N 294 
VAL CA  CB   sing N N 295 
VAL CA  HA   sing N N 296 
VAL C   O    doub N N 297 
VAL C   OXT  sing N N 298 
VAL CB  CG1  sing N N 299 
VAL CB  CG2  sing N N 300 
VAL CB  HB   sing N N 301 
VAL CG1 HG11 sing N N 302 
VAL CG1 HG12 sing N N 303 
VAL CG1 HG13 sing N N 304 
VAL CG2 HG21 sing N N 305 
VAL CG2 HG22 sing N N 306 
VAL CG2 HG23 sing N N 307 
VAL OXT HXT  sing N N 308 
# 
_atom_sites.entry_id                    1LEA 
_atom_sites.fract_transf_matrix[1][1]   1.000000 
_atom_sites.fract_transf_matrix[1][2]   0.000000 
_atom_sites.fract_transf_matrix[1][3]   0.000000 
_atom_sites.fract_transf_matrix[2][1]   0.000000 
_atom_sites.fract_transf_matrix[2][2]   1.000000 
_atom_sites.fract_transf_matrix[2][3]   0.000000 
_atom_sites.fract_transf_matrix[3][1]   0.000000 
_atom_sites.fract_transf_matrix[3][2]   0.000000 
_atom_sites.fract_transf_matrix[3][3]   1.000000 
_atom_sites.fract_transf_vector[1]      0.00000 
_atom_sites.fract_transf_vector[2]      0.00000 
_atom_sites.fract_transf_vector[3]      0.00000 
# 
loop_
_atom_type.symbol 
C 
H 
N 
O 
S 
# 
loop_
_atom_site.group_PDB 
_atom_site.id 
_atom_site.type_symbol 
_atom_site.label_atom_id 
_atom_site.label_alt_id 
_atom_site.label_comp_id 
_atom_site.label_asym_id 
_atom_site.label_entity_id 
_atom_site.label_seq_id 
_atom_site.pdbx_PDB_ins_code 
_atom_site.Cartn_x 
_atom_site.Cartn_y 
_atom_site.Cartn_z 
_atom_site.occupancy 
_atom_site.B_iso_or_equiv 
_atom_site.pdbx_formal_charge 
_atom_site.auth_seq_id 
_atom_site.auth_comp_id 
_atom_site.auth_asym_id 
_atom_site.auth_atom_id 
_atom_site.pdbx_PDB_model_num 
ATOM 1    N N    . MET A 1 1  ? -14.970 -2.293  -11.744 1.00 0.00 ? 1  MET A N    1 
ATOM 2    C CA   . MET A 1 1  ? -14.036 -3.364  -12.186 1.00 0.00 ? 1  MET A CA   1 
ATOM 3    C C    . MET A 1 1  ? -13.467 -4.185  -10.989 1.00 0.00 ? 1  MET A C    1 
ATOM 4    O O    . MET A 1 1  ? -13.748 -5.380  -10.880 1.00 0.00 ? 1  MET A O    1 
ATOM 5    C CB   . MET A 1 1  ? -12.993 -2.739  -13.133 1.00 0.00 ? 1  MET A CB   1 
ATOM 6    C CG   . MET A 1 1  ? -12.195 -3.725  -13.997 1.00 0.00 ? 1  MET A CG   1 
ATOM 7    S SD   . MET A 1 1  ? -11.102 -4.757  -13.010 1.00 0.00 ? 1  MET A SD   1 
ATOM 8    C CE   . MET A 1 1  ? -10.290 -5.655  -14.339 1.00 0.00 ? 1  MET A CE   1 
ATOM 9    H H1   . MET A 1 1  ? -14.474 -1.550  -11.236 1.00 0.00 ? 1  MET A H1   1 
ATOM 10   H H2   . MET A 1 1  ? -15.385 -1.832  -12.562 1.00 0.00 ? 1  MET A H2   1 
ATOM 11   H HA   . MET A 1 1  ? -14.640 -4.083  -12.769 1.00 0.00 ? 1  MET A HA   1 
ATOM 12   H HB2  . MET A 1 1  ? -13.508 -2.047  -13.832 1.00 0.00 ? 1  MET A HB2  1 
ATOM 13   H HB3  . MET A 1 1  ? -12.294 -2.099  -12.565 1.00 0.00 ? 1  MET A HB3  1 
ATOM 14   H HG2  . MET A 1 1  ? -12.869 -4.371  -14.591 1.00 0.00 ? 1  MET A HG2  1 
ATOM 15   H HG3  . MET A 1 1  ? -11.586 -3.159  -14.727 1.00 0.00 ? 1  MET A HG3  1 
ATOM 16   H HE1  . MET A 1 1  ? -11.026 -6.205  -14.953 1.00 0.00 ? 1  MET A HE1  1 
ATOM 17   H HE2  . MET A 1 1  ? -9.731  -4.969  -15.000 1.00 0.00 ? 1  MET A HE2  1 
ATOM 18   H HE3  . MET A 1 1  ? -9.576  -6.392  -13.928 1.00 0.00 ? 1  MET A HE3  1 
ATOM 19   N N    . LYS A 1 2  ? -12.676 -3.553  -10.109 1.00 0.00 ? 2  LYS A N    1 
ATOM 20   C CA   . LYS A 1 2  ? -12.155 -4.190  -8.870  1.00 0.00 ? 2  LYS A CA   1 
ATOM 21   C C    . LYS A 1 2  ? -12.227 -3.178  -7.685  1.00 0.00 ? 2  LYS A C    1 
ATOM 22   O O    . LYS A 1 2  ? -11.391 -2.280  -7.542  1.00 0.00 ? 2  LYS A O    1 
ATOM 23   C CB   . LYS A 1 2  ? -10.780 -4.864  -9.090  1.00 0.00 ? 2  LYS A CB   1 
ATOM 24   C CG   . LYS A 1 2  ? -9.609  -4.011  -9.588  1.00 0.00 ? 2  LYS A CG   1 
ATOM 25   C CD   . LYS A 1 2  ? -8.288  -4.783  -9.730  1.00 0.00 ? 2  LYS A CD   1 
ATOM 26   C CE   . LYS A 1 2  ? -8.161  -5.745  -10.919 1.00 0.00 ? 2  LYS A CE   1 
ATOM 27   N NZ   . LYS A 1 2  ? -8.774  -7.061  -10.647 1.00 0.00 ? 2  LYS A NZ   1 
ATOM 28   H H    . LYS A 1 2  ? -12.651 -2.540  -10.266 1.00 0.00 ? 2  LYS A H    1 
ATOM 29   H HA   . LYS A 1 2  ? -12.822 -5.042  -8.606  1.00 0.00 ? 2  LYS A HA   1 
ATOM 30   H HB2  . LYS A 1 2  ? -10.492 -5.377  -8.152  1.00 0.00 ? 2  LYS A HB2  1 
ATOM 31   H HB3  . LYS A 1 2  ? -10.951 -5.692  -9.808  1.00 0.00 ? 2  LYS A HB3  1 
ATOM 32   H HG2  . LYS A 1 2  ? -9.866  -3.525  -10.548 1.00 0.00 ? 2  LYS A HG2  1 
ATOM 33   H HG3  . LYS A 1 2  ? -9.430  -3.173  -8.886  1.00 0.00 ? 2  LYS A HG3  1 
ATOM 34   H HD2  . LYS A 1 2  ? -7.485  -4.026  -9.846  1.00 0.00 ? 2  LYS A HD2  1 
ATOM 35   H HD3  . LYS A 1 2  ? -8.029  -5.295  -8.782  1.00 0.00 ? 2  LYS A HD3  1 
ATOM 36   H HE2  . LYS A 1 2  ? -8.593  -5.308  -11.838 1.00 0.00 ? 2  LYS A HE2  1 
ATOM 37   H HE3  . LYS A 1 2  ? -7.082  -5.887  -11.133 1.00 0.00 ? 2  LYS A HE3  1 
ATOM 38   H HZ1  . LYS A 1 2  ? -8.479  -7.767  -11.331 1.00 0.00 ? 2  LYS A HZ1  1 
ATOM 39   H HZ2  . LYS A 1 2  ? -8.462  -7.431  -9.733  1.00 0.00 ? 2  LYS A HZ2  1 
ATOM 40   N N    . ALA A 1 3  ? -13.277 -3.305  -6.860  1.00 0.00 ? 3  ALA A N    1 
ATOM 41   C CA   . ALA A 1 3  ? -13.592 -2.324  -5.795  1.00 0.00 ? 3  ALA A CA   1 
ATOM 42   C C    . ALA A 1 3  ? -12.793 -2.532  -4.471  1.00 0.00 ? 3  ALA A C    1 
ATOM 43   O O    . ALA A 1 3  ? -12.690 -3.647  -3.950  1.00 0.00 ? 3  ALA A O    1 
ATOM 44   C CB   . ALA A 1 3  ? -15.108 -2.435  -5.558  1.00 0.00 ? 3  ALA A CB   1 
ATOM 45   H H    . ALA A 1 3  ? -13.927 -4.052  -7.120  1.00 0.00 ? 3  ALA A H    1 
ATOM 46   H HA   . ALA A 1 3  ? -13.401 -1.301  -6.188  1.00 0.00 ? 3  ALA A HA   1 
ATOM 47   H HB1  . ALA A 1 3  ? -15.683 -2.240  -6.483  1.00 0.00 ? 3  ALA A HB1  1 
ATOM 48   H HB2  . ALA A 1 3  ? -15.405 -3.435  -5.186  1.00 0.00 ? 3  ALA A HB2  1 
ATOM 49   H HB3  . ALA A 1 3  ? -15.458 -1.700  -4.810  1.00 0.00 ? 3  ALA A HB3  1 
ATOM 50   N N    . LEU A 1 4  ? -12.249 -1.439  -3.926  1.00 0.00 ? 4  LEU A N    1 
ATOM 51   C CA   . LEU A 1 4  ? -11.395 -1.483  -2.713  1.00 0.00 ? 4  LEU A CA   1 
ATOM 52   C C    . LEU A 1 4  ? -12.161 -1.000  -1.435  1.00 0.00 ? 4  LEU A C    1 
ATOM 53   O O    . LEU A 1 4  ? -12.774 0.071   -1.425  1.00 0.00 ? 4  LEU A O    1 
ATOM 54   C CB   . LEU A 1 4  ? -10.135 -0.599  -2.929  1.00 0.00 ? 4  LEU A CB   1 
ATOM 55   C CG   . LEU A 1 4  ? -9.189  -0.965  -4.099  1.00 0.00 ? 4  LEU A CG   1 
ATOM 56   C CD1  . LEU A 1 4  ? -7.973  -0.024  -4.057  1.00 0.00 ? 4  LEU A CD1  1 
ATOM 57   C CD2  . LEU A 1 4  ? -8.727  -2.422  -4.077  1.00 0.00 ? 4  LEU A CD2  1 
ATOM 58   H H    . LEU A 1 4  ? -12.381 -0.580  -4.466  1.00 0.00 ? 4  LEU A H    1 
ATOM 59   H HA   . LEU A 1 4  ? -11.040 -2.520  -2.531  1.00 0.00 ? 4  LEU A HA   1 
ATOM 60   H HB2  . LEU A 1 4  ? -10.454 0.456   -3.057  1.00 0.00 ? 4  LEU A HB2  1 
ATOM 61   H HB3  . LEU A 1 4  ? -9.552  -0.597  -1.987  1.00 0.00 ? 4  LEU A HB3  1 
ATOM 62   H HG   . LEU A 1 4  ? -9.717  -0.788  -5.061  1.00 0.00 ? 4  LEU A HG   1 
ATOM 63   H HD11 . LEU A 1 4  ? -7.407  -0.100  -3.112  1.00 0.00 ? 4  LEU A HD11 1 
ATOM 64   H HD12 . LEU A 1 4  ? -7.262  -0.225  -4.879  1.00 0.00 ? 4  LEU A HD12 1 
ATOM 65   H HD13 . LEU A 1 4  ? -8.271  1.033   -4.161  1.00 0.00 ? 4  LEU A HD13 1 
ATOM 66   H HD21 . LEU A 1 4  ? -8.341  -2.738  -3.096  1.00 0.00 ? 4  LEU A HD21 1 
ATOM 67   H HD22 . LEU A 1 4  ? -9.556  -3.110  -4.328  1.00 0.00 ? 4  LEU A HD22 1 
ATOM 68   H HD23 . LEU A 1 4  ? -7.938  -2.618  -4.827  1.00 0.00 ? 4  LEU A HD23 1 
ATOM 69   N N    . THR A 1 5  ? -12.081 -1.772  -0.342  1.00 0.00 ? 5  THR A N    1 
ATOM 70   C CA   . THR A 1 5  ? -12.677 -1.376  0.972   1.00 0.00 ? 5  THR A CA   1 
ATOM 71   C C    . THR A 1 5  ? -11.953 -0.152  1.647   1.00 0.00 ? 5  THR A C    1 
ATOM 72   O O    . THR A 1 5  ? -10.779 0.114   1.382   1.00 0.00 ? 5  THR A O    1 
ATOM 73   C CB   . THR A 1 5  ? -12.729 -2.578  1.977   1.00 0.00 ? 5  THR A CB   1 
ATOM 74   O OG1  . THR A 1 5  ? -11.433 -3.034  2.352   1.00 0.00 ? 5  THR A OG1  1 
ATOM 75   C CG2  . THR A 1 5  ? -13.512 -3.793  1.495   1.00 0.00 ? 5  THR A CG2  1 
ATOM 76   H H    . THR A 1 5  ? -11.576 -2.655  -0.468  1.00 0.00 ? 5  THR A H    1 
ATOM 77   H HA   . THR A 1 5  ? -13.726 -1.069  0.784   1.00 0.00 ? 5  THR A HA   1 
ATOM 78   H HB   . THR A 1 5  ? -13.232 -2.212  2.897   1.00 0.00 ? 5  THR A HB   1 
ATOM 79   H HG1  . THR A 1 5  ? -11.106 -3.575  1.616   1.00 0.00 ? 5  THR A HG1  1 
ATOM 80   H HG21 . THR A 1 5  ? -14.555 -3.546  1.224   1.00 0.00 ? 5  THR A HG21 1 
ATOM 81   H HG22 . THR A 1 5  ? -13.060 -4.275  0.609   1.00 0.00 ? 5  THR A HG22 1 
ATOM 82   H HG23 . THR A 1 5  ? -13.562 -4.568  2.283   1.00 0.00 ? 5  THR A HG23 1 
ATOM 83   N N    . ALA A 1 6  ? -12.652 0.589   2.521   1.00 0.00 ? 6  ALA A N    1 
ATOM 84   C CA   . ALA A 1 6  ? -12.147 1.876   3.079   1.00 0.00 ? 6  ALA A CA   1 
ATOM 85   C C    . ALA A 1 6  ? -10.706 1.928   3.691   1.00 0.00 ? 6  ALA A C    1 
ATOM 86   O O    . ALA A 1 6  ? -9.934  2.810   3.312   1.00 0.00 ? 6  ALA A O    1 
ATOM 87   C CB   . ALA A 1 6  ? -13.215 2.368   4.070   1.00 0.00 ? 6  ALA A CB   1 
ATOM 88   H H    . ALA A 1 6  ? -13.633 0.310   2.616   1.00 0.00 ? 6  ALA A H    1 
ATOM 89   H HA   . ALA A 1 6  ? -12.136 2.603   2.241   1.00 0.00 ? 6  ALA A HA   1 
ATOM 90   H HB1  . ALA A 1 6  ? -14.206 2.472   3.589   1.00 0.00 ? 6  ALA A HB1  1 
ATOM 91   H HB2  . ALA A 1 6  ? -13.336 1.693   4.937   1.00 0.00 ? 6  ALA A HB2  1 
ATOM 92   H HB3  . ALA A 1 6  ? -12.963 3.366   4.476   1.00 0.00 ? 6  ALA A HB3  1 
ATOM 93   N N    . ARG A 1 7  ? -10.329 0.994   4.579   1.00 0.00 ? 7  ARG A N    1 
ATOM 94   C CA   . ARG A 1 7  ? -8.948  0.950   5.148   1.00 0.00 ? 7  ARG A CA   1 
ATOM 95   C C    . ARG A 1 7  ? -7.822  0.413   4.199   1.00 0.00 ? 7  ARG A C    1 
ATOM 96   O O    . ARG A 1 7  ? -6.712  0.947   4.246   1.00 0.00 ? 7  ARG A O    1 
ATOM 97   C CB   . ARG A 1 7  ? -9.017  0.220   6.507   1.00 0.00 ? 7  ARG A CB   1 
ATOM 98   C CG   . ARG A 1 7  ? -7.806  0.412   7.445   1.00 0.00 ? 7  ARG A CG   1 
ATOM 99   C CD   . ARG A 1 7  ? -7.614  1.854   7.929   1.00 0.00 ? 7  ARG A CD   1 
ATOM 100  N NE   . ARG A 1 7  ? -6.562  1.881   8.968   1.00 0.00 ? 7  ARG A NE   1 
ATOM 101  C CZ   . ARG A 1 7  ? -6.011  2.975   9.473   1.00 0.00 ? 7  ARG A CZ   1 
ATOM 102  N NH1  . ARG A 1 7  ? -6.334  4.188   9.133   1.00 0.00 ? 7  ARG A NH1  1 
ATOM 103  N NH2  . ARG A 1 7  ? -5.090  2.827   10.357  1.00 0.00 ? 7  ARG A NH2  1 
ATOM 104  H H    . ARG A 1 7  ? -11.042 0.284   4.769   1.00 0.00 ? 7  ARG A H    1 
ATOM 105  H HA   . ARG A 1 7  ? -8.664  2.003   5.361   1.00 0.00 ? 7  ARG A HA   1 
ATOM 106  H HB2  . ARG A 1 7  ? -9.918  0.551   7.065   1.00 0.00 ? 7  ARG A HB2  1 
ATOM 107  H HB3  . ARG A 1 7  ? -9.167  -0.864  6.341   1.00 0.00 ? 7  ARG A HB3  1 
ATOM 108  H HG2  . ARG A 1 7  ? -7.942  -0.251  8.323   1.00 0.00 ? 7  ARG A HG2  1 
ATOM 109  H HG3  . ARG A 1 7  ? -6.872  0.053   6.965   1.00 0.00 ? 7  ARG A HG3  1 
ATOM 110  H HD2  . ARG A 1 7  ? -7.320  2.505   7.081   1.00 0.00 ? 7  ARG A HD2  1 
ATOM 111  H HD3  . ARG A 1 7  ? -8.556  2.270   8.338   1.00 0.00 ? 7  ARG A HD3  1 
ATOM 112  H HH11 . ARG A 1 7  ? -7.076  4.231   8.435   1.00 0.00 ? 7  ARG A HH11 1 
ATOM 113  H HH12 . ARG A 1 7  ? -5.804  4.934   9.590   1.00 0.00 ? 7  ARG A HH12 1 
ATOM 114  H HH21 . ARG A 1 7  ? -4.843  1.848   10.510  1.00 0.00 ? 7  ARG A HH21 1 
ATOM 115  H HH22 . ARG A 1 7  ? -4.637  3.671   10.716  1.00 0.00 ? 7  ARG A HH22 1 
ATOM 116  N N    . GLN A 1 8  ? -8.083  -0.569  3.312   1.00 0.00 ? 8  GLN A N    1 
ATOM 117  C CA   . GLN A 1 8  ? -7.148  -0.873  2.182   1.00 0.00 ? 8  GLN A CA   1 
ATOM 118  C C    . GLN A 1 8  ? -6.995  0.268   1.110   1.00 0.00 ? 8  GLN A C    1 
ATOM 119  O O    . GLN A 1 8  ? -5.880  0.537   0.669   1.00 0.00 ? 8  GLN A O    1 
ATOM 120  C CB   . GLN A 1 8  ? -7.431  -2.280  1.591   1.00 0.00 ? 8  GLN A CB   1 
ATOM 121  C CG   . GLN A 1 8  ? -8.570  -2.372  0.566   1.00 0.00 ? 8  GLN A CG   1 
ATOM 122  C CD   . GLN A 1 8  ? -8.979  -3.754  0.101   1.00 0.00 ? 8  GLN A CD   1 
ATOM 123  O OE1  . GLN A 1 8  ? -10.109 -4.184  0.302   1.00 0.00 ? 8  GLN A OE1  1 
ATOM 124  N NE2  . GLN A 1 8  ? -8.138  -4.471  -0.596  1.00 0.00 ? 8  GLN A NE2  1 
ATOM 125  H H    . GLN A 1 8  ? -9.058  -0.885  3.306   1.00 0.00 ? 8  GLN A H    1 
ATOM 126  H HA   . GLN A 1 8  ? -6.142  -0.968  2.641   1.00 0.00 ? 8  GLN A HA   1 
ATOM 127  H HB2  . GLN A 1 8  ? -6.491  -2.641  1.131   1.00 0.00 ? 8  GLN A HB2  1 
ATOM 128  H HB3  . GLN A 1 8  ? -7.602  -2.988  2.428   1.00 0.00 ? 8  GLN A HB3  1 
ATOM 129  H HG2  . GLN A 1 8  ? -9.468  -1.895  0.989   1.00 0.00 ? 8  GLN A HG2  1 
ATOM 130  H HG3  . GLN A 1 8  ? -8.337  -1.766  -0.329  1.00 0.00 ? 8  GLN A HG3  1 
ATOM 131  H HE21 . GLN A 1 8  ? -7.182  -4.114  -0.681  1.00 0.00 ? 8  GLN A HE21 1 
ATOM 132  H HE22 . GLN A 1 8  ? -8.487  -5.388  -0.888  1.00 0.00 ? 8  GLN A HE22 1 
ATOM 133  N N    . GLN A 1 9  ? -8.084  0.961   0.739   1.00 0.00 ? 9  GLN A N    1 
ATOM 134  C CA   . GLN A 1 9  ? -8.026  2.252   -0.005  1.00 0.00 ? 9  GLN A CA   1 
ATOM 135  C C    . GLN A 1 9  ? -7.213  3.402   0.684   1.00 0.00 ? 9  GLN A C    1 
ATOM 136  O O    . GLN A 1 9  ? -6.493  4.109   -0.020  1.00 0.00 ? 9  GLN A O    1 
ATOM 137  C CB   . GLN A 1 9  ? -9.486  2.623   -0.342  1.00 0.00 ? 9  GLN A CB   1 
ATOM 138  C CG   . GLN A 1 9  ? -9.719  3.844   -1.253  1.00 0.00 ? 9  GLN A CG   1 
ATOM 139  C CD   . GLN A 1 9  ? -9.219  3.729   -2.683  1.00 0.00 ? 9  GLN A CD   1 
ATOM 140  O OE1  . GLN A 1 9  ? -9.707  2.944   -3.486  1.00 0.00 ? 9  GLN A OE1  1 
ATOM 141  N NE2  . GLN A 1 9  ? -8.254  4.516   -3.078  1.00 0.00 ? 9  GLN A NE2  1 
ATOM 142  H H    . GLN A 1 9  ? -8.966  0.619   1.151   1.00 0.00 ? 9  GLN A H    1 
ATOM 143  H HA   . GLN A 1 9  ? -7.521  2.047   -0.970  1.00 0.00 ? 9  GLN A HA   1 
ATOM 144  H HB2  . GLN A 1 9  ? -9.988  1.749   -0.812  1.00 0.00 ? 9  GLN A HB2  1 
ATOM 145  H HB3  . GLN A 1 9  ? -10.054 2.786   0.594   1.00 0.00 ? 9  GLN A HB3  1 
ATOM 146  H HG2  . GLN A 1 9  ? -10.811 3.999   -1.316  1.00 0.00 ? 9  GLN A HG2  1 
ATOM 147  H HG3  . GLN A 1 9  ? -9.346  4.767   -0.770  1.00 0.00 ? 9  GLN A HG3  1 
ATOM 148  H HE21 . GLN A 1 9  ? -7.986  5.266   -2.433  1.00 0.00 ? 9  GLN A HE21 1 
ATOM 149  H HE22 . GLN A 1 9  ? -8.103  4.499   -4.093  1.00 0.00 ? 9  GLN A HE22 1 
ATOM 150  N N    . GLU A 1 10 ? -7.249  3.572   2.017   1.00 0.00 ? 10 GLU A N    1 
ATOM 151  C CA   . GLU A 1 10 ? -6.237  4.397   2.749   1.00 0.00 ? 10 GLU A CA   1 
ATOM 152  C C    . GLU A 1 10 ? -4.730  3.960   2.554   1.00 0.00 ? 10 GLU A C    1 
ATOM 153  O O    . GLU A 1 10 ? -3.898  4.822   2.266   1.00 0.00 ? 10 GLU A O    1 
ATOM 154  C CB   . GLU A 1 10 ? -6.581  4.470   4.258   1.00 0.00 ? 10 GLU A CB   1 
ATOM 155  C CG   . GLU A 1 10 ? -7.817  5.329   4.592   1.00 0.00 ? 10 GLU A CG   1 
ATOM 156  C CD   . GLU A 1 10 ? -8.040  5.483   6.086   1.00 0.00 ? 10 GLU A CD   1 
ATOM 157  O OE1  . GLU A 1 10 ? -8.732  4.729   6.760   1.00 0.00 ? 10 GLU A OE1  1 
ATOM 158  O OE2  . GLU A 1 10 ? -7.378  6.556   6.598   1.00 0.00 ? 10 GLU A OE2  1 
ATOM 159  H H    . GLU A 1 10 ? -7.950  2.998   2.505   1.00 0.00 ? 10 GLU A H    1 
ATOM 160  H HA   . GLU A 1 10 ? -6.286  5.429   2.345   1.00 0.00 ? 10 GLU A HA   1 
ATOM 161  H HB2  . GLU A 1 10 ? -6.694  3.451   4.676   1.00 0.00 ? 10 GLU A HB2  1 
ATOM 162  H HB3  . GLU A 1 10 ? -5.712  4.895   4.796   1.00 0.00 ? 10 GLU A HB3  1 
ATOM 163  H HG2  . GLU A 1 10 ? -7.726  6.336   4.144   1.00 0.00 ? 10 GLU A HG2  1 
ATOM 164  H HG3  . GLU A 1 10 ? -8.731  4.894   4.151   1.00 0.00 ? 10 GLU A HG3  1 
ATOM 165  H HE2  . GLU A 1 10 ? -7.563  6.612   7.537   1.00 0.00 ? 10 GLU A HE2  1 
ATOM 166  N N    . VAL A 1 11 ? -4.408  2.659   2.644   1.00 0.00 ? 11 VAL A N    1 
ATOM 167  C CA   . VAL A 1 11 ? -3.075  2.107   2.220   1.00 0.00 ? 11 VAL A CA   1 
ATOM 168  C C    . VAL A 1 11 ? -2.704  2.421   0.718   1.00 0.00 ? 11 VAL A C    1 
ATOM 169  O O    . VAL A 1 11 ? -1.614  2.936   0.466   1.00 0.00 ? 11 VAL A O    1 
ATOM 170  C CB   . VAL A 1 11 ? -2.983  0.582   2.578   1.00 0.00 ? 11 VAL A CB   1 
ATOM 171  C CG1  . VAL A 1 11 ? -1.652  -0.077  2.145   1.00 0.00 ? 11 VAL A CG1  1 
ATOM 172  C CG2  . VAL A 1 11 ? -3.128  0.308   4.096   1.00 0.00 ? 11 VAL A CG2  1 
ATOM 173  H H    . VAL A 1 11 ? -5.196  2.051   2.905   1.00 0.00 ? 11 VAL A H    1 
ATOM 174  H HA   . VAL A 1 11 ? -2.298  2.624   2.815   1.00 0.00 ? 11 VAL A HA   1 
ATOM 175  H HB   . VAL A 1 11 ? -3.802  0.040   2.061   1.00 0.00 ? 11 VAL A HB   1 
ATOM 176  H HG11 . VAL A 1 11 ? -0.769  0.438   2.562   1.00 0.00 ? 11 VAL A HG11 1 
ATOM 177  H HG12 . VAL A 1 11 ? -1.599  -1.138  2.455   1.00 0.00 ? 11 VAL A HG12 1 
ATOM 178  H HG13 . VAL A 1 11 ? -1.523  -0.075  1.049   1.00 0.00 ? 11 VAL A HG13 1 
ATOM 179  H HG21 . VAL A 1 11 ? -2.379  0.849   4.700   1.00 0.00 ? 11 VAL A HG21 1 
ATOM 180  H HG22 . VAL A 1 11 ? -4.119  0.608   4.483   1.00 0.00 ? 11 VAL A HG22 1 
ATOM 181  H HG23 . VAL A 1 11 ? -3.022  -0.767  4.330   1.00 0.00 ? 11 VAL A HG23 1 
ATOM 182  N N    . PHE A 1 12 ? -3.609  2.159   -0.236  1.00 0.00 ? 12 PHE A N    1 
ATOM 183  C CA   . PHE A 1 12 ? -3.454  2.581   -1.659  1.00 0.00 ? 12 PHE A CA   1 
ATOM 184  C C    . PHE A 1 12 ? -3.250  4.118   -1.906  1.00 0.00 ? 12 PHE A C    1 
ATOM 185  O O    . PHE A 1 12 ? -2.322  4.487   -2.626  1.00 0.00 ? 12 PHE A O    1 
ATOM 186  C CB   . PHE A 1 12 ? -4.675  1.991   -2.412  1.00 0.00 ? 12 PHE A CB   1 
ATOM 187  C CG   . PHE A 1 12 ? -4.543  1.986   -3.938  1.00 0.00 ? 12 PHE A CG   1 
ATOM 188  C CD1  . PHE A 1 12 ? -3.808  0.986   -4.598  1.00 0.00 ? 12 PHE A CD1  1 
ATOM 189  C CD2  . PHE A 1 12 ? -5.143  2.996   -4.701  1.00 0.00 ? 12 PHE A CD2  1 
ATOM 190  C CE1  . PHE A 1 12 ? -3.670  1.009   -5.987  1.00 0.00 ? 12 PHE A CE1  1 
ATOM 191  C CE2  . PHE A 1 12 ? -5.013  3.009   -6.090  1.00 0.00 ? 12 PHE A CE2  1 
ATOM 192  C CZ   . PHE A 1 12 ? -4.272  2.022   -6.730  1.00 0.00 ? 12 PHE A CZ   1 
ATOM 193  H H    . PHE A 1 12 ? -4.467  1.718   0.123   1.00 0.00 ? 12 PHE A H    1 
ATOM 194  H HA   . PHE A 1 12 ? -2.545  2.086   -2.054  1.00 0.00 ? 12 PHE A HA   1 
ATOM 195  H HB2  . PHE A 1 12 ? -4.850  0.946   -2.088  1.00 0.00 ? 12 PHE A HB2  1 
ATOM 196  H HB3  . PHE A 1 12 ? -5.596  2.527   -2.116  1.00 0.00 ? 12 PHE A HB3  1 
ATOM 197  H HD1  . PHE A 1 12 ? -3.325  0.199   -4.033  1.00 0.00 ? 12 PHE A HD1  1 
ATOM 198  H HD2  . PHE A 1 12 ? -5.681  3.807   -4.224  1.00 0.00 ? 12 PHE A HD2  1 
ATOM 199  H HE1  . PHE A 1 12 ? -3.080  0.254   -6.491  1.00 0.00 ? 12 PHE A HE1  1 
ATOM 200  H HE2  . PHE A 1 12 ? -5.461  3.811   -6.663  1.00 0.00 ? 12 PHE A HE2  1 
ATOM 201  H HZ   . PHE A 1 12 ? -4.136  2.069   -7.803  1.00 0.00 ? 12 PHE A HZ   1 
ATOM 202  N N    . ASP A 1 13 ? -4.054  4.986   -1.273  1.00 0.00 ? 13 ASP A N    1 
ATOM 203  C CA   . ASP A 1 13 ? -3.813  6.454   -1.263  1.00 0.00 ? 13 ASP A CA   1 
ATOM 204  C C    . ASP A 1 13 ? -2.433  6.921   -0.673  1.00 0.00 ? 13 ASP A C    1 
ATOM 205  O O    . ASP A 1 13 ? -1.828  7.805   -1.276  1.00 0.00 ? 13 ASP A O    1 
ATOM 206  C CB   . ASP A 1 13 ? -4.966  7.175   -0.523  1.00 0.00 ? 13 ASP A CB   1 
ATOM 207  C CG   . ASP A 1 13 ? -6.237  7.336   -1.335  1.00 0.00 ? 13 ASP A CG   1 
ATOM 208  O OD1  . ASP A 1 13 ? -6.413  8.246   -2.136  1.00 0.00 ? 13 ASP A OD1  1 
ATOM 209  O OD2  . ASP A 1 13 ? -7.157  6.371   -1.063  1.00 0.00 ? 13 ASP A OD2  1 
ATOM 210  H H    . ASP A 1 13 ? -4.748  4.524   -0.672  1.00 0.00 ? 13 ASP A H    1 
ATOM 211  H HA   . ASP A 1 13 ? -3.802  6.802   -2.321  1.00 0.00 ? 13 ASP A HA   1 
ATOM 212  H HB2  . ASP A 1 13 ? -5.177  6.700   0.452   1.00 0.00 ? 13 ASP A HB2  1 
ATOM 213  H HB3  . ASP A 1 13 ? -4.654  8.205   -0.261  1.00 0.00 ? 13 ASP A HB3  1 
ATOM 214  H HD2  . ASP A 1 13 ? -6.776  5.681   -0.506  1.00 0.00 ? 13 ASP A HD2  1 
ATOM 215  N N    . LEU A 1 14 ? -1.919  6.348   0.430   1.00 0.00 ? 14 LEU A N    1 
ATOM 216  C CA   . LEU A 1 14 ? -0.511  6.596   0.868   1.00 0.00 ? 14 LEU A CA   1 
ATOM 217  C C    . LEU A 1 14 ? 0.612   6.129   -0.138  1.00 0.00 ? 14 LEU A C    1 
ATOM 218  O O    . LEU A 1 14 ? 1.608   6.837   -0.301  1.00 0.00 ? 14 LEU A O    1 
ATOM 219  C CB   . LEU A 1 14 ? -0.308  5.975   2.275   1.00 0.00 ? 14 LEU A CB   1 
ATOM 220  C CG   . LEU A 1 14 ? 0.893   6.568   3.054   1.00 0.00 ? 14 LEU A CG   1 
ATOM 221  C CD1  . LEU A 1 14 ? 0.528   7.898   3.729   1.00 0.00 ? 14 LEU A CD1  1 
ATOM 222  C CD2  . LEU A 1 14 ? 1.379   5.587   4.125   1.00 0.00 ? 14 LEU A CD2  1 
ATOM 223  H H    . LEU A 1 14 ? -2.514  5.628   0.864   1.00 0.00 ? 14 LEU A H    1 
ATOM 224  H HA   . LEU A 1 14 ? -0.396  7.695   0.959   1.00 0.00 ? 14 LEU A HA   1 
ATOM 225  H HB2  . LEU A 1 14 ? -1.223  6.091   2.890   1.00 0.00 ? 14 LEU A HB2  1 
ATOM 226  H HB3  . LEU A 1 14 ? -0.196  4.878   2.163   1.00 0.00 ? 14 LEU A HB3  1 
ATOM 227  H HG   . LEU A 1 14 ? 1.749   6.751   2.370   1.00 0.00 ? 14 LEU A HG   1 
ATOM 228  H HD11 . LEU A 1 14 ? -0.296  7.790   4.459   1.00 0.00 ? 14 LEU A HD11 1 
ATOM 229  H HD12 . LEU A 1 14 ? 1.390   8.319   4.280   1.00 0.00 ? 14 LEU A HD12 1 
ATOM 230  H HD13 . LEU A 1 14 ? 0.222   8.669   3.001   1.00 0.00 ? 14 LEU A HD13 1 
ATOM 231  H HD21 . LEU A 1 14 ? 0.587   5.316   4.844   1.00 0.00 ? 14 LEU A HD21 1 
ATOM 232  H HD22 . LEU A 1 14 ? 1.752   4.650   3.676   1.00 0.00 ? 14 LEU A HD22 1 
ATOM 233  H HD23 . LEU A 1 14 ? 2.216   6.004   4.716   1.00 0.00 ? 14 LEU A HD23 1 
ATOM 234  N N    . ILE A 1 15 ? 0.436   4.987   -0.824  1.00 0.00 ? 15 ILE A N    1 
ATOM 235  C CA   . ILE A 1 15 ? 1.297   4.581   -1.984  1.00 0.00 ? 15 ILE A CA   1 
ATOM 236  C C    . ILE A 1 15 ? 1.285   5.623   -3.162  1.00 0.00 ? 15 ILE A C    1 
ATOM 237  O O    . ILE A 1 15 ? 2.360   6.061   -3.579  1.00 0.00 ? 15 ILE A O    1 
ATOM 238  C CB   . ILE A 1 15 ? 0.960   3.112   -2.425  1.00 0.00 ? 15 ILE A CB   1 
ATOM 239  C CG1  . ILE A 1 15 ? 1.227   2.069   -1.292  1.00 0.00 ? 15 ILE A CG1  1 
ATOM 240  C CG2  . ILE A 1 15 ? 1.758   2.650   -3.675  1.00 0.00 ? 15 ILE A CG2  1 
ATOM 241  C CD1  . ILE A 1 15 ? 0.344   0.825   -1.397  1.00 0.00 ? 15 ILE A CD1  1 
ATOM 242  H H    . ILE A 1 15 ? -0.435  4.492   -0.590  1.00 0.00 ? 15 ILE A H    1 
ATOM 243  H HA   . ILE A 1 15 ? 2.336   4.573   -1.625  1.00 0.00 ? 15 ILE A HA   1 
ATOM 244  H HB   . ILE A 1 15 ? -0.117  3.091   -2.685  1.00 0.00 ? 15 ILE A HB   1 
ATOM 245  H HG12 . ILE A 1 15 ? 2.297   1.780   -1.269  1.00 0.00 ? 15 ILE A HG12 1 
ATOM 246  H HG13 . ILE A 1 15 ? 1.044   2.508   -0.291  1.00 0.00 ? 15 ILE A HG13 1 
ATOM 247  H HG21 . ILE A 1 15 ? 2.851   2.677   -3.515  1.00 0.00 ? 15 ILE A HG21 1 
ATOM 248  H HG22 . ILE A 1 15 ? 1.498   1.617   -3.969  1.00 0.00 ? 15 ILE A HG22 1 
ATOM 249  H HG23 . ILE A 1 15 ? 1.550   3.276   -4.561  1.00 0.00 ? 15 ILE A HG23 1 
ATOM 250  H HD11 . ILE A 1 15 ? 0.431   0.309   -2.367  1.00 0.00 ? 15 ILE A HD11 1 
ATOM 251  H HD12 . ILE A 1 15 ? 0.605   0.097   -0.610  1.00 0.00 ? 15 ILE A HD12 1 
ATOM 252  H HD13 . ILE A 1 15 ? -0.723  1.068   -1.253  1.00 0.00 ? 15 ILE A HD13 1 
ATOM 253  N N    . ARG A 1 16 ? 0.107   6.041   -3.648  1.00 0.00 ? 16 ARG A N    1 
ATOM 254  C CA   . ARG A 1 16 ? -0.018  7.154   -4.631  1.00 0.00 ? 16 ARG A CA   1 
ATOM 255  C C    . ARG A 1 16 ? 0.519   8.558   -4.150  1.00 0.00 ? 16 ARG A C    1 
ATOM 256  O O    . ARG A 1 16 ? 1.226   9.222   -4.908  1.00 0.00 ? 16 ARG A O    1 
ATOM 257  C CB   . ARG A 1 16 ? -1.491  7.290   -5.106  1.00 0.00 ? 16 ARG A CB   1 
ATOM 258  C CG   . ARG A 1 16 ? -2.073  6.043   -5.798  1.00 0.00 ? 16 ARG A CG   1 
ATOM 259  C CD   . ARG A 1 16 ? -3.391  6.282   -6.543  1.00 0.00 ? 16 ARG A CD   1 
ATOM 260  N NE   . ARG A 1 16 ? -4.510  6.593   -5.618  1.00 0.00 ? 16 ARG A NE   1 
ATOM 261  C CZ   . ARG A 1 16 ? -5.778  6.719   -5.973  1.00 0.00 ? 16 ARG A CZ   1 
ATOM 262  N NH1  . ARG A 1 16 ? -6.217  6.573   -7.189  1.00 0.00 ? 16 ARG A NH1  1 
ATOM 263  N NH2  . ARG A 1 16 ? -6.634  7.008   -5.055  1.00 0.00 ? 16 ARG A NH2  1 
ATOM 264  H H    . ARG A 1 16 ? -0.714  5.626   -3.186  1.00 0.00 ? 16 ARG A H    1 
ATOM 265  H HA   . ARG A 1 16 ? 0.595   6.895   -5.520  1.00 0.00 ? 16 ARG A HA   1 
ATOM 266  H HB2  . ARG A 1 16 ? -2.144  7.572   -4.254  1.00 0.00 ? 16 ARG A HB2  1 
ATOM 267  H HB3  . ARG A 1 16 ? -1.556  8.147   -5.806  1.00 0.00 ? 16 ARG A HB3  1 
ATOM 268  H HG2  . ARG A 1 16 ? -1.339  5.647   -6.523  1.00 0.00 ? 16 ARG A HG2  1 
ATOM 269  H HG3  . ARG A 1 16 ? -2.217  5.223   -5.067  1.00 0.00 ? 16 ARG A HG3  1 
ATOM 270  H HD2  . ARG A 1 16 ? -3.277  7.082   -7.298  1.00 0.00 ? 16 ARG A HD2  1 
ATOM 271  H HD3  . ARG A 1 16 ? -3.627  5.365   -7.118  1.00 0.00 ? 16 ARG A HD3  1 
ATOM 272  H HH11 . ARG A 1 16 ? -5.480  6.366   -7.862  1.00 0.00 ? 16 ARG A HH11 1 
ATOM 273  H HH12 . ARG A 1 16 ? -7.224  6.641   -7.337  1.00 0.00 ? 16 ARG A HH12 1 
ATOM 274  H HH21 . ARG A 1 16 ? -6.196  7.207   -4.152  1.00 0.00 ? 16 ARG A HH21 1 
ATOM 275  H HH22 . ARG A 1 16 ? -7.595  7.170   -5.352  1.00 0.00 ? 16 ARG A HH22 1 
ATOM 276  N N    . ASP A 1 17 ? 0.214   8.974   -2.914  1.00 0.00 ? 17 ASP A N    1 
ATOM 277  C CA   . ASP A 1 17 ? 0.764   10.211  -2.292  1.00 0.00 ? 17 ASP A CA   1 
ATOM 278  C C    . ASP A 1 17 ? 2.319   10.271  -2.136  1.00 0.00 ? 17 ASP A C    1 
ATOM 279  O O    . ASP A 1 17 ? 2.904   11.306  -2.456  1.00 0.00 ? 17 ASP A O    1 
ATOM 280  C CB   . ASP A 1 17 ? 0.009   10.363  -0.951  1.00 0.00 ? 17 ASP A CB   1 
ATOM 281  C CG   . ASP A 1 17 ? 0.231   11.650  -0.183  1.00 0.00 ? 17 ASP A CG   1 
ATOM 282  O OD1  . ASP A 1 17 ? 0.626   11.687  0.976   1.00 0.00 ? 17 ASP A OD1  1 
ATOM 283  O OD2  . ASP A 1 17 ? -0.058  12.757  -0.918  1.00 0.00 ? 17 ASP A OD2  1 
ATOM 284  H H    . ASP A 1 17 ? -0.425  8.343   -2.408  1.00 0.00 ? 17 ASP A H    1 
ATOM 285  H HA   . ASP A 1 17 ? 0.480   11.063  -2.946  1.00 0.00 ? 17 ASP A HA   1 
ATOM 286  H HB2  . ASP A 1 17 ? -1.081  10.273  -1.113  1.00 0.00 ? 17 ASP A HB2  1 
ATOM 287  H HB3  . ASP A 1 17 ? 0.264   9.523   -0.280  1.00 0.00 ? 17 ASP A HB3  1 
ATOM 288  H HD2  . ASP A 1 17 ? 0.122   13.530  -0.378  1.00 0.00 ? 17 ASP A HD2  1 
ATOM 289  N N    . HIS A 1 18 ? 2.986   9.205   -1.664  1.00 0.00 ? 18 HIS A N    1 
ATOM 290  C CA   . HIS A 1 18 ? 4.477   9.145   -1.644  1.00 0.00 ? 18 HIS A CA   1 
ATOM 291  C C    . HIS A 1 18 ? 5.174   9.079   -3.051  1.00 0.00 ? 18 HIS A C    1 
ATOM 292  O O    . HIS A 1 18 ? 6.199   9.740   -3.227  1.00 0.00 ? 18 HIS A O    1 
ATOM 293  C CB   . HIS A 1 18 ? 4.895   7.994   -0.706  1.00 0.00 ? 18 HIS A CB   1 
ATOM 294  C CG   . HIS A 1 18 ? 6.303   8.162   -0.105  1.00 0.00 ? 18 HIS A CG   1 
ATOM 295  N ND1  . HIS A 1 18 ? 6.585   9.136   0.844   1.00 0.00 ? 18 HIS A ND1  1 
ATOM 296  C CD2  . HIS A 1 18 ? 7.454   7.392   -0.368  1.00 0.00 ? 18 HIS A CD2  1 
ATOM 297  C CE1  . HIS A 1 18 ? 7.909   8.870   1.060   1.00 0.00 ? 18 HIS A CE1  1 
ATOM 298  N NE2  . HIS A 1 18 ? 8.500   7.822   0.417   1.00 0.00 ? 18 HIS A NE2  1 
ATOM 299  H H    . HIS A 1 18 ? 2.394   8.400   -1.415  1.00 0.00 ? 18 HIS A H    1 
ATOM 300  H HA   . HIS A 1 18 ? 4.827   10.095  -1.185  1.00 0.00 ? 18 HIS A HA   1 
ATOM 301  H HB2  . HIS A 1 18 ? 4.194   7.915   0.149   1.00 0.00 ? 18 HIS A HB2  1 
ATOM 302  H HB3  . HIS A 1 18 ? 4.822   7.026   -1.230  1.00 0.00 ? 18 HIS A HB3  1 
ATOM 303  H HD2  . HIS A 1 18 ? 7.520   6.590   -1.088  1.00 0.00 ? 18 HIS A HD2  1 
ATOM 304  H HE1  . HIS A 1 18 ? 8.479   9.498   1.733   1.00 0.00 ? 18 HIS A HE1  1 
ATOM 305  H HE2  . HIS A 1 18 ? 9.490   7.538   0.383   1.00 0.00 ? 18 HIS A HE2  1 
ATOM 306  N N    . ILE A 1 19 ? 4.602   8.373   -4.042  1.00 0.00 ? 19 ILE A N    1 
ATOM 307  C CA   . ILE A 1 19 ? 5.023   8.490   -5.481  1.00 0.00 ? 19 ILE A CA   1 
ATOM 308  C C    . ILE A 1 19 ? 4.809   9.937   -6.072  1.00 0.00 ? 19 ILE A C    1 
ATOM 309  O O    . ILE A 1 19 ? 5.733   10.464  -6.690  1.00 0.00 ? 19 ILE A O    1 
ATOM 310  C CB   . ILE A 1 19 ? 4.335   7.357   -6.344  1.00 0.00 ? 19 ILE A CB   1 
ATOM 311  C CG1  . ILE A 1 19 ? 4.839   5.943   -5.918  1.00 0.00 ? 19 ILE A CG1  1 
ATOM 312  C CG2  . ILE A 1 19 ? 4.596   7.514   -7.866  1.00 0.00 ? 19 ILE A CG2  1 
ATOM 313  C CD1  . ILE A 1 19 ? 3.989   4.775   -6.420  1.00 0.00 ? 19 ILE A CD1  1 
ATOM 314  H H    . ILE A 1 19 ? 3.763   7.850   -3.764  1.00 0.00 ? 19 ILE A H    1 
ATOM 315  H HA   . ILE A 1 19 ? 6.119   8.312   -5.522  1.00 0.00 ? 19 ILE A HA   1 
ATOM 316  H HB   . ILE A 1 19 ? 3.239   7.416   -6.173  1.00 0.00 ? 19 ILE A HB   1 
ATOM 317  H HG12 . ILE A 1 19 ? 5.896   5.810   -6.225  1.00 0.00 ? 19 ILE A HG12 1 
ATOM 318  H HG13 . ILE A 1 19 ? 4.864   5.875   -4.814  1.00 0.00 ? 19 ILE A HG13 1 
ATOM 319  H HG21 . ILE A 1 19 ? 5.675   7.477   -8.109  1.00 0.00 ? 19 ILE A HG21 1 
ATOM 320  H HG22 . ILE A 1 19 ? 4.099   6.724   -8.455  1.00 0.00 ? 19 ILE A HG22 1 
ATOM 321  H HG23 . ILE A 1 19 ? 4.210   8.469   -8.265  1.00 0.00 ? 19 ILE A HG23 1 
ATOM 322  H HD11 . ILE A 1 19 ? 2.935   4.869   -6.103  1.00 0.00 ? 19 ILE A HD11 1 
ATOM 323  H HD12 . ILE A 1 19 ? 4.001   4.678   -7.520  1.00 0.00 ? 19 ILE A HD12 1 
ATOM 324  H HD13 . ILE A 1 19 ? 4.365   3.818   -6.017  1.00 0.00 ? 19 ILE A HD13 1 
ATOM 325  N N    . SER A 1 20 ? 3.649   10.582  -5.875  1.00 0.00 ? 20 SER A N    1 
ATOM 326  C CA   . SER A 1 20 ? 3.447   12.006  -6.268  1.00 0.00 ? 20 SER A CA   1 
ATOM 327  C C    . SER A 1 20 ? 4.337   13.097  -5.565  1.00 0.00 ? 20 SER A C    1 
ATOM 328  O O    . SER A 1 20 ? 4.584   14.136  -6.177  1.00 0.00 ? 20 SER A O    1 
ATOM 329  C CB   . SER A 1 20 ? 1.947   12.337  -6.072  1.00 0.00 ? 20 SER A CB   1 
ATOM 330  O OG   . SER A 1 20 ? 1.624   13.614  -6.626  1.00 0.00 ? 20 SER A OG   1 
ATOM 331  H H    . SER A 1 20 ? 2.923   10.032  -5.395  1.00 0.00 ? 20 SER A H    1 
ATOM 332  H HA   . SER A 1 20 ? 3.661   12.092  -7.353  1.00 0.00 ? 20 SER A HA   1 
ATOM 333  H HB2  . SER A 1 20 ? 1.314   11.570  -6.561  1.00 0.00 ? 20 SER A HB2  1 
ATOM 334  H HB3  . SER A 1 20 ? 1.677   12.313  -4.997  1.00 0.00 ? 20 SER A HB3  1 
ATOM 335  H HG   . SER A 1 20 ? 2.378   14.197  -6.461  1.00 0.00 ? 20 SER A HG   1 
ATOM 336  N N    . GLN A 1 21 ? 4.772   12.883  -4.318  1.00 0.00 ? 21 GLN A N    1 
ATOM 337  C CA   . GLN A 1 21 ? 5.745   13.773  -3.629  1.00 0.00 ? 21 GLN A CA   1 
ATOM 338  C C    . GLN A 1 21 ? 7.260   13.455  -3.934  1.00 0.00 ? 21 GLN A C    1 
ATOM 339  O O    . GLN A 1 21 ? 8.034   14.387  -4.155  1.00 0.00 ? 21 GLN A O    1 
ATOM 340  C CB   . GLN A 1 21 ? 5.504   13.690  -2.093  1.00 0.00 ? 21 GLN A CB   1 
ATOM 341  C CG   . GLN A 1 21 ? 4.167   14.292  -1.611  1.00 0.00 ? 21 GLN A CG   1 
ATOM 342  C CD   . GLN A 1 21 ? 3.881   14.057  -0.136  1.00 0.00 ? 21 GLN A CD   1 
ATOM 343  O OE1  . GLN A 1 21 ? 3.969   14.946  0.700   1.00 0.00 ? 21 GLN A OE1  1 
ATOM 344  N NE2  . GLN A 1 21 ? 3.498   12.863  0.235   1.00 0.00 ? 21 GLN A NE2  1 
ATOM 345  H H    . GLN A 1 21 ? 4.397   12.027  -3.892  1.00 0.00 ? 21 GLN A H    1 
ATOM 346  H HA   . GLN A 1 21 ? 5.588   14.825  -3.945  1.00 0.00 ? 21 GLN A HA   1 
ATOM 347  H HB2  . GLN A 1 21 ? 5.594   12.633  -1.769  1.00 0.00 ? 21 GLN A HB2  1 
ATOM 348  H HB3  . GLN A 1 21 ? 6.327   14.219  -1.568  1.00 0.00 ? 21 GLN A HB3  1 
ATOM 349  H HG2  . GLN A 1 21 ? 4.164   15.384  -1.793  1.00 0.00 ? 21 GLN A HG2  1 
ATOM 350  H HG3  . GLN A 1 21 ? 3.316   13.908  -2.203  1.00 0.00 ? 21 GLN A HG3  1 
ATOM 351  H HE21 . GLN A 1 21 ? 3.360   12.185  -0.521  1.00 0.00 ? 21 GLN A HE21 1 
ATOM 352  H HE22 . GLN A 1 21 ? 3.225   12.788  1.218   1.00 0.00 ? 21 GLN A HE22 1 
ATOM 353  N N    . THR A 1 22 ? 7.671   12.181  -3.883  1.00 0.00 ? 22 THR A N    1 
ATOM 354  C CA   . THR A 1 22 ? 9.098   11.768  -3.996  1.00 0.00 ? 22 THR A CA   1 
ATOM 355  C C    . THR A 1 22 ? 9.530   11.052  -5.333  1.00 0.00 ? 22 THR A C    1 
ATOM 356  O O    . THR A 1 22 ? 10.733  10.946  -5.582  1.00 0.00 ? 22 THR A O    1 
ATOM 357  C CB   . THR A 1 22 ? 9.516   10.826  -2.802  1.00 0.00 ? 22 THR A CB   1 
ATOM 358  O OG1  . THR A 1 22 ? 8.865   9.558   -2.846  1.00 0.00 ? 22 THR A OG1  1 
ATOM 359  C CG2  . THR A 1 22 ? 9.295   11.397  -1.406  1.00 0.00 ? 22 THR A CG2  1 
ATOM 360  H H    . THR A 1 22 ? 6.914   11.504  -3.719  1.00 0.00 ? 22 THR A H    1 
ATOM 361  H HA   . THR A 1 22 ? 9.760   12.655  -3.924  1.00 0.00 ? 22 THR A HA   1 
ATOM 362  H HB   . THR A 1 22 ? 10.607  10.642  -2.909  1.00 0.00 ? 22 THR A HB   1 
ATOM 363  H HG1  . THR A 1 22 ? 7.910   9.716   -2.885  1.00 0.00 ? 22 THR A HG1  1 
ATOM 364  H HG21 . THR A 1 22 ? 9.785   12.378  -1.271  1.00 0.00 ? 22 THR A HG21 1 
ATOM 365  H HG22 . THR A 1 22 ? 8.223   11.531  -1.170  1.00 0.00 ? 22 THR A HG22 1 
ATOM 366  H HG23 . THR A 1 22 ? 9.707   10.715  -0.641  1.00 0.00 ? 22 THR A HG23 1 
ATOM 367  N N    . GLY A 1 23 ? 8.601   10.502  -6.129  1.00 0.00 ? 23 GLY A N    1 
ATOM 368  C CA   . GLY A 1 23 ? 8.928   9.508   -7.184  1.00 0.00 ? 23 GLY A CA   1 
ATOM 369  C C    . GLY A 1 23 ? 8.787   8.017   -6.797  1.00 0.00 ? 23 GLY A C    1 
ATOM 370  O O    . GLY A 1 23 ? 8.265   7.224   -7.582  1.00 0.00 ? 23 GLY A O    1 
ATOM 371  H H    . GLY A 1 23 ? 7.630   10.748  -5.886  1.00 0.00 ? 23 GLY A H    1 
ATOM 372  H HA2  . GLY A 1 23 ? 8.257   9.688   -8.044  1.00 0.00 ? 23 GLY A HA2  1 
ATOM 373  H HA3  . GLY A 1 23 ? 9.945   9.665   -7.592  1.00 0.00 ? 23 GLY A HA3  1 
ATOM 374  N N    . MET A 1 24 ? 9.298   7.639   -5.625  1.00 0.00 ? 24 MET A N    1 
ATOM 375  C CA   . MET A 1 24 ? 9.361   6.233   -5.158  1.00 0.00 ? 24 MET A CA   1 
ATOM 376  C C    . MET A 1 24 ? 8.175   5.765   -4.239  1.00 0.00 ? 24 MET A C    1 
ATOM 377  O O    . MET A 1 24 ? 7.567   6.604   -3.567  1.00 0.00 ? 24 MET A O    1 
ATOM 378  C CB   . MET A 1 24 ? 10.751  6.033   -4.488  1.00 0.00 ? 24 MET A CB   1 
ATOM 379  C CG   . MET A 1 24 ? 11.015  6.796   -3.179  1.00 0.00 ? 24 MET A CG   1 
ATOM 380  S SD   . MET A 1 24 ? 12.704  6.477   -2.634  1.00 0.00 ? 24 MET A SD   1 
ATOM 381  C CE   . MET A 1 24 ? 13.554  7.866   -3.404  1.00 0.00 ? 24 MET A CE   1 
ATOM 382  H H    . MET A 1 24 ? 9.562   8.428   -5.023  1.00 0.00 ? 24 MET A H    1 
ATOM 383  H HA   . MET A 1 24 ? 9.354   5.578   -6.053  1.00 0.00 ? 24 MET A HA   1 
ATOM 384  H HB2  . MET A 1 24 ? 10.909  4.956   -4.292  1.00 0.00 ? 24 MET A HB2  1 
ATOM 385  H HB3  . MET A 1 24 ? 11.536  6.294   -5.225  1.00 0.00 ? 24 MET A HB3  1 
ATOM 386  H HG2  . MET A 1 24 ? 10.854  7.885   -3.293  1.00 0.00 ? 24 MET A HG2  1 
ATOM 387  H HG3  . MET A 1 24 ? 10.310  6.477   -2.390  1.00 0.00 ? 24 MET A HG3  1 
ATOM 388  H HE1  . MET A 1 24 ? 13.423  7.854   -4.501  1.00 0.00 ? 24 MET A HE1  1 
ATOM 389  H HE2  . MET A 1 24 ? 13.164  8.829   -3.030  1.00 0.00 ? 24 MET A HE2  1 
ATOM 390  H HE3  . MET A 1 24 ? 14.638  7.830   -3.191  1.00 0.00 ? 24 MET A HE3  1 
ATOM 391  N N    . PRO A 1 25 ? 7.828   4.450   -4.143  1.00 0.00 ? 25 PRO A N    1 
ATOM 392  C CA   . PRO A 1 25 ? 6.790   3.961   -3.173  1.00 0.00 ? 25 PRO A CA   1 
ATOM 393  C C    . PRO A 1 25 ? 7.226   3.890   -1.673  1.00 0.00 ? 25 PRO A C    1 
ATOM 394  O O    . PRO A 1 25 ? 8.428   3.880   -1.399  1.00 0.00 ? 25 PRO A O    1 
ATOM 395  C CB   . PRO A 1 25 ? 6.463   2.565   -3.758  1.00 0.00 ? 25 PRO A CB   1 
ATOM 396  C CG   . PRO A 1 25 ? 7.776   2.096   -4.422  1.00 0.00 ? 25 PRO A CG   1 
ATOM 397  C CD   . PRO A 1 25 ? 8.359   3.382   -5.019  1.00 0.00 ? 25 PRO A CD   1 
ATOM 398  H HA   . PRO A 1 25 ? 5.899   4.609   -3.256  1.00 0.00 ? 25 PRO A HA   1 
ATOM 399  H HB2  . PRO A 1 25 ? 6.086   1.846   -3.009  1.00 0.00 ? 25 PRO A HB2  1 
ATOM 400  H HB3  . PRO A 1 25 ? 5.672   2.672   -4.524  1.00 0.00 ? 25 PRO A HB3  1 
ATOM 401  H HG2  . PRO A 1 25 ? 8.466   1.699   -3.653  1.00 0.00 ? 25 PRO A HG2  1 
ATOM 402  H HG3  . PRO A 1 25 ? 7.620   1.310   -5.181  1.00 0.00 ? 25 PRO A HG3  1 
ATOM 403  H HD2  . PRO A 1 25 ? 9.465   3.351   -5.031  1.00 0.00 ? 25 PRO A HD2  1 
ATOM 404  H HD3  . PRO A 1 25 ? 8.005   3.533   -6.058  1.00 0.00 ? 25 PRO A HD3  1 
ATOM 405  N N    . PRO A 1 26 ? 6.314   3.844   -0.665  1.00 0.00 ? 26 PRO A N    1 
ATOM 406  C CA   . PRO A 1 26 ? 6.717   3.846   0.778   1.00 0.00 ? 26 PRO A CA   1 
ATOM 407  C C    . PRO A 1 26 ? 7.111   2.461   1.362   1.00 0.00 ? 26 PRO A C    1 
ATOM 408  O O    . PRO A 1 26 ? 6.773   1.396   0.835   1.00 0.00 ? 26 PRO A O    1 
ATOM 409  C CB   . PRO A 1 26 ? 5.431   4.433   1.430   1.00 0.00 ? 26 PRO A CB   1 
ATOM 410  C CG   . PRO A 1 26 ? 4.276   3.882   0.563   1.00 0.00 ? 26 PRO A CG   1 
ATOM 411  C CD   . PRO A 1 26 ? 4.852   3.898   -0.863  1.00 0.00 ? 26 PRO A CD   1 
ATOM 412  H HA   . PRO A 1 26 ? 7.555   4.558   0.929   1.00 0.00 ? 26 PRO A HA   1 
ATOM 413  H HB2  . PRO A 1 26 ? 5.319   4.182   2.500   1.00 0.00 ? 26 PRO A HB2  1 
ATOM 414  H HB3  . PRO A 1 26 ? 5.465   5.538   1.359   1.00 0.00 ? 26 PRO A HB3  1 
ATOM 415  H HG2  . PRO A 1 26 ? 4.043   2.842   0.865   1.00 0.00 ? 26 PRO A HG2  1 
ATOM 416  H HG3  . PRO A 1 26 ? 3.348   4.475   0.659   1.00 0.00 ? 26 PRO A HG3  1 
ATOM 417  H HD2  . PRO A 1 26 ? 4.486   3.042   -1.462  1.00 0.00 ? 26 PRO A HD2  1 
ATOM 418  H HD3  . PRO A 1 26 ? 4.570   4.828   -1.391  1.00 0.00 ? 26 PRO A HD3  1 
ATOM 419  N N    . THR A 1 27 ? 7.790   2.496   2.511   1.00 0.00 ? 27 THR A N    1 
ATOM 420  C CA   . THR A 1 27 ? 8.039   1.285   3.338   1.00 0.00 ? 27 THR A CA   1 
ATOM 421  C C    . THR A 1 27 ? 6.763   0.789   4.116   1.00 0.00 ? 27 THR A C    1 
ATOM 422  O O    . THR A 1 27 ? 5.870   1.569   4.463   1.00 0.00 ? 27 THR A O    1 
ATOM 423  C CB   . THR A 1 27 ? 9.188   1.525   4.383   1.00 0.00 ? 27 THR A CB   1 
ATOM 424  O OG1  . THR A 1 27 ? 8.867   2.561   5.307   1.00 0.00 ? 27 THR A OG1  1 
ATOM 425  C CG2  . THR A 1 27 ? 10.548  1.881   3.802   1.00 0.00 ? 27 THR A CG2  1 
ATOM 426  H H    . THR A 1 27 ? 8.084   3.434   2.803   1.00 0.00 ? 27 THR A H    1 
ATOM 427  H HA   . THR A 1 27 ? 8.363   0.459   2.673   1.00 0.00 ? 27 THR A HA   1 
ATOM 428  H HB   . THR A 1 27 ? 9.316   0.582   4.956   1.00 0.00 ? 27 THR A HB   1 
ATOM 429  H HG1  . THR A 1 27 ? 9.028   3.386   4.824   1.00 0.00 ? 27 THR A HG1  1 
ATOM 430  H HG21 . THR A 1 27 ? 10.902  1.135   3.071   1.00 0.00 ? 27 THR A HG21 1 
ATOM 431  H HG22 . THR A 1 27 ? 10.548  2.858   3.286   1.00 0.00 ? 27 THR A HG22 1 
ATOM 432  H HG23 . THR A 1 27 ? 11.312  1.943   4.597   1.00 0.00 ? 27 THR A HG23 1 
ATOM 433  N N    . ARG A 1 28 ? 6.740   -0.497  4.480   1.00 0.00 ? 28 ARG A N    1 
ATOM 434  C CA   . ARG A 1 28 ? 5.747   -1.047  5.450   1.00 0.00 ? 28 ARG A CA   1 
ATOM 435  C C    . ARG A 1 28 ? 5.740   -0.392  6.893   1.00 0.00 ? 28 ARG A C    1 
ATOM 436  O O    . ARG A 1 28 ? 4.671   -0.301  7.501   1.00 0.00 ? 28 ARG A O    1 
ATOM 437  C CB   . ARG A 1 28 ? 5.956   -2.578  5.533   1.00 0.00 ? 28 ARG A CB   1 
ATOM 438  C CG   . ARG A 1 28 ? 5.359   -3.427  4.391   1.00 0.00 ? 28 ARG A CG   1 
ATOM 439  C CD   . ARG A 1 28 ? 5.928   -3.249  2.977   1.00 0.00 ? 28 ARG A CD   1 
ATOM 440  N NE   . ARG A 1 28 ? 7.336   -3.695  2.889   1.00 0.00 ? 28 ARG A NE   1 
ATOM 441  C CZ   . ARG A 1 28 ? 8.076   -3.685  1.789   1.00 0.00 ? 28 ARG A CZ   1 
ATOM 442  N NH1  . ARG A 1 28 ? 7.683   -3.239  0.632   1.00 0.00 ? 28 ARG A NH1  1 
ATOM 443  N NH2  . ARG A 1 28 ? 9.270   -4.158  1.872   1.00 0.00 ? 28 ARG A NH2  1 
ATOM 444  H H    . ARG A 1 28 ? 7.384   -1.119  3.975   1.00 0.00 ? 28 ARG A H    1 
ATOM 445  H HA   . ARG A 1 28 ? 4.730   -0.856  5.051   1.00 0.00 ? 28 ARG A HA   1 
ATOM 446  H HB2  . ARG A 1 28 ? 7.030   -2.821  5.660   1.00 0.00 ? 28 ARG A HB2  1 
ATOM 447  H HB3  . ARG A 1 28 ? 5.486   -2.959  6.462   1.00 0.00 ? 28 ARG A HB3  1 
ATOM 448  H HG2  . ARG A 1 28 ? 5.467   -4.495  4.672   1.00 0.00 ? 28 ARG A HG2  1 
ATOM 449  H HG3  . ARG A 1 28 ? 4.265   -3.264  4.354   1.00 0.00 ? 28 ARG A HG3  1 
ATOM 450  H HD2  . ARG A 1 28 ? 5.321   -3.866  2.285   1.00 0.00 ? 28 ARG A HD2  1 
ATOM 451  H HD3  . ARG A 1 28 ? 5.815   -2.207  2.619   1.00 0.00 ? 28 ARG A HD3  1 
ATOM 452  H HH11 . ARG A 1 28 ? 6.736   -2.861  0.623   1.00 0.00 ? 28 ARG A HH11 1 
ATOM 453  H HH12 . ARG A 1 28 ? 8.362   -3.307  -0.128  1.00 0.00 ? 28 ARG A HH12 1 
ATOM 454  H HH21 . ARG A 1 28 ? 9.501   -4.495  2.807   1.00 0.00 ? 28 ARG A HH21 1 
ATOM 455  H HH22 . ARG A 1 28 ? 9.847   -4.111  1.027   1.00 0.00 ? 28 ARG A HH22 1 
ATOM 456  N N    . ALA A 1 29 ? 6.889   0.097   7.392   1.00 0.00 ? 29 ALA A N    1 
ATOM 457  C CA   . ALA A 1 29 ? 6.935   1.028   8.550   1.00 0.00 ? 29 ALA A CA   1 
ATOM 458  C C    . ALA A 1 29 ? 6.226   2.414   8.358   1.00 0.00 ? 29 ALA A C    1 
ATOM 459  O O    . ALA A 1 29 ? 5.431   2.788   9.219   1.00 0.00 ? 29 ALA A O    1 
ATOM 460  C CB   . ALA A 1 29 ? 8.416   1.188   8.927   1.00 0.00 ? 29 ALA A CB   1 
ATOM 461  H H    . ALA A 1 29 ? 7.666   0.024   6.729   1.00 0.00 ? 29 ALA A H    1 
ATOM 462  H HA   . ALA A 1 29 ? 6.429   0.537   9.407   1.00 0.00 ? 29 ALA A HA   1 
ATOM 463  H HB1  . ALA A 1 29 ? 8.886   0.216   9.164   1.00 0.00 ? 29 ALA A HB1  1 
ATOM 464  H HB2  . ALA A 1 29 ? 9.010   1.658   8.121   1.00 0.00 ? 29 ALA A HB2  1 
ATOM 465  H HB3  . ALA A 1 29 ? 8.538   1.824   9.824   1.00 0.00 ? 29 ALA A HB3  1 
ATOM 466  N N    . GLU A 1 30 ? 6.447   3.128   7.239   1.00 0.00 ? 30 GLU A N    1 
ATOM 467  C CA   . GLU A 1 30 ? 5.617   4.312   6.852   1.00 0.00 ? 30 GLU A CA   1 
ATOM 468  C C    . GLU A 1 30 ? 4.067   4.054   6.740   1.00 0.00 ? 30 GLU A C    1 
ATOM 469  O O    . GLU A 1 30 ? 3.291   4.854   7.263   1.00 0.00 ? 30 GLU A O    1 
ATOM 470  C CB   . GLU A 1 30 ? 6.150   4.881   5.509   1.00 0.00 ? 30 GLU A CB   1 
ATOM 471  C CG   . GLU A 1 30 ? 7.468   5.673   5.616   1.00 0.00 ? 30 GLU A CG   1 
ATOM 472  C CD   . GLU A 1 30 ? 8.200   5.770   4.287   1.00 0.00 ? 30 GLU A CD   1 
ATOM 473  O OE1  . GLU A 1 30 ? 8.982   4.912   3.895   1.00 0.00 ? 30 GLU A OE1  1 
ATOM 474  O OE2  . GLU A 1 30 ? 7.883   6.885   3.580   1.00 0.00 ? 30 GLU A OE2  1 
ATOM 475  H H    . GLU A 1 30 ? 7.091   2.676   6.577   1.00 0.00 ? 30 GLU A H    1 
ATOM 476  H HA   . GLU A 1 30 ? 5.731   5.089   7.635   1.00 0.00 ? 30 GLU A HA   1 
ATOM 477  H HB2  . GLU A 1 30 ? 6.235   4.054   4.776   1.00 0.00 ? 30 GLU A HB2  1 
ATOM 478  H HB3  . GLU A 1 30 ? 5.394   5.563   5.068   1.00 0.00 ? 30 GLU A HB3  1 
ATOM 479  H HG2  . GLU A 1 30 ? 7.267   6.689   6.007   1.00 0.00 ? 30 GLU A HG2  1 
ATOM 480  H HG3  . GLU A 1 30 ? 8.158   5.209   6.344   1.00 0.00 ? 30 GLU A HG3  1 
ATOM 481  H HE2  . GLU A 1 30 ? 8.352   6.860   2.740   1.00 0.00 ? 30 GLU A HE2  1 
ATOM 482  N N    . ILE A 1 31 ? 3.635   2.943   6.125   1.00 0.00 ? 31 ILE A N    1 
ATOM 483  C CA   . ILE A 1 31 ? 2.197   2.516   6.118   1.00 0.00 ? 31 ILE A CA   1 
ATOM 484  C C    . ILE A 1 31 ? 1.608   2.269   7.557   1.00 0.00 ? 31 ILE A C    1 
ATOM 485  O O    . ILE A 1 31 ? 0.528   2.787   7.851   1.00 0.00 ? 31 ILE A O    1 
ATOM 486  C CB   . ILE A 1 31 ? 1.986   1.302   5.141   1.00 0.00 ? 31 ILE A CB   1 
ATOM 487  C CG1  . ILE A 1 31 ? 2.396   1.652   3.673   1.00 0.00 ? 31 ILE A CG1  1 
ATOM 488  C CG2  . ILE A 1 31 ? 0.504   0.839   5.098   1.00 0.00 ? 31 ILE A CG2  1 
ATOM 489  C CD1  . ILE A 1 31 ? 2.634   0.433   2.786   1.00 0.00 ? 31 ILE A CD1  1 
ATOM 490  H H    . ILE A 1 31 ? 4.386   2.379   5.706   1.00 0.00 ? 31 ILE A H    1 
ATOM 491  H HA   . ILE A 1 31 ? 1.606   3.352   5.702   1.00 0.00 ? 31 ILE A HA   1 
ATOM 492  H HB   . ILE A 1 31 ? 2.610   0.459   5.504   1.00 0.00 ? 31 ILE A HB   1 
ATOM 493  H HG12 . ILE A 1 31 ? 1.639   2.315   3.209   1.00 0.00 ? 31 ILE A HG12 1 
ATOM 494  H HG13 . ILE A 1 31 ? 3.330   2.248   3.651   1.00 0.00 ? 31 ILE A HG13 1 
ATOM 495  H HG21 . ILE A 1 31 ? 0.074   0.645   6.094   1.00 0.00 ? 31 ILE A HG21 1 
ATOM 496  H HG22 . ILE A 1 31 ? -0.149  1.596   4.626   1.00 0.00 ? 31 ILE A HG22 1 
ATOM 497  H HG23 . ILE A 1 31 ? 0.386   -0.103  4.533   1.00 0.00 ? 31 ILE A HG23 1 
ATOM 498  H HD11 . ILE A 1 31 ? 1.751   -0.222  2.715   1.00 0.00 ? 31 ILE A HD11 1 
ATOM 499  H HD12 . ILE A 1 31 ? 2.884   0.752   1.759   1.00 0.00 ? 31 ILE A HD12 1 
ATOM 500  H HD13 . ILE A 1 31 ? 3.478   -0.180  3.149   1.00 0.00 ? 31 ILE A HD13 1 
ATOM 501  N N    . ALA A 1 32 ? 2.299   1.524   8.434   1.00 0.00 ? 32 ALA A N    1 
ATOM 502  C CA   . ALA A 1 32 ? 1.915   1.415   9.862   1.00 0.00 ? 32 ALA A CA   1 
ATOM 503  C C    . ALA A 1 32 ? 1.942   2.732   10.717  1.00 0.00 ? 32 ALA A C    1 
ATOM 504  O O    . ALA A 1 32 ? 0.995   2.991   11.462  1.00 0.00 ? 32 ALA A O    1 
ATOM 505  C CB   . ALA A 1 32 ? 2.787   0.310   10.476  1.00 0.00 ? 32 ALA A CB   1 
ATOM 506  H H    . ALA A 1 32 ? 3.195   1.169   8.074   1.00 0.00 ? 32 ALA A H    1 
ATOM 507  H HA   . ALA A 1 32 ? 0.872   1.050   9.893   1.00 0.00 ? 32 ALA A HA   1 
ATOM 508  H HB1  . ALA A 1 32 ? 2.695   -0.640  9.916   1.00 0.00 ? 32 ALA A HB1  1 
ATOM 509  H HB2  . ALA A 1 32 ? 3.860   0.578   10.489  1.00 0.00 ? 32 ALA A HB2  1 
ATOM 510  H HB3  . ALA A 1 32 ? 2.492   0.094   11.520  1.00 0.00 ? 32 ALA A HB3  1 
ATOM 511  N N    . GLN A 1 33 ? 3.004   3.539   10.611  1.00 0.00 ? 33 GLN A N    1 
ATOM 512  C CA   . GLN A 1 33 ? 3.173   4.780   11.408  1.00 0.00 ? 33 GLN A CA   1 
ATOM 513  C C    . GLN A 1 33 ? 2.330   6.014   10.930  1.00 0.00 ? 33 GLN A C    1 
ATOM 514  O O    . GLN A 1 33 ? 1.703   6.657   11.774  1.00 0.00 ? 33 GLN A O    1 
ATOM 515  C CB   . GLN A 1 33 ? 4.686   5.148   11.452  1.00 0.00 ? 33 GLN A CB   1 
ATOM 516  C CG   . GLN A 1 33 ? 5.561   4.163   12.264  1.00 0.00 ? 33 GLN A CG   1 
ATOM 517  C CD   . GLN A 1 33 ? 7.047   4.476   12.207  1.00 0.00 ? 33 GLN A CD   1 
ATOM 518  O OE1  . GLN A 1 33 ? 7.792   3.977   11.372  1.00 0.00 ? 33 GLN A OE1  1 
ATOM 519  N NE2  . GLN A 1 33 ? 7.546   5.297   13.095  1.00 0.00 ? 33 GLN A NE2  1 
ATOM 520  H H    . GLN A 1 33 ? 3.730   3.199   9.964   1.00 0.00 ? 33 GLN A H    1 
ATOM 521  H HA   . GLN A 1 33 ? 2.846   4.585   12.450  1.00 0.00 ? 33 GLN A HA   1 
ATOM 522  H HB2  . GLN A 1 33 ? 5.075   5.237   10.417  1.00 0.00 ? 33 GLN A HB2  1 
ATOM 523  H HB3  . GLN A 1 33 ? 4.800   6.161   11.889  1.00 0.00 ? 33 GLN A HB3  1 
ATOM 524  H HG2  . GLN A 1 33 ? 5.217   4.109   13.314  1.00 0.00 ? 33 GLN A HG2  1 
ATOM 525  H HG3  . GLN A 1 33 ? 5.434   3.136   11.875  1.00 0.00 ? 33 GLN A HG3  1 
ATOM 526  H HE21 . GLN A 1 33 ? 6.888   5.719   13.754  1.00 0.00 ? 33 GLN A HE21 1 
ATOM 527  H HE22 . GLN A 1 33 ? 8.547   5.471   12.984  1.00 0.00 ? 33 GLN A HE22 1 
ATOM 528  N N    . ARG A 1 34 ? 2.329   6.362   9.632   1.00 0.00 ? 34 ARG A N    1 
ATOM 529  C CA   . ARG A 1 34 ? 1.597   7.557   9.119   1.00 0.00 ? 34 ARG A CA   1 
ATOM 530  C C    . ARG A 1 34 ? 0.031   7.437   9.083   1.00 0.00 ? 34 ARG A C    1 
ATOM 531  O O    . ARG A 1 34 ? -0.648  8.404   9.432   1.00 0.00 ? 34 ARG A O    1 
ATOM 532  C CB   . ARG A 1 34 ? 2.141   7.976   7.725   1.00 0.00 ? 34 ARG A CB   1 
ATOM 533  C CG   . ARG A 1 34 ? 3.623   8.410   7.719   1.00 0.00 ? 34 ARG A CG   1 
ATOM 534  C CD   . ARG A 1 34 ? 4.063   9.127   6.434   1.00 0.00 ? 34 ARG A CD   1 
ATOM 535  N NE   . ARG A 1 34 ? 4.159   8.195   5.287   1.00 0.00 ? 34 ARG A NE   1 
ATOM 536  C CZ   . ARG A 1 34 ? 4.588   8.517   4.078   1.00 0.00 ? 34 ARG A CZ   1 
ATOM 537  N NH1  . ARG A 1 34 ? 5.013   9.697   3.734   1.00 0.00 ? 34 ARG A NH1  1 
ATOM 538  N NH2  . ARG A 1 34 ? 4.581   7.597   3.178   1.00 0.00 ? 34 ARG A NH2  1 
ATOM 539  H H    . ARG A 1 34 ? 2.798   5.699   8.999   1.00 0.00 ? 34 ARG A H    1 
ATOM 540  H HA   . ARG A 1 34 ? 1.797   8.404   9.809   1.00 0.00 ? 34 ARG A HA   1 
ATOM 541  H HB2  . ARG A 1 34 ? 1.990   7.162   6.989   1.00 0.00 ? 34 ARG A HB2  1 
ATOM 542  H HB3  . ARG A 1 34 ? 1.523   8.815   7.346   1.00 0.00 ? 34 ARG A HB3  1 
ATOM 543  H HG2  . ARG A 1 34 ? 3.814   9.090   8.571   1.00 0.00 ? 34 ARG A HG2  1 
ATOM 544  H HG3  . ARG A 1 34 ? 4.277   7.533   7.898   1.00 0.00 ? 34 ARG A HG3  1 
ATOM 545  H HD2  . ARG A 1 34 ? 3.371   9.961   6.197   1.00 0.00 ? 34 ARG A HD2  1 
ATOM 546  H HD3  . ARG A 1 34 ? 5.052   9.592   6.616   1.00 0.00 ? 34 ARG A HD3  1 
ATOM 547  H HH11 . ARG A 1 34 ? 4.977   10.384  4.486   1.00 0.00 ? 34 ARG A HH11 1 
ATOM 548  H HH12 . ARG A 1 34 ? 5.328   9.804   2.767   1.00 0.00 ? 34 ARG A HH12 1 
ATOM 549  H HH21 . ARG A 1 34 ? 4.189   6.718   3.517   1.00 0.00 ? 34 ARG A HH21 1 
ATOM 550  H HH22 . ARG A 1 34 ? 4.925   7.857   2.253   1.00 0.00 ? 34 ARG A HH22 1 
ATOM 551  N N    . LEU A 1 35 ? -0.528  6.285   8.693   1.00 0.00 ? 35 LEU A N    1 
ATOM 552  C CA   . LEU A 1 35 ? -1.992  6.021   8.815   1.00 0.00 ? 35 LEU A CA   1 
ATOM 553  C C    . LEU A 1 35 ? -2.536  5.649   10.250  1.00 0.00 ? 35 LEU A C    1 
ATOM 554  O O    . LEU A 1 35 ? -3.751  5.719   10.461  1.00 0.00 ? 35 LEU A O    1 
ATOM 555  C CB   . LEU A 1 35 ? -2.373  4.895   7.814   1.00 0.00 ? 35 LEU A CB   1 
ATOM 556  C CG   . LEU A 1 35 ? -2.239  5.251   6.317   1.00 0.00 ? 35 LEU A CG   1 
ATOM 557  C CD1  . LEU A 1 35 ? -2.400  3.980   5.477   1.00 0.00 ? 35 LEU A CD1  1 
ATOM 558  C CD2  . LEU A 1 35 ? -3.263  6.296   5.865   1.00 0.00 ? 35 LEU A CD2  1 
ATOM 559  H H    . LEU A 1 35 ? 0.143   5.556   8.424   1.00 0.00 ? 35 LEU A H    1 
ATOM 560  H HA   . LEU A 1 35 ? -2.551  6.938   8.537   1.00 0.00 ? 35 LEU A HA   1 
ATOM 561  H HB2  . LEU A 1 35 ? -1.754  4.005   8.044   1.00 0.00 ? 35 LEU A HB2  1 
ATOM 562  H HB3  . LEU A 1 35 ? -3.413  4.558   8.005   1.00 0.00 ? 35 LEU A HB3  1 
ATOM 563  H HG   . LEU A 1 35 ? -1.222  5.649   6.124   1.00 0.00 ? 35 LEU A HG   1 
ATOM 564  H HD11 . LEU A 1 35 ? -1.643  3.219   5.741   1.00 0.00 ? 35 LEU A HD11 1 
ATOM 565  H HD12 . LEU A 1 35 ? -3.395  3.510   5.595   1.00 0.00 ? 35 LEU A HD12 1 
ATOM 566  H HD13 . LEU A 1 35 ? -2.264  4.199   4.403   1.00 0.00 ? 35 LEU A HD13 1 
ATOM 567  H HD21 . LEU A 1 35 ? -4.298  6.022   6.135   1.00 0.00 ? 35 LEU A HD21 1 
ATOM 568  H HD22 . LEU A 1 35 ? -3.066  7.285   6.316   1.00 0.00 ? 35 LEU A HD22 1 
ATOM 569  H HD23 . LEU A 1 35 ? -3.235  6.448   4.769   1.00 0.00 ? 35 LEU A HD23 1 
ATOM 570  N N    . GLY A 1 36 ? -1.674  5.260   11.200  1.00 0.00 ? 36 GLY A N    1 
ATOM 571  C CA   . GLY A 1 36 ? -2.083  4.981   12.596  1.00 0.00 ? 36 GLY A CA   1 
ATOM 572  C C    . GLY A 1 36 ? -2.542  3.545   12.882  1.00 0.00 ? 36 GLY A C    1 
ATOM 573  O O    . GLY A 1 36 ? -3.713  3.331   13.195  1.00 0.00 ? 36 GLY A O    1 
ATOM 574  H H    . GLY A 1 36 ? -0.693  5.322   10.900  1.00 0.00 ? 36 GLY A H    1 
ATOM 575  H HA2  . GLY A 1 36 ? -1.239  5.220   13.271  1.00 0.00 ? 36 GLY A HA2  1 
ATOM 576  H HA3  . GLY A 1 36 ? -2.885  5.677   12.913  1.00 0.00 ? 36 GLY A HA3  1 
ATOM 577  N N    . PHE A 1 37 ? -1.612  2.591   12.819  1.00 0.00 ? 37 PHE A N    1 
ATOM 578  C CA   . PHE A 1 37 ? -1.886  1.165   13.111  1.00 0.00 ? 37 PHE A CA   1 
ATOM 579  C C    . PHE A 1 37 ? -1.144  0.729   14.421  1.00 0.00 ? 37 PHE A C    1 
ATOM 580  O O    . PHE A 1 37 ? 0.086   0.797   14.507  1.00 0.00 ? 37 PHE A O    1 
ATOM 581  C CB   . PHE A 1 37 ? -1.383  0.278   11.940  1.00 0.00 ? 37 PHE A CB   1 
ATOM 582  C CG   . PHE A 1 37 ? -2.240  0.298   10.671  1.00 0.00 ? 37 PHE A CG   1 
ATOM 583  C CD1  . PHE A 1 37 ? -3.300  -0.610  10.533  1.00 0.00 ? 37 PHE A CD1  1 
ATOM 584  C CD2  . PHE A 1 37 ? -1.948  1.158   9.599   1.00 0.00 ? 37 PHE A CD2  1 
ATOM 585  C CE1  . PHE A 1 37 ? -4.027  -0.681  9.344   1.00 0.00 ? 37 PHE A CE1  1 
ATOM 586  C CE2  . PHE A 1 37 ? -2.661  1.069   8.401   1.00 0.00 ? 37 PHE A CE2  1 
ATOM 587  C CZ   . PHE A 1 37 ? -3.695  0.146   8.273   1.00 0.00 ? 37 PHE A CZ   1 
ATOM 588  H H    . PHE A 1 37 ? -0.711  2.909   12.435  1.00 0.00 ? 37 PHE A H    1 
ATOM 589  H HA   . PHE A 1 37 ? -2.973  0.983   13.238  1.00 0.00 ? 37 PHE A HA   1 
ATOM 590  H HB2  . PHE A 1 37 ? -0.333  0.534   11.705  1.00 0.00 ? 37 PHE A HB2  1 
ATOM 591  H HB3  . PHE A 1 37 ? -1.309  -0.774  12.283  1.00 0.00 ? 37 PHE A HB3  1 
ATOM 592  H HD1  . PHE A 1 37 ? -3.565  -1.268  11.351  1.00 0.00 ? 37 PHE A HD1  1 
ATOM 593  H HD2  . PHE A 1 37 ? -1.172  1.908   9.686   1.00 0.00 ? 37 PHE A HD2  1 
ATOM 594  H HE1  . PHE A 1 37 ? -4.865  -1.359  9.273   1.00 0.00 ? 37 PHE A HE1  1 
ATOM 595  H HE2  . PHE A 1 37 ? -2.424  1.736   7.582   1.00 0.00 ? 37 PHE A HE2  1 
ATOM 596  H HZ   . PHE A 1 37 ? -4.277  0.110   7.361   1.00 0.00 ? 37 PHE A HZ   1 
ATOM 597  N N    . ARG A 1 38 ? -1.888  0.198   15.396  1.00 0.00 ? 38 ARG A N    1 
ATOM 598  C CA   . ARG A 1 38 ? -1.294  -0.376  16.641  1.00 0.00 ? 38 ARG A CA   1 
ATOM 599  C C    . ARG A 1 38 ? -0.403  -1.664  16.443  1.00 0.00 ? 38 ARG A C    1 
ATOM 600  O O    . ARG A 1 38 ? 0.603   -1.819  17.135  1.00 0.00 ? 38 ARG A O    1 
ATOM 601  C CB   . ARG A 1 38 ? -2.429  -0.686  17.658  1.00 0.00 ? 38 ARG A CB   1 
ATOM 602  C CG   . ARG A 1 38 ? -3.289  0.522   18.097  1.00 0.00 ? 38 ARG A CG   1 
ATOM 603  C CD   . ARG A 1 38 ? -4.794  0.371   17.809  1.00 0.00 ? 38 ARG A CD   1 
ATOM 604  N NE   . ARG A 1 38 ? -5.129  0.261   16.366  1.00 0.00 ? 38 ARG A NE   1 
ATOM 605  C CZ   . ARG A 1 38 ? -5.234  1.264   15.509  1.00 0.00 ? 38 ARG A CZ   1 
ATOM 606  N NH1  . ARG A 1 38 ? -5.013  2.510   15.802  1.00 0.00 ? 38 ARG A NH1  1 
ATOM 607  N NH2  . ARG A 1 38 ? -5.554  0.976   14.295  1.00 0.00 ? 38 ARG A NH2  1 
ATOM 608  H H    . ARG A 1 38 ? -2.905  0.339   15.313  1.00 0.00 ? 38 ARG A H    1 
ATOM 609  H HA   . ARG A 1 38 ? -0.626  0.386   17.094  1.00 0.00 ? 38 ARG A HA   1 
ATOM 610  H HB2  . ARG A 1 38 ? -3.071  -1.493  17.251  1.00 0.00 ? 38 ARG A HB2  1 
ATOM 611  H HB3  . ARG A 1 38 ? -1.978  -1.131  18.568  1.00 0.00 ? 38 ARG A HB3  1 
ATOM 612  H HG2  . ARG A 1 38 ? -3.163  0.674   19.188  1.00 0.00 ? 38 ARG A HG2  1 
ATOM 613  H HG3  . ARG A 1 38 ? -2.924  1.469   17.651  1.00 0.00 ? 38 ARG A HG3  1 
ATOM 614  H HD2  . ARG A 1 38 ? -5.184  -0.533  18.320  1.00 0.00 ? 38 ARG A HD2  1 
ATOM 615  H HD3  . ARG A 1 38 ? -5.359  1.205   18.273  1.00 0.00 ? 38 ARG A HD3  1 
ATOM 616  H HH11 . ARG A 1 38 ? -4.738  2.666   16.771  1.00 0.00 ? 38 ARG A HH11 1 
ATOM 617  H HH12 . ARG A 1 38 ? -5.033  3.164   15.016  1.00 0.00 ? 38 ARG A HH12 1 
ATOM 618  H HH21 . ARG A 1 38 ? -5.763  -0.012  14.157  1.00 0.00 ? 38 ARG A HH21 1 
ATOM 619  H HH22 . ARG A 1 38 ? -5.622  1.755   13.634  1.00 0.00 ? 38 ARG A HH22 1 
ATOM 620  N N    . SER A 1 39 ? -0.786  -2.558  15.519  1.00 0.00 ? 39 SER A N    1 
ATOM 621  C CA   . SER A 1 39 ? 0.055   -3.700  15.098  1.00 0.00 ? 39 SER A CA   1 
ATOM 622  C C    . SER A 1 39 ? 0.504   -3.533  13.606  1.00 0.00 ? 39 SER A C    1 
ATOM 623  O O    . SER A 1 39 ? -0.368  -3.571  12.729  1.00 0.00 ? 39 SER A O    1 
ATOM 624  C CB   . SER A 1 39 ? -0.762  -5.005  15.278  1.00 0.00 ? 39 SER A CB   1 
ATOM 625  O OG   . SER A 1 39 ? -1.018  -5.259  16.660  1.00 0.00 ? 39 SER A OG   1 
ATOM 626  H H    . SER A 1 39 ? -1.532  -2.184  14.921  1.00 0.00 ? 39 SER A H    1 
ATOM 627  H HA   . SER A 1 39 ? 0.947   -3.808  15.747  1.00 0.00 ? 39 SER A HA   1 
ATOM 628  H HB2  . SER A 1 39 ? -1.717  -4.966  14.717  1.00 0.00 ? 39 SER A HB2  1 
ATOM 629  H HB3  . SER A 1 39 ? -0.203  -5.866  14.861  1.00 0.00 ? 39 SER A HB3  1 
ATOM 630  H HG   . SER A 1 39 ? -1.290  -4.419  17.044  1.00 0.00 ? 39 SER A HG   1 
ATOM 631  N N    . PRO A 1 40 ? 1.811   -3.408  13.249  1.00 0.00 ? 40 PRO A N    1 
ATOM 632  C CA   . PRO A 1 40 ? 2.273   -3.441  11.813  1.00 0.00 ? 40 PRO A CA   1 
ATOM 633  C C    . PRO A 1 40 ? 1.857   -4.621  10.890  1.00 0.00 ? 40 PRO A C    1 
ATOM 634  O O    . PRO A 1 40 ? 1.743   -4.431  9.677   1.00 0.00 ? 40 PRO A O    1 
ATOM 635  C CB   . PRO A 1 40 ? 3.813   -3.319  11.961  1.00 0.00 ? 40 PRO A CB   1 
ATOM 636  C CG   . PRO A 1 40 ? 3.997   -2.509  13.266  1.00 0.00 ? 40 PRO A CG   1 
ATOM 637  C CD   . PRO A 1 40 ? 2.896   -3.057  14.191  1.00 0.00 ? 40 PRO A CD   1 
ATOM 638  H HA   . PRO A 1 40 ? 1.902   -2.512  11.336  1.00 0.00 ? 40 PRO A HA   1 
ATOM 639  H HB2  . PRO A 1 40 ? 4.282   -4.318  12.073  1.00 0.00 ? 40 PRO A HB2  1 
ATOM 640  H HB3  . PRO A 1 40 ? 4.279   -2.832  11.086  1.00 0.00 ? 40 PRO A HB3  1 
ATOM 641  H HG2  . PRO A 1 40 ? 5.009   -2.613  13.698  1.00 0.00 ? 40 PRO A HG2  1 
ATOM 642  H HG3  . PRO A 1 40 ? 3.828   -1.431  13.077  1.00 0.00 ? 40 PRO A HG3  1 
ATOM 643  H HD2  . PRO A 1 40 ? 3.242   -3.958  14.735  1.00 0.00 ? 40 PRO A HD2  1 
ATOM 644  H HD3  . PRO A 1 40 ? 2.585   -2.300  14.940  1.00 0.00 ? 40 PRO A HD3  1 
ATOM 645  N N    . ASN A 1 41 ? 1.568   -5.805  11.447  1.00 0.00 ? 41 ASN A N    1 
ATOM 646  C CA   . ASN A 1 41 ? 0.872   -6.901  10.719  1.00 0.00 ? 41 ASN A CA   1 
ATOM 647  C C    . ASN A 1 41 ? -0.568  -6.581  10.156  1.00 0.00 ? 41 ASN A C    1 
ATOM 648  O O    . ASN A 1 41 ? -0.913  -7.135  9.114   1.00 0.00 ? 41 ASN A O    1 
ATOM 649  C CB   . ASN A 1 41 ? 0.816   -8.173  11.602  1.00 0.00 ? 41 ASN A CB   1 
ATOM 650  C CG   . ASN A 1 41 ? 2.165   -8.794  11.926  1.00 0.00 ? 41 ASN A CG   1 
ATOM 651  O OD1  . ASN A 1 41 ? 2.759   -8.528  12.962  1.00 0.00 ? 41 ASN A OD1  1 
ATOM 652  N ND2  . ASN A 1 41 ? 2.706   -9.619  11.067  1.00 0.00 ? 41 ASN A ND2  1 
ATOM 653  H H    . ASN A 1 41 ? 1.769   -5.845  12.453  1.00 0.00 ? 41 ASN A H    1 
ATOM 654  H HA   . ASN A 1 41 ? 1.480   -7.145  9.825   1.00 0.00 ? 41 ASN A HA   1 
ATOM 655  H HB2  . ASN A 1 41 ? 0.298   -7.954  12.554  1.00 0.00 ? 41 ASN A HB2  1 
ATOM 656  H HB3  . ASN A 1 41 ? 0.182   -8.943  11.119  1.00 0.00 ? 41 ASN A HB3  1 
ATOM 657  H HD21 . ASN A 1 41 ? 2.223   -9.771  10.178  1.00 0.00 ? 41 ASN A HD21 1 
ATOM 658  H HD22 . ASN A 1 41 ? 3.615   -9.983  11.362  1.00 0.00 ? 41 ASN A HD22 1 
ATOM 659  N N    . ALA A 1 42 ? -1.366  -5.702  10.785  1.00 0.00 ? 42 ALA A N    1 
ATOM 660  C CA   . ALA A 1 42 ? -2.598  -5.147  10.152  1.00 0.00 ? 42 ALA A CA   1 
ATOM 661  C C    . ALA A 1 42 ? -2.377  -4.233  8.894   1.00 0.00 ? 42 ALA A C    1 
ATOM 662  O O    . ALA A 1 42 ? -3.082  -4.406  7.898   1.00 0.00 ? 42 ALA A O    1 
ATOM 663  C CB   . ALA A 1 42 ? -3.374  -4.425  11.262  1.00 0.00 ? 42 ALA A CB   1 
ATOM 664  H H    . ALA A 1 42 ? -0.926  -5.236  11.588  1.00 0.00 ? 42 ALA A H    1 
ATOM 665  H HA   . ALA A 1 42 ? -3.226  -5.997  9.813   1.00 0.00 ? 42 ALA A HA   1 
ATOM 666  H HB1  . ALA A 1 42 ? -3.617  -5.105  12.099  1.00 0.00 ? 42 ALA A HB1  1 
ATOM 667  H HB2  . ALA A 1 42 ? -2.813  -3.572  11.686  1.00 0.00 ? 42 ALA A HB2  1 
ATOM 668  H HB3  . ALA A 1 42 ? -4.337  -4.024  10.892  1.00 0.00 ? 42 ALA A HB3  1 
ATOM 669  N N    . ALA A 1 43 ? -1.382  -3.330  8.915   1.00 0.00 ? 43 ALA A N    1 
ATOM 670  C CA   . ALA A 1 43 ? -0.880  -2.648  7.689   1.00 0.00 ? 43 ALA A CA   1 
ATOM 671  C C    . ALA A 1 43 ? -0.365  -3.585  6.537   1.00 0.00 ? 43 ALA A C    1 
ATOM 672  O O    . ALA A 1 43 ? -0.769  -3.414  5.385   1.00 0.00 ? 43 ALA A O    1 
ATOM 673  C CB   . ALA A 1 43 ? 0.212   -1.679  8.165   1.00 0.00 ? 43 ALA A CB   1 
ATOM 674  H H    . ALA A 1 43 ? -0.860  -3.316  9.797   1.00 0.00 ? 43 ALA A H    1 
ATOM 675  H HA   . ALA A 1 43 ? -1.708  -2.045  7.263   1.00 0.00 ? 43 ALA A HA   1 
ATOM 676  H HB1  . ALA A 1 43 ? -0.186  -0.935  8.877   1.00 0.00 ? 43 ALA A HB1  1 
ATOM 677  H HB2  . ALA A 1 43 ? 1.054   -2.191  8.662   1.00 0.00 ? 43 ALA A HB2  1 
ATOM 678  H HB3  . ALA A 1 43 ? 0.652   -1.107  7.330   1.00 0.00 ? 43 ALA A HB3  1 
ATOM 679  N N    . GLU A 1 44 ? 0.459   -4.591  6.869   1.00 0.00 ? 44 GLU A N    1 
ATOM 680  C CA   . GLU A 1 44 ? 0.796   -5.717  5.953   1.00 0.00 ? 44 GLU A CA   1 
ATOM 681  C C    . GLU A 1 44 ? -0.417  -6.559  5.414   1.00 0.00 ? 44 GLU A C    1 
ATOM 682  O O    . GLU A 1 44 ? -0.437  -6.856  4.222   1.00 0.00 ? 44 GLU A O    1 
ATOM 683  C CB   . GLU A 1 44 ? 1.823   -6.585  6.726   1.00 0.00 ? 44 GLU A CB   1 
ATOM 684  C CG   . GLU A 1 44 ? 2.486   -7.704  5.903   1.00 0.00 ? 44 GLU A CG   1 
ATOM 685  C CD   . GLU A 1 44 ? 3.403   -8.580  6.744   1.00 0.00 ? 44 GLU A CD   1 
ATOM 686  O OE1  . GLU A 1 44 ? 3.002   -9.410  7.554   1.00 0.00 ? 44 GLU A OE1  1 
ATOM 687  O OE2  . GLU A 1 44 ? 4.719   -8.338  6.499   1.00 0.00 ? 44 GLU A OE2  1 
ATOM 688  H H    . GLU A 1 44 ? 0.724   -4.585  7.862   1.00 0.00 ? 44 GLU A H    1 
ATOM 689  H HA   . GLU A 1 44 ? 1.303   -5.288  5.066   1.00 0.00 ? 44 GLU A HA   1 
ATOM 690  H HB2  . GLU A 1 44 ? 2.622   -5.931  7.139   1.00 0.00 ? 44 GLU A HB2  1 
ATOM 691  H HB3  . GLU A 1 44 ? 1.321   -7.030  7.607   1.00 0.00 ? 44 GLU A HB3  1 
ATOM 692  H HG2  . GLU A 1 44 ? 1.722   -8.363  5.454   1.00 0.00 ? 44 GLU A HG2  1 
ATOM 693  H HG3  . GLU A 1 44 ? 3.049   -7.285  5.048   1.00 0.00 ? 44 GLU A HG3  1 
ATOM 694  H HE2  . GLU A 1 44 ? 5.243   -8.927  7.043   1.00 0.00 ? 44 GLU A HE2  1 
ATOM 695  N N    . GLU A 1 45 ? -1.399  -6.928  6.249   1.00 0.00 ? 45 GLU A N    1 
ATOM 696  C CA   . GLU A 1 45 ? -2.640  -7.624  5.796   1.00 0.00 ? 45 GLU A CA   1 
ATOM 697  C C    . GLU A 1 45 ? -3.547  -6.824  4.801   1.00 0.00 ? 45 GLU A C    1 
ATOM 698  O O    . GLU A 1 45 ? -3.984  -7.404  3.805   1.00 0.00 ? 45 GLU A O    1 
ATOM 699  C CB   . GLU A 1 45 ? -3.388  -8.070  7.078   1.00 0.00 ? 45 GLU A CB   1 
ATOM 700  C CG   . GLU A 1 45 ? -4.568  -9.031  6.829   1.00 0.00 ? 45 GLU A CG   1 
ATOM 701  C CD   . GLU A 1 45 ? -5.245  -9.482  8.113   1.00 0.00 ? 45 GLU A CD   1 
ATOM 702  O OE1  . GLU A 1 45 ? -4.960  -10.514 8.711   1.00 0.00 ? 45 GLU A OE1  1 
ATOM 703  O OE2  . GLU A 1 45 ? -6.207  -8.615  8.526   1.00 0.00 ? 45 GLU A OE2  1 
ATOM 704  H H    . GLU A 1 45 ? -1.238  -6.683  7.235   1.00 0.00 ? 45 GLU A H    1 
ATOM 705  H HA   . GLU A 1 45 ? -2.320  -8.541  5.258   1.00 0.00 ? 45 GLU A HA   1 
ATOM 706  H HB2  . GLU A 1 45 ? -2.669  -8.574  7.758   1.00 0.00 ? 45 GLU A HB2  1 
ATOM 707  H HB3  . GLU A 1 45 ? -3.739  -7.176  7.633   1.00 0.00 ? 45 GLU A HB3  1 
ATOM 708  H HG2  . GLU A 1 45 ? -5.330  -8.566  6.175   1.00 0.00 ? 45 GLU A HG2  1 
ATOM 709  H HG3  . GLU A 1 45 ? -4.226  -9.931  6.286   1.00 0.00 ? 45 GLU A HG3  1 
ATOM 710  H HE2  . GLU A 1 45 ? -6.600  -8.970  9.324   1.00 0.00 ? 45 GLU A HE2  1 
ATOM 711  N N    . HIS A 1 46 ? -3.796  -5.524  5.028   1.00 0.00 ? 46 HIS A N    1 
ATOM 712  C CA   . HIS A 1 46 ? -4.413  -4.639  3.995   1.00 0.00 ? 46 HIS A CA   1 
ATOM 713  C C    . HIS A 1 46 ? -3.567  -4.442  2.683   1.00 0.00 ? 46 HIS A C    1 
ATOM 714  O O    . HIS A 1 46 ? -4.147  -4.469  1.597   1.00 0.00 ? 46 HIS A O    1 
ATOM 715  C CB   . HIS A 1 46 ? -4.771  -3.267  4.608   1.00 0.00 ? 46 HIS A CB   1 
ATOM 716  C CG   . HIS A 1 46 ? -5.967  -3.289  5.564   1.00 0.00 ? 46 HIS A CG   1 
ATOM 717  N ND1  . HIS A 1 46 ? -7.256  -3.633  5.177   1.00 0.00 ? 46 HIS A ND1  1 
ATOM 718  C CD2  . HIS A 1 46 ? -5.929  -2.991  6.933   1.00 0.00 ? 46 HIS A CD2  1 
ATOM 719  C CE1  . HIS A 1 46 ? -7.887  -3.531  6.387   1.00 0.00 ? 46 HIS A CE1  1 
ATOM 720  N NE2  . HIS A 1 46 ? -7.178  -3.148  7.492   1.00 0.00 ? 46 HIS A NE2  1 
ATOM 721  H H    . HIS A 1 46 ? -3.411  -5.164  5.911   1.00 0.00 ? 46 HIS A H    1 
ATOM 722  H HA   . HIS A 1 46 ? -5.355  -5.118  3.654   1.00 0.00 ? 46 HIS A HA   1 
ATOM 723  H HB2  . HIS A 1 46 ? -3.887  -2.831  5.112   1.00 0.00 ? 46 HIS A HB2  1 
ATOM 724  H HB3  . HIS A 1 46 ? -5.023  -2.552  3.804   1.00 0.00 ? 46 HIS A HB3  1 
ATOM 725  H HD2  . HIS A 1 46 ? -5.034  -2.693  7.456   1.00 0.00 ? 46 HIS A HD2  1 
ATOM 726  H HE1  . HIS A 1 46 ? -8.943  -3.756  6.457   1.00 0.00 ? 46 HIS A HE1  1 
ATOM 727  H HE2  . HIS A 1 46 ? -7.492  -3.025  8.460   1.00 0.00 ? 46 HIS A HE2  1 
ATOM 728  N N    . LEU A 1 47 ? -2.236  -4.300  2.775   1.00 0.00 ? 47 LEU A N    1 
ATOM 729  C CA   . LEU A 1 47 ? -1.326  -4.408  1.598   1.00 0.00 ? 47 LEU A CA   1 
ATOM 730  C C    . LEU A 1 47 ? -1.401  -5.763  0.801   1.00 0.00 ? 47 LEU A C    1 
ATOM 731  O O    . LEU A 1 47 ? -1.534  -5.734  -0.425  1.00 0.00 ? 47 LEU A O    1 
ATOM 732  C CB   . LEU A 1 47 ? 0.100   -4.086  2.116   1.00 0.00 ? 47 LEU A CB   1 
ATOM 733  C CG   . LEU A 1 47 ? 1.157   -3.827  1.027   1.00 0.00 ? 47 LEU A CG   1 
ATOM 734  C CD1  . LEU A 1 47 ? 0.967   -2.463  0.364   1.00 0.00 ? 47 LEU A CD1  1 
ATOM 735  C CD2  . LEU A 1 47 ? 2.565   -3.883  1.634   1.00 0.00 ? 47 LEU A CD2  1 
ATOM 736  H H    . LEU A 1 47 ? -1.881  -4.296  3.740   1.00 0.00 ? 47 LEU A H    1 
ATOM 737  H HA   . LEU A 1 47 ? -1.629  -3.619  0.885   1.00 0.00 ? 47 LEU A HA   1 
ATOM 738  H HB2  . LEU A 1 47 ? 0.070   -3.210  2.796   1.00 0.00 ? 47 LEU A HB2  1 
ATOM 739  H HB3  . LEU A 1 47 ? 0.433   -4.923  2.760   1.00 0.00 ? 47 LEU A HB3  1 
ATOM 740  H HG   . LEU A 1 47 ? 1.096   -4.612  0.247   1.00 0.00 ? 47 LEU A HG   1 
ATOM 741  H HD11 . LEU A 1 47 ? -0.032  -2.347  -0.089  1.00 0.00 ? 47 LEU A HD11 1 
ATOM 742  H HD12 . LEU A 1 47 ? 1.091   -1.626  1.072   1.00 0.00 ? 47 LEU A HD12 1 
ATOM 743  H HD13 . LEU A 1 47 ? 1.695   -2.313  -0.453  1.00 0.00 ? 47 LEU A HD13 1 
ATOM 744  H HD21 . LEU A 1 47 ? 2.776   -4.865  2.096   1.00 0.00 ? 47 LEU A HD21 1 
ATOM 745  H HD22 . LEU A 1 47 ? 3.342   -3.727  0.863   1.00 0.00 ? 47 LEU A HD22 1 
ATOM 746  H HD23 . LEU A 1 47 ? 2.719   -3.112  2.412   1.00 0.00 ? 47 LEU A HD23 1 
ATOM 747  N N    . LYS A 1 48 ? -1.374  -6.918  1.479   1.00 0.00 ? 48 LYS A N    1 
ATOM 748  C CA   . LYS A 1 48 ? -1.705  -8.239  0.873   1.00 0.00 ? 48 LYS A CA   1 
ATOM 749  C C    . LYS A 1 48 ? -3.114  -8.326  0.183   1.00 0.00 ? 48 LYS A C    1 
ATOM 750  O O    . LYS A 1 48 ? -3.174  -8.747  -0.970  1.00 0.00 ? 48 LYS A O    1 
ATOM 751  C CB   . LYS A 1 48 ? -1.558  -9.339  1.956   1.00 0.00 ? 48 LYS A CB   1 
ATOM 752  C CG   . LYS A 1 48 ? -0.103  -9.662  2.352   1.00 0.00 ? 48 LYS A CG   1 
ATOM 753  C CD   . LYS A 1 48 ? -0.058  -10.537 3.618   1.00 0.00 ? 48 LYS A CD   1 
ATOM 754  C CE   . LYS A 1 48 ? 1.367   -10.995 3.939   1.00 0.00 ? 48 LYS A CE   1 
ATOM 755  N NZ   . LYS A 1 48 ? 1.370   -11.725 5.224   1.00 0.00 ? 48 LYS A NZ   1 
ATOM 756  H H    . LYS A 1 48 ? -1.203  -6.816  2.490   1.00 0.00 ? 48 LYS A H    1 
ATOM 757  H HA   . LYS A 1 48 ? -0.967  -8.447  0.071   1.00 0.00 ? 48 LYS A HA   1 
ATOM 758  H HB2  . LYS A 1 48 ? -2.154  -9.059  2.848   1.00 0.00 ? 48 LYS A HB2  1 
ATOM 759  H HB3  . LYS A 1 48 ? -2.021  -10.279 1.594   1.00 0.00 ? 48 LYS A HB3  1 
ATOM 760  H HG2  . LYS A 1 48 ? 0.400   -10.172 1.507   1.00 0.00 ? 48 LYS A HG2  1 
ATOM 761  H HG3  . LYS A 1 48 ? 0.475   -8.734  2.531   1.00 0.00 ? 48 LYS A HG3  1 
ATOM 762  H HD2  . LYS A 1 48 ? -0.481  -9.961  4.464   1.00 0.00 ? 48 LYS A HD2  1 
ATOM 763  H HD3  . LYS A 1 48 ? -0.713  -11.421 3.491   1.00 0.00 ? 48 LYS A HD3  1 
ATOM 764  H HE2  . LYS A 1 48 ? 1.744   -11.653 3.130   1.00 0.00 ? 48 LYS A HE2  1 
ATOM 765  H HE3  . LYS A 1 48 ? 2.060   -10.134 3.983   1.00 0.00 ? 48 LYS A HE3  1 
ATOM 766  H HZ1  . LYS A 1 48 ? 1.053   -11.122 5.992   1.00 0.00 ? 48 LYS A HZ1  1 
ATOM 767  H HZ2  . LYS A 1 48 ? 2.316   -12.027 5.486   1.00 0.00 ? 48 LYS A HZ2  1 
ATOM 768  N N    . ALA A 1 49 ? -4.202  -7.875  0.830   1.00 0.00 ? 49 ALA A N    1 
ATOM 769  C CA   . ALA A 1 49 ? -5.521  -7.699  0.166   1.00 0.00 ? 49 ALA A CA   1 
ATOM 770  C C    . ALA A 1 49 ? -5.580  -6.794  -1.118  1.00 0.00 ? 49 ALA A C    1 
ATOM 771  O O    . ALA A 1 49 ? -6.306  -7.135  -2.053  1.00 0.00 ? 49 ALA A O    1 
ATOM 772  C CB   . ALA A 1 49 ? -6.488  -7.204  1.253   1.00 0.00 ? 49 ALA A CB   1 
ATOM 773  H H    . ALA A 1 49 ? -4.019  -7.554  1.791   1.00 0.00 ? 49 ALA A H    1 
ATOM 774  H HA   . ALA A 1 49 ? -5.870  -8.701  -0.152  1.00 0.00 ? 49 ALA A HA   1 
ATOM 775  H HB1  . ALA A 1 49 ? -6.500  -7.879  2.130   1.00 0.00 ? 49 ALA A HB1  1 
ATOM 776  H HB2  . ALA A 1 49 ? -6.224  -6.196  1.621   1.00 0.00 ? 49 ALA A HB2  1 
ATOM 777  H HB3  . ALA A 1 49 ? -7.527  -7.149  0.883   1.00 0.00 ? 49 ALA A HB3  1 
ATOM 778  N N    . LEU A 1 50 ? -4.816  -5.691  -1.181  1.00 0.00 ? 50 LEU A N    1 
ATOM 779  C CA   . LEU A 1 50 ? -4.586  -4.933  -2.441  1.00 0.00 ? 50 LEU A CA   1 
ATOM 780  C C    . LEU A 1 50 ? -3.878  -5.751  -3.598  1.00 0.00 ? 50 LEU A C    1 
ATOM 781  O O    . LEU A 1 50 ? -4.379  -5.756  -4.725  1.00 0.00 ? 50 LEU A O    1 
ATOM 782  C CB   . LEU A 1 50 ? -3.762  -3.656  -2.126  1.00 0.00 ? 50 LEU A CB   1 
ATOM 783  C CG   . LEU A 1 50 ? -4.397  -2.572  -1.238  1.00 0.00 ? 50 LEU A CG   1 
ATOM 784  C CD1  . LEU A 1 50 ? -3.338  -1.502  -0.922  1.00 0.00 ? 50 LEU A CD1  1 
ATOM 785  C CD2  . LEU A 1 50 ? -5.585  -1.892  -1.909  1.00 0.00 ? 50 LEU A CD2  1 
ATOM 786  H H    . LEU A 1 50 ? -4.254  -5.523  -0.337  1.00 0.00 ? 50 LEU A H    1 
ATOM 787  H HA   . LEU A 1 50 ? -5.568  -4.636  -2.858  1.00 0.00 ? 50 LEU A HA   1 
ATOM 788  H HB2  . LEU A 1 50 ? -2.802  -3.968  -1.674  1.00 0.00 ? 50 LEU A HB2  1 
ATOM 789  H HB3  . LEU A 1 50 ? -3.472  -3.178  -3.076  1.00 0.00 ? 50 LEU A HB3  1 
ATOM 790  H HG   . LEU A 1 50 ? -4.726  -3.015  -0.280  1.00 0.00 ? 50 LEU A HG   1 
ATOM 791  H HD11 . LEU A 1 50 ? -2.462  -1.926  -0.403  1.00 0.00 ? 50 LEU A HD11 1 
ATOM 792  H HD12 . LEU A 1 50 ? -2.960  -0.995  -1.830  1.00 0.00 ? 50 LEU A HD12 1 
ATOM 793  H HD13 . LEU A 1 50 ? -3.741  -0.716  -0.259  1.00 0.00 ? 50 LEU A HD13 1 
ATOM 794  H HD21 . LEU A 1 50 ? -6.380  -2.606  -2.171  1.00 0.00 ? 50 LEU A HD21 1 
ATOM 795  H HD22 . LEU A 1 50 ? -6.050  -1.137  -1.252  1.00 0.00 ? 50 LEU A HD22 1 
ATOM 796  H HD23 . LEU A 1 50 ? -5.300  -1.368  -2.837  1.00 0.00 ? 50 LEU A HD23 1 
ATOM 797  N N    . ALA A 1 51 ? -2.762  -6.443  -3.318  1.00 0.00 ? 51 ALA A N    1 
ATOM 798  C CA   . ALA A 1 51 ? -2.145  -7.395  -4.280  1.00 0.00 ? 51 ALA A CA   1 
ATOM 799  C C    . ALA A 1 51 ? -3.013  -8.632  -4.707  1.00 0.00 ? 51 ALA A C    1 
ATOM 800  O O    . ALA A 1 51 ? -3.066  -8.945  -5.896  1.00 0.00 ? 51 ALA A O    1 
ATOM 801  C CB   . ALA A 1 51 ? -0.804  -7.822  -3.660  1.00 0.00 ? 51 ALA A CB   1 
ATOM 802  H H    . ALA A 1 51 ? -2.474  -6.394  -2.332  1.00 0.00 ? 51 ALA A H    1 
ATOM 803  H HA   . ALA A 1 51 ? -1.913  -6.842  -5.214  1.00 0.00 ? 51 ALA A HA   1 
ATOM 804  H HB1  . ALA A 1 51 ? -0.159  -6.949  -3.447  1.00 0.00 ? 51 ALA A HB1  1 
ATOM 805  H HB2  . ALA A 1 51 ? -0.935  -8.375  -2.711  1.00 0.00 ? 51 ALA A HB2  1 
ATOM 806  H HB3  . ALA A 1 51 ? -0.232  -8.476  -4.343  1.00 0.00 ? 51 ALA A HB3  1 
ATOM 807  N N    . ARG A 1 52 ? -3.703  -9.285  -3.762  1.00 0.00 ? 52 ARG A N    1 
ATOM 808  C CA   . ARG A 1 52 ? -4.657  -10.394 -4.042  1.00 0.00 ? 52 ARG A CA   1 
ATOM 809  C C    . ARG A 1 52 ? -5.915  -10.024 -4.915  1.00 0.00 ? 52 ARG A C    1 
ATOM 810  O O    . ARG A 1 52 ? -6.298  -10.829 -5.764  1.00 0.00 ? 52 ARG A O    1 
ATOM 811  C CB   . ARG A 1 52 ? -5.111  -11.001 -2.683  1.00 0.00 ? 52 ARG A CB   1 
ATOM 812  C CG   . ARG A 1 52 ? -4.008  -11.760 -1.913  1.00 0.00 ? 52 ARG A CG   1 
ATOM 813  C CD   . ARG A 1 52 ? -4.423  -12.056 -0.464  1.00 0.00 ? 52 ARG A CD   1 
ATOM 814  N NE   . ARG A 1 52 ? -3.289  -12.724 0.216   1.00 0.00 ? 52 ARG A NE   1 
ATOM 815  C CZ   . ARG A 1 52 ? -3.210  -12.985 1.509   1.00 0.00 ? 52 ARG A CZ   1 
ATOM 816  N NH1  . ARG A 1 52 ? -4.132  -12.686 2.378   1.00 0.00 ? 52 ARG A NH1  1 
ATOM 817  N NH2  . ARG A 1 52 ? -2.143  -13.572 1.928   1.00 0.00 ? 52 ARG A NH2  1 
ATOM 818  H H    . ARG A 1 52 ? -3.522  -8.949  -2.804  1.00 0.00 ? 52 ARG A H    1 
ATOM 819  H HA   . ARG A 1 52 ? -4.122  -11.180 -4.614  1.00 0.00 ? 52 ARG A HA   1 
ATOM 820  H HB2  . ARG A 1 52 ? -5.536  -10.192 -2.056  1.00 0.00 ? 52 ARG A HB2  1 
ATOM 821  H HB3  . ARG A 1 52 ? -5.953  -11.702 -2.853  1.00 0.00 ? 52 ARG A HB3  1 
ATOM 822  H HG2  . ARG A 1 52 ? -3.752  -12.701 -2.437  1.00 0.00 ? 52 ARG A HG2  1 
ATOM 823  H HG3  . ARG A 1 52 ? -3.066  -11.174 -1.895  1.00 0.00 ? 52 ARG A HG3  1 
ATOM 824  H HD2  . ARG A 1 52 ? -4.680  -11.111 0.055   1.00 0.00 ? 52 ARG A HD2  1 
ATOM 825  H HD3  . ARG A 1 52 ? -5.323  -12.704 -0.437  1.00 0.00 ? 52 ARG A HD3  1 
ATOM 826  H HH11 . ARG A 1 52 ? -4.949  -12.242 1.959   1.00 0.00 ? 52 ARG A HH11 1 
ATOM 827  H HH12 . ARG A 1 52 ? -3.963  -12.961 3.344   1.00 0.00 ? 52 ARG A HH12 1 
ATOM 828  H HH21 . ARG A 1 52 ? -1.487  -13.756 1.167   1.00 0.00 ? 52 ARG A HH21 1 
ATOM 829  H HH22 . ARG A 1 52 ? -2.060  -13.775 2.922   1.00 0.00 ? 52 ARG A HH22 1 
ATOM 830  N N    . LYS A 1 53 ? -6.527  -8.842  -4.732  1.00 0.00 ? 53 LYS A N    1 
ATOM 831  C CA   . LYS A 1 53 ? -7.531  -8.307  -5.699  1.00 0.00 ? 53 LYS A CA   1 
ATOM 832  C C    . LYS A 1 53 ? -6.963  -7.889  -7.113  1.00 0.00 ? 53 LYS A C    1 
ATOM 833  O O    . LYS A 1 53 ? -7.641  -8.117  -8.115  1.00 0.00 ? 53 LYS A O    1 
ATOM 834  C CB   . LYS A 1 53 ? -8.292  -7.111  -5.059  1.00 0.00 ? 53 LYS A CB   1 
ATOM 835  C CG   . LYS A 1 53 ? -9.268  -7.524  -3.938  1.00 0.00 ? 53 LYS A CG   1 
ATOM 836  C CD   . LYS A 1 53 ? -10.067 -6.322  -3.403  1.00 0.00 ? 53 LYS A CD   1 
ATOM 837  C CE   . LYS A 1 53 ? -11.064 -6.765  -2.326  1.00 0.00 ? 53 LYS A CE   1 
ATOM 838  N NZ   . LYS A 1 53 ? -11.806 -5.596  -1.821  1.00 0.00 ? 53 LYS A NZ   1 
ATOM 839  H H    . LYS A 1 53 ? -6.146  -8.275  -3.965  1.00 0.00 ? 53 LYS A H    1 
ATOM 840  H HA   . LYS A 1 53 ? -8.271  -9.104  -5.916  1.00 0.00 ? 53 LYS A HA   1 
ATOM 841  H HB2  . LYS A 1 53 ? -7.571  -6.356  -4.687  1.00 0.00 ? 53 LYS A HB2  1 
ATOM 842  H HB3  . LYS A 1 53 ? -8.873  -6.592  -5.848  1.00 0.00 ? 53 LYS A HB3  1 
ATOM 843  H HG2  . LYS A 1 53 ? -9.967  -8.295  -4.320  1.00 0.00 ? 53 LYS A HG2  1 
ATOM 844  H HG3  . LYS A 1 53 ? -8.713  -8.005  -3.108  1.00 0.00 ? 53 LYS A HG3  1 
ATOM 845  H HD2  . LYS A 1 53 ? -9.370  -5.559  -3.004  1.00 0.00 ? 53 LYS A HD2  1 
ATOM 846  H HD3  . LYS A 1 53 ? -10.608 -5.830  -4.237  1.00 0.00 ? 53 LYS A HD3  1 
ATOM 847  H HE2  . LYS A 1 53 ? -11.778 -7.504  -2.741  1.00 0.00 ? 53 LYS A HE2  1 
ATOM 848  H HE3  . LYS A 1 53 ? -10.549 -7.274  -1.488  1.00 0.00 ? 53 LYS A HE3  1 
ATOM 849  H HZ1  . LYS A 1 53 ? -11.172 -4.957  -1.325  1.00 0.00 ? 53 LYS A HZ1  1 
ATOM 850  H HZ2  . LYS A 1 53 ? -12.187 -5.044  -2.609  1.00 0.00 ? 53 LYS A HZ2  1 
ATOM 851  N N    . GLY A 1 54 ? -5.768  -7.285  -7.176  1.00 0.00 ? 54 GLY A N    1 
ATOM 852  C CA   . GLY A 1 54 ? -5.074  -6.983  -8.456  1.00 0.00 ? 54 GLY A CA   1 
ATOM 853  C C    . GLY A 1 54 ? -4.744  -5.507  -8.767  1.00 0.00 ? 54 GLY A C    1 
ATOM 854  O O    . GLY A 1 54 ? -4.806  -5.107  -9.929  1.00 0.00 ? 54 GLY A O    1 
ATOM 855  H H    . GLY A 1 54 ? -5.285  -7.289  -6.268  1.00 0.00 ? 54 GLY A H    1 
ATOM 856  H HA2  . GLY A 1 54 ? -4.117  -7.536  -8.471  1.00 0.00 ? 54 GLY A HA2  1 
ATOM 857  H HA3  . GLY A 1 54 ? -5.628  -7.388  -9.326  1.00 0.00 ? 54 GLY A HA3  1 
ATOM 858  N N    . VAL A 1 55 ? -4.347  -4.727  -7.757  1.00 0.00 ? 55 VAL A N    1 
ATOM 859  C CA   . VAL A 1 55 ? -4.014  -3.279  -7.922  1.00 0.00 ? 55 VAL A CA   1 
ATOM 860  C C    . VAL A 1 55 ? -2.494  -2.885  -7.720  1.00 0.00 ? 55 VAL A C    1 
ATOM 861  O O    . VAL A 1 55 ? -2.095  -1.806  -8.165  1.00 0.00 ? 55 VAL A O    1 
ATOM 862  C CB   . VAL A 1 55 ? -4.949  -2.359  -7.068  1.00 0.00 ? 55 VAL A CB   1 
ATOM 863  C CG1  . VAL A 1 55 ? -6.429  -2.431  -7.500  1.00 0.00 ? 55 VAL A CG1  1 
ATOM 864  C CG2  . VAL A 1 55 ? -4.879  -2.540  -5.551  1.00 0.00 ? 55 VAL A CG2  1 
ATOM 865  H H    . VAL A 1 55 ? -4.495  -5.155  -6.835  1.00 0.00 ? 55 VAL A H    1 
ATOM 866  H HA   . VAL A 1 55 ? -4.203  -2.973  -8.973  1.00 0.00 ? 55 VAL A HA   1 
ATOM 867  H HB   . VAL A 1 55 ? -4.628  -1.319  -7.273  1.00 0.00 ? 55 VAL A HB   1 
ATOM 868  H HG11 . VAL A 1 55 ? -6.547  -2.247  -8.582  1.00 0.00 ? 55 VAL A HG11 1 
ATOM 869  H HG12 . VAL A 1 55 ? -6.887  -3.416  -7.289  1.00 0.00 ? 55 VAL A HG12 1 
ATOM 870  H HG13 . VAL A 1 55 ? -7.040  -1.668  -6.983  1.00 0.00 ? 55 VAL A HG13 1 
ATOM 871  H HG21 . VAL A 1 55 ? -3.842  -2.484  -5.177  1.00 0.00 ? 55 VAL A HG21 1 
ATOM 872  H HG22 . VAL A 1 55 ? -5.442  -1.737  -5.043  1.00 0.00 ? 55 VAL A HG22 1 
ATOM 873  H HG23 . VAL A 1 55 ? -5.308  -3.499  -5.214  1.00 0.00 ? 55 VAL A HG23 1 
ATOM 874  N N    . ILE A 1 56 ? -1.680  -3.723  -7.065  1.00 0.00 ? 56 ILE A N    1 
ATOM 875  C CA   . ILE A 1 56 ? -0.242  -3.444  -6.779  1.00 0.00 ? 56 ILE A CA   1 
ATOM 876  C C    . ILE A 1 56 ? 0.634   -4.751  -6.907  1.00 0.00 ? 56 ILE A C    1 
ATOM 877  O O    . ILE A 1 56 ? 0.166   -5.858  -6.624  1.00 0.00 ? 56 ILE A O    1 
ATOM 878  C CB   . ILE A 1 56 ? 0.002   -2.804  -5.346  1.00 0.00 ? 56 ILE A CB   1 
ATOM 879  C CG1  . ILE A 1 56 ? -0.579  -3.654  -4.192  1.00 0.00 ? 56 ILE A CG1  1 
ATOM 880  C CG2  . ILE A 1 56 ? -0.504  -1.349  -5.287  1.00 0.00 ? 56 ILE A CG2  1 
ATOM 881  C CD1  . ILE A 1 56 ? -0.073  -3.305  -2.801  1.00 0.00 ? 56 ILE A CD1  1 
ATOM 882  H H    . ILE A 1 56 ? -2.127  -4.608  -6.803  1.00 0.00 ? 56 ILE A H    1 
ATOM 883  H HA   . ILE A 1 56 ? 0.151   -2.735  -7.536  1.00 0.00 ? 56 ILE A HA   1 
ATOM 884  H HB   . ILE A 1 56 ? 1.106   -2.750  -5.221  1.00 0.00 ? 56 ILE A HB   1 
ATOM 885  H HG12 . ILE A 1 56 ? -1.682  -3.612  -4.223  1.00 0.00 ? 56 ILE A HG12 1 
ATOM 886  H HG13 . ILE A 1 56 ? -0.353  -4.724  -4.362  1.00 0.00 ? 56 ILE A HG13 1 
ATOM 887  H HG21 . ILE A 1 56 ? -0.088  -0.743  -6.110  1.00 0.00 ? 56 ILE A HG21 1 
ATOM 888  H HG22 . ILE A 1 56 ? -1.603  -1.282  -5.358  1.00 0.00 ? 56 ILE A HG22 1 
ATOM 889  H HG23 . ILE A 1 56 ? -0.207  -0.847  -4.350  1.00 0.00 ? 56 ILE A HG23 1 
ATOM 890  H HD11 . ILE A 1 56 ? -0.305  -2.268  -2.503  1.00 0.00 ? 56 ILE A HD11 1 
ATOM 891  H HD12 . ILE A 1 56 ? -0.527  -3.968  -2.043  1.00 0.00 ? 56 ILE A HD12 1 
ATOM 892  H HD13 . ILE A 1 56 ? 1.017   -3.447  -2.709  1.00 0.00 ? 56 ILE A HD13 1 
ATOM 893  N N    . GLU A 1 57 ? 1.925   -4.599  -7.240  1.00 0.00 ? 57 GLU A N    1 
ATOM 894  C CA   . GLU A 1 57 ? 2.932   -5.667  -6.995  1.00 0.00 ? 57 GLU A CA   1 
ATOM 895  C C    . GLU A 1 57 ? 3.780   -5.329  -5.723  1.00 0.00 ? 57 GLU A C    1 
ATOM 896  O O    . GLU A 1 57 ? 4.461   -4.302  -5.678  1.00 0.00 ? 57 GLU A O    1 
ATOM 897  C CB   . GLU A 1 57 ? 3.839   -5.821  -8.247  1.00 0.00 ? 57 GLU A CB   1 
ATOM 898  C CG   . GLU A 1 57 ? 4.659   -7.130  -8.219  1.00 0.00 ? 57 GLU A CG   1 
ATOM 899  C CD   . GLU A 1 57 ? 5.716   -7.254  -9.299  1.00 0.00 ? 57 GLU A CD   1 
ATOM 900  O OE1  . GLU A 1 57 ? 6.914   -7.358  -9.056  1.00 0.00 ? 57 GLU A OE1  1 
ATOM 901  O OE2  . GLU A 1 57 ? 5.181   -7.264  -10.552 1.00 0.00 ? 57 GLU A OE2  1 
ATOM 902  H H    . GLU A 1 57 ? 2.197   -3.627  -7.448  1.00 0.00 ? 57 GLU A H    1 
ATOM 903  H HA   . GLU A 1 57 ? 2.422   -6.643  -6.842  1.00 0.00 ? 57 GLU A HA   1 
ATOM 904  H HB2  . GLU A 1 57 ? 3.216   -5.799  -9.161  1.00 0.00 ? 57 GLU A HB2  1 
ATOM 905  H HB3  . GLU A 1 57 ? 4.513   -4.946  -8.335  1.00 0.00 ? 57 GLU A HB3  1 
ATOM 906  H HG2  . GLU A 1 57 ? 5.186   -7.233  -7.250  1.00 0.00 ? 57 GLU A HG2  1 
ATOM 907  H HG3  . GLU A 1 57 ? 3.995   -8.012  -8.276  1.00 0.00 ? 57 GLU A HG3  1 
ATOM 908  H HE2  . GLU A 1 57 ? 4.235   -7.140  -10.504 1.00 0.00 ? 57 GLU A HE2  1 
ATOM 909  N N    . ILE A 1 58 ? 3.775   -6.218  -4.724  1.00 0.00 ? 58 ILE A N    1 
ATOM 910  C CA   . ILE A 1 58 ? 4.674   -6.093  -3.534  1.00 0.00 ? 58 ILE A CA   1 
ATOM 911  C C    . ILE A 1 58 ? 6.055   -6.749  -3.905  1.00 0.00 ? 58 ILE A C    1 
ATOM 912  O O    . ILE A 1 58 ? 6.177   -7.978  -3.971  1.00 0.00 ? 58 ILE A O    1 
ATOM 913  C CB   . ILE A 1 58 ? 4.045   -6.755  -2.251  1.00 0.00 ? 58 ILE A CB   1 
ATOM 914  C CG1  . ILE A 1 58 ? 2.636   -6.199  -1.893  1.00 0.00 ? 58 ILE A CG1  1 
ATOM 915  C CG2  . ILE A 1 58 ? 4.969   -6.553  -1.016  1.00 0.00 ? 58 ILE A CG2  1 
ATOM 916  C CD1  . ILE A 1 58 ? 1.831   -7.130  -0.980  1.00 0.00 ? 58 ILE A CD1  1 
ATOM 917  H H    . ILE A 1 58 ? 3.162   -7.027  -4.860  1.00 0.00 ? 58 ILE A H    1 
ATOM 918  H HA   . ILE A 1 58 ? 4.835   -5.019  -3.300  1.00 0.00 ? 58 ILE A HA   1 
ATOM 919  H HB   . ILE A 1 58 ? 3.956   -7.846  -2.443  1.00 0.00 ? 58 ILE A HB   1 
ATOM 920  H HG12 . ILE A 1 58 ? 2.713   -5.188  -1.447  1.00 0.00 ? 58 ILE A HG12 1 
ATOM 921  H HG13 . ILE A 1 58 ? 2.028   -6.046  -2.807  1.00 0.00 ? 58 ILE A HG13 1 
ATOM 922  H HG21 . ILE A 1 58 ? 5.972   -6.991  -1.163  1.00 0.00 ? 58 ILE A HG21 1 
ATOM 923  H HG22 . ILE A 1 58 ? 5.117   -5.484  -0.771  1.00 0.00 ? 58 ILE A HG22 1 
ATOM 924  H HG23 . ILE A 1 58 ? 4.560   -7.040  -0.112  1.00 0.00 ? 58 ILE A HG23 1 
ATOM 925  H HD11 . ILE A 1 58 ? 1.748   -8.153  -1.394  1.00 0.00 ? 58 ILE A HD11 1 
ATOM 926  H HD12 . ILE A 1 58 ? 2.259   -7.220  0.033   1.00 0.00 ? 58 ILE A HD12 1 
ATOM 927  H HD13 . ILE A 1 58 ? 0.798   -6.760  -0.856  1.00 0.00 ? 58 ILE A HD13 1 
ATOM 928  N N    . VAL A 1 59 ? 7.079   -5.921  -4.135  1.00 0.00 ? 59 VAL A N    1 
ATOM 929  C CA   . VAL A 1 59 ? 8.445   -6.397  -4.517  1.00 0.00 ? 59 VAL A CA   1 
ATOM 930  C C    . VAL A 1 59 ? 9.182   -6.880  -3.219  1.00 0.00 ? 59 VAL A C    1 
ATOM 931  O O    . VAL A 1 59 ? 9.784   -6.097  -2.478  1.00 0.00 ? 59 VAL A O    1 
ATOM 932  C CB   . VAL A 1 59 ? 9.210   -5.275  -5.294  1.00 0.00 ? 59 VAL A CB   1 
ATOM 933  C CG1  . VAL A 1 59 ? 10.631  -5.711  -5.727  1.00 0.00 ? 59 VAL A CG1  1 
ATOM 934  C CG2  . VAL A 1 59 ? 8.488   -4.831  -6.591  1.00 0.00 ? 59 VAL A CG2  1 
ATOM 935  H H    . VAL A 1 59 ? 6.893   -4.926  -3.947  1.00 0.00 ? 59 VAL A H    1 
ATOM 936  H HA   . VAL A 1 59 ? 8.346   -7.257  -5.215  1.00 0.00 ? 59 VAL A HA   1 
ATOM 937  H HB   . VAL A 1 59 ? 9.313   -4.388  -4.636  1.00 0.00 ? 59 VAL A HB   1 
ATOM 938  H HG11 . VAL A 1 59 ? 11.270  -5.979  -4.867  1.00 0.00 ? 59 VAL A HG11 1 
ATOM 939  H HG12 . VAL A 1 59 ? 10.613  -6.586  -6.403  1.00 0.00 ? 59 VAL A HG12 1 
ATOM 940  H HG13 . VAL A 1 59 ? 11.157  -4.897  -6.260  1.00 0.00 ? 59 VAL A HG13 1 
ATOM 941  H HG21 . VAL A 1 59 ? 8.354   -5.664  -7.308  1.00 0.00 ? 59 VAL A HG21 1 
ATOM 942  H HG22 . VAL A 1 59 ? 7.482   -4.419  -6.397  1.00 0.00 ? 59 VAL A HG22 1 
ATOM 943  H HG23 . VAL A 1 59 ? 9.046   -4.039  -7.124  1.00 0.00 ? 59 VAL A HG23 1 
ATOM 944  N N    . SER A 1 60 ? 9.067   -8.185  -2.942  1.00 0.00 ? 60 SER A N    1 
ATOM 945  C CA   . SER A 1 60 ? 9.388   -8.757  -1.608  1.00 0.00 ? 60 SER A CA   1 
ATOM 946  C C    . SER A 1 60 ? 10.915  -8.982  -1.409  1.00 0.00 ? 60 SER A C    1 
ATOM 947  O O    . SER A 1 60 ? 11.510  -9.918  -1.948  1.00 0.00 ? 60 SER A O    1 
ATOM 948  C CB   . SER A 1 60 ? 8.565   -10.058 -1.455  1.00 0.00 ? 60 SER A CB   1 
ATOM 949  O OG   . SER A 1 60 ? 7.161   -9.788  -1.437  1.00 0.00 ? 60 SER A OG   1 
ATOM 950  H H    . SER A 1 60 ? 8.504   -8.693  -3.632  1.00 0.00 ? 60 SER A H    1 
ATOM 951  H HA   . SER A 1 60 ? 9.012   -8.069  -0.819  1.00 0.00 ? 60 SER A HA   1 
ATOM 952  H HB2  . SER A 1 60 ? 8.806   -10.785 -2.257  1.00 0.00 ? 60 SER A HB2  1 
ATOM 953  H HB3  . SER A 1 60 ? 8.835   -10.567 -0.508  1.00 0.00 ? 60 SER A HB3  1 
ATOM 954  H HG   . SER A 1 60 ? 6.951   -9.277  -2.230  1.00 0.00 ? 60 SER A HG   1 
ATOM 955  N N    . GLY A 1 61 ? 11.539  -8.057  -0.671  1.00 0.00 ? 61 GLY A N    1 
ATOM 956  C CA   . GLY A 1 61 ? 13.012  -7.869  -0.711  1.00 0.00 ? 61 GLY A CA   1 
ATOM 957  C C    . GLY A 1 61 ? 13.458  -6.393  -0.681  1.00 0.00 ? 61 GLY A C    1 
ATOM 958  O O    . GLY A 1 61 ? 14.277  -6.015  0.156   1.00 0.00 ? 61 GLY A O    1 
ATOM 959  H H    . GLY A 1 61 ? 10.909  -7.297  -0.386  1.00 0.00 ? 61 GLY A H    1 
ATOM 960  H HA2  . GLY A 1 61 ? 13.470  -8.388  0.152   1.00 0.00 ? 61 GLY A HA2  1 
ATOM 961  H HA3  . GLY A 1 61 ? 13.468  -8.341  -1.605  1.00 0.00 ? 61 GLY A HA3  1 
ATOM 962  N N    . ALA A 1 62 ? 12.926  -5.568  -1.595  1.00 0.00 ? 62 ALA A N    1 
ATOM 963  C CA   . ALA A 1 62 ? 13.149  -4.105  -1.575  1.00 0.00 ? 62 ALA A CA   1 
ATOM 964  C C    . ALA A 1 62 ? 12.272  -3.365  -0.513  1.00 0.00 ? 62 ALA A C    1 
ATOM 965  O O    . ALA A 1 62 ? 11.040  -3.452  -0.540  1.00 0.00 ? 62 ALA A O    1 
ATOM 966  C CB   . ALA A 1 62 ? 12.837  -3.613  -3.000  1.00 0.00 ? 62 ALA A CB   1 
ATOM 967  H H    . ALA A 1 62 ? 12.141  -5.986  -2.109  1.00 0.00 ? 62 ALA A H    1 
ATOM 968  H HA   . ALA A 1 62 ? 14.225  -3.900  -1.384  1.00 0.00 ? 62 ALA A HA   1 
ATOM 969  H HB1  . ALA A 1 62 ? 13.495  -4.089  -3.749  1.00 0.00 ? 62 ALA A HB1  1 
ATOM 970  H HB2  . ALA A 1 62 ? 11.792  -3.827  -3.296  1.00 0.00 ? 62 ALA A HB2  1 
ATOM 971  H HB3  . ALA A 1 62 ? 12.979  -2.522  -3.098  1.00 0.00 ? 62 ALA A HB3  1 
ATOM 972  N N    . SER A 1 63 ? 12.921  -2.624  0.397   1.00 0.00 ? 63 SER A N    1 
ATOM 973  C CA   . SER A 1 63 ? 12.218  -1.878  1.483   1.00 0.00 ? 63 SER A CA   1 
ATOM 974  C C    . SER A 1 63 ? 11.192  -0.794  1.015   1.00 0.00 ? 63 SER A C    1 
ATOM 975  O O    . SER A 1 63 ? 10.037  -0.841  1.432   1.00 0.00 ? 63 SER A O    1 
ATOM 976  C CB   . SER A 1 63 ? 13.272  -1.279  2.450   1.00 0.00 ? 63 SER A CB   1 
ATOM 977  O OG   . SER A 1 63 ? 14.059  -2.301  3.063   1.00 0.00 ? 63 SER A OG   1 
ATOM 978  H H    . SER A 1 63 ? 13.913  -2.866  0.489   1.00 0.00 ? 63 SER A H    1 
ATOM 979  H HA   . SER A 1 63 ? 11.636  -2.614  2.075   1.00 0.00 ? 63 SER A HA   1 
ATOM 980  H HB2  . SER A 1 63 ? 13.928  -0.559  1.922   1.00 0.00 ? 63 SER A HB2  1 
ATOM 981  H HB3  . SER A 1 63 ? 12.757  -0.701  3.244   1.00 0.00 ? 63 SER A HB3  1 
ATOM 982  H HG   . SER A 1 63 ? 14.636  -1.881  3.710   1.00 0.00 ? 63 SER A HG   1 
ATOM 983  N N    . ARG A 1 64 ? 11.595  0.134   0.131   1.00 0.00 ? 64 ARG A N    1 
ATOM 984  C CA   . ARG A 1 64 ? 10.626  0.954   -0.650  1.00 0.00 ? 64 ARG A CA   1 
ATOM 985  C C    . ARG A 1 64 ? 10.320  0.236   -2.011  1.00 0.00 ? 64 ARG A C    1 
ATOM 986  O O    . ARG A 1 64 ? 10.924  0.526   -3.049  1.00 0.00 ? 64 ARG A O    1 
ATOM 987  C CB   . ARG A 1 64 ? 11.203  2.382   -0.843  1.00 0.00 ? 64 ARG A CB   1 
ATOM 988  C CG   . ARG A 1 64 ? 11.097  3.248   0.430   1.00 0.00 ? 64 ARG A CG   1 
ATOM 989  C CD   . ARG A 1 64 ? 11.413  4.724   0.170   1.00 0.00 ? 64 ARG A CD   1 
ATOM 990  N NE   . ARG A 1 64 ? 11.265  5.460   1.446   1.00 0.00 ? 64 ARG A NE   1 
ATOM 991  C CZ   . ARG A 1 64 ? 11.541  6.737   1.635   1.00 0.00 ? 64 ARG A CZ   1 
ATOM 992  N NH1  . ARG A 1 64 ? 11.967  7.544   0.708   1.00 0.00 ? 64 ARG A NH1  1 
ATOM 993  N NH2  . ARG A 1 64 ? 11.368  7.206   2.822   1.00 0.00 ? 64 ARG A NH2  1 
ATOM 994  H H    . ARG A 1 64 ? 12.539  -0.046  -0.220  1.00 0.00 ? 64 ARG A H    1 
ATOM 995  H HA   . ARG A 1 64 ? 9.658   1.057   -0.110  1.00 0.00 ? 64 ARG A HA   1 
ATOM 996  H HB2  . ARG A 1 64 ? 12.246  2.343   -1.208  1.00 0.00 ? 64 ARG A HB2  1 
ATOM 997  H HB3  . ARG A 1 64 ? 10.643  2.881   -1.659  1.00 0.00 ? 64 ARG A HB3  1 
ATOM 998  H HG2  . ARG A 1 64 ? 10.070  3.178   0.843   1.00 0.00 ? 64 ARG A HG2  1 
ATOM 999  H HG3  . ARG A 1 64 ? 11.764  2.850   1.218   1.00 0.00 ? 64 ARG A HG3  1 
ATOM 1000 H HD2  . ARG A 1 64 ? 12.438  4.839   -0.236  1.00 0.00 ? 64 ARG A HD2  1 
ATOM 1001 H HD3  . ARG A 1 64 ? 10.710  5.128   -0.587  1.00 0.00 ? 64 ARG A HD3  1 
ATOM 1002 H HH11 . ARG A 1 64 ? 12.096  7.089   -0.198  1.00 0.00 ? 64 ARG A HH11 1 
ATOM 1003 H HH12 . ARG A 1 64 ? 12.186  8.501   0.983   1.00 0.00 ? 64 ARG A HH12 1 
ATOM 1004 H HH21 . ARG A 1 64 ? 11.082  6.475   3.479   1.00 0.00 ? 64 ARG A HH21 1 
ATOM 1005 H HH22 . ARG A 1 64 ? 11.638  8.171   3.002   1.00 0.00 ? 64 ARG A HH22 1 
ATOM 1006 N N    . GLY A 1 65 ? 9.394   -0.732  -1.966  1.00 0.00 ? 65 GLY A N    1 
ATOM 1007 C CA   . GLY A 1 65 ? 9.138   -1.642  -3.110  1.00 0.00 ? 65 GLY A CA   1 
ATOM 1008 C C    . GLY A 1 65 ? 7.677   -2.074  -3.279  1.00 0.00 ? 65 GLY A C    1 
ATOM 1009 O O    . GLY A 1 65 ? 7.338   -3.231  -3.031  1.00 0.00 ? 65 GLY A O    1 
ATOM 1010 H H    . GLY A 1 65 ? 9.101   -0.940  -1.002  1.00 0.00 ? 65 GLY A H    1 
ATOM 1011 H HA2  . GLY A 1 65 ? 9.493   -1.219  -4.070  1.00 0.00 ? 65 GLY A HA2  1 
ATOM 1012 H HA3  . GLY A 1 65 ? 9.744   -2.557  -2.968  1.00 0.00 ? 65 GLY A HA3  1 
ATOM 1013 N N    . ILE A 1 66 ? 6.823   -1.152  -3.725  1.00 0.00 ? 66 ILE A N    1 
ATOM 1014 C CA   . ILE A 1 66 ? 5.387   -1.440  -4.005  1.00 0.00 ? 66 ILE A CA   1 
ATOM 1015 C C    . ILE A 1 66 ? 5.047   -0.748  -5.376  1.00 0.00 ? 66 ILE A C    1 
ATOM 1016 O O    . ILE A 1 66 ? 4.856   0.470   -5.430  1.00 0.00 ? 66 ILE A O    1 
ATOM 1017 C CB   . ILE A 1 66 ? 4.434   -0.950  -2.852  1.00 0.00 ? 66 ILE A CB   1 
ATOM 1018 C CG1  . ILE A 1 66 ? 4.756   -1.558  -1.457  1.00 0.00 ? 66 ILE A CG1  1 
ATOM 1019 C CG2  . ILE A 1 66 ? 2.964   -1.304  -3.198  1.00 0.00 ? 66 ILE A CG2  1 
ATOM 1020 C CD1  . ILE A 1 66 ? 4.251   -0.695  -0.297  1.00 0.00 ? 66 ILE A CD1  1 
ATOM 1021 H H    . ILE A 1 66 ? 7.206   -0.200  -3.723  1.00 0.00 ? 66 ILE A H    1 
ATOM 1022 H HA   . ILE A 1 66 ? 5.234   -2.532  -4.127  1.00 0.00 ? 66 ILE A HA   1 
ATOM 1023 H HB   . ILE A 1 66 ? 4.520   0.155   -2.785  1.00 0.00 ? 66 ILE A HB   1 
ATOM 1024 H HG12 . ILE A 1 66 ? 4.371   -2.594  -1.377  1.00 0.00 ? 66 ILE A HG12 1 
ATOM 1025 H HG13 . ILE A 1 66 ? 5.847   -1.657  -1.308  1.00 0.00 ? 66 ILE A HG13 1 
ATOM 1026 H HG21 . ILE A 1 66 ? 2.844   -2.382  -3.408  1.00 0.00 ? 66 ILE A HG21 1 
ATOM 1027 H HG22 . ILE A 1 66 ? 2.271   -1.048  -2.380  1.00 0.00 ? 66 ILE A HG22 1 
ATOM 1028 H HG23 . ILE A 1 66 ? 2.600   -0.759  -4.088  1.00 0.00 ? 66 ILE A HG23 1 
ATOM 1029 H HD11 . ILE A 1 66 ? 3.162   -0.528  -0.317  1.00 0.00 ? 66 ILE A HD11 1 
ATOM 1030 H HD12 . ILE A 1 66 ? 4.491   -1.156  0.679   1.00 0.00 ? 66 ILE A HD12 1 
ATOM 1031 H HD13 . ILE A 1 66 ? 4.727   0.303   -0.298  1.00 0.00 ? 66 ILE A HD13 1 
ATOM 1032 N N    . ARG A 1 67 ? 4.968   -1.512  -6.472  1.00 0.00 ? 67 ARG A N    1 
ATOM 1033 C CA   . ARG A 1 67 ? 4.695   -0.932  -7.816  1.00 0.00 ? 67 ARG A CA   1 
ATOM 1034 C C    . ARG A 1 67 ? 3.164   -0.769  -8.089  1.00 0.00 ? 67 ARG A C    1 
ATOM 1035 O O    . ARG A 1 67 ? 2.374   -1.702  -7.922  1.00 0.00 ? 67 ARG A O    1 
ATOM 1036 C CB   . ARG A 1 67 ? 5.383   -1.767  -8.925  1.00 0.00 ? 67 ARG A CB   1 
ATOM 1037 C CG   . ARG A 1 67 ? 6.925   -1.649  -8.915  1.00 0.00 ? 67 ARG A CG   1 
ATOM 1038 C CD   . ARG A 1 67 ? 7.598   -2.144  -10.201 1.00 0.00 ? 67 ARG A CD   1 
ATOM 1039 N NE   . ARG A 1 67 ? 7.657   -3.622  -10.257 1.00 0.00 ? 67 ARG A NE   1 
ATOM 1040 C CZ   . ARG A 1 67 ? 8.268   -4.322  -11.202 1.00 0.00 ? 67 ARG A CZ   1 
ATOM 1041 N NH1  . ARG A 1 67 ? 8.876   -3.798  -12.227 1.00 0.00 ? 67 ARG A NH1  1 
ATOM 1042 N NH2  . ARG A 1 67 ? 8.265   -5.605  -11.103 1.00 0.00 ? 67 ARG A NH2  1 
ATOM 1043 H H    . ARG A 1 67 ? 4.994   -2.527  -6.302  1.00 0.00 ? 67 ARG A H    1 
ATOM 1044 H HA   . ARG A 1 67 ? 5.158   0.078   -7.863  1.00 0.00 ? 67 ARG A HA   1 
ATOM 1045 H HB2  . ARG A 1 67 ? 5.087   -2.831  -8.871  1.00 0.00 ? 67 ARG A HB2  1 
ATOM 1046 H HB3  . ARG A 1 67 ? 5.010   -1.423  -9.911  1.00 0.00 ? 67 ARG A HB3  1 
ATOM 1047 H HG2  . ARG A 1 67 ? 7.219   -0.591  -8.774  1.00 0.00 ? 67 ARG A HG2  1 
ATOM 1048 H HG3  . ARG A 1 67 ? 7.348   -2.180  -8.039  1.00 0.00 ? 67 ARG A HG3  1 
ATOM 1049 H HD2  . ARG A 1 67 ? 7.092   -1.738  -11.099 1.00 0.00 ? 67 ARG A HD2  1 
ATOM 1050 H HD3  . ARG A 1 67 ? 8.632   -1.741  -10.225 1.00 0.00 ? 67 ARG A HD3  1 
ATOM 1051 H HH11 . ARG A 1 67 ? 8.837   -2.780  -12.248 1.00 0.00 ? 67 ARG A HH11 1 
ATOM 1052 H HH12 . ARG A 1 67 ? 9.308   -4.445  -12.887 1.00 0.00 ? 67 ARG A HH12 1 
ATOM 1053 H HH21 . ARG A 1 67 ? 7.775   -5.950  -10.271 1.00 0.00 ? 67 ARG A HH21 1 
ATOM 1054 H HH22 . ARG A 1 67 ? 8.738   -6.141  -11.827 1.00 0.00 ? 67 ARG A HH22 1 
ATOM 1055 N N    . LEU A 1 68 ? 2.771   0.438   -8.507  1.00 0.00 ? 68 LEU A N    1 
ATOM 1056 C CA   . LEU A 1 68 ? 1.351   0.806   -8.756  1.00 0.00 ? 68 LEU A CA   1 
ATOM 1057 C C    . LEU A 1 68 ? 0.843   0.301   -10.146 1.00 0.00 ? 68 LEU A C    1 
ATOM 1058 O O    . LEU A 1 68 ? 1.410   0.663   -11.181 1.00 0.00 ? 68 LEU A O    1 
ATOM 1059 C CB   . LEU A 1 68 ? 1.313   2.355   -8.639  1.00 0.00 ? 68 LEU A CB   1 
ATOM 1060 C CG   . LEU A 1 68 ? -0.089  2.997   -8.574  1.00 0.00 ? 68 LEU A CG   1 
ATOM 1061 C CD1  . LEU A 1 68 ? -0.754  2.770   -7.213  1.00 0.00 ? 68 LEU A CD1  1 
ATOM 1062 C CD2  . LEU A 1 68 ? 0.036   4.512   -8.817  1.00 0.00 ? 68 LEU A CD2  1 
ATOM 1063 H H    . LEU A 1 68 ? 3.531   1.115   -8.621  1.00 0.00 ? 68 LEU A H    1 
ATOM 1064 H HA   . LEU A 1 68 ? 0.726   0.375   -7.949  1.00 0.00 ? 68 LEU A HA   1 
ATOM 1065 H HB2  . LEU A 1 68 ? 1.884   2.685   -7.746  1.00 0.00 ? 68 LEU A HB2  1 
ATOM 1066 H HB3  . LEU A 1 68 ? 1.871   2.781   -9.500  1.00 0.00 ? 68 LEU A HB3  1 
ATOM 1067 H HG   . LEU A 1 68 ? -0.739  2.582   -9.374  1.00 0.00 ? 68 LEU A HG   1 
ATOM 1068 H HD11 . LEU A 1 68 ? -0.156  3.170   -6.374  1.00 0.00 ? 68 LEU A HD11 1 
ATOM 1069 H HD12 . LEU A 1 68 ? -1.743  3.260   -7.158  1.00 0.00 ? 68 LEU A HD12 1 
ATOM 1070 H HD13 . LEU A 1 68 ? -0.930  1.700   -7.003  1.00 0.00 ? 68 LEU A HD13 1 
ATOM 1071 H HD21 . LEU A 1 68 ? 0.489   4.732   -9.801  1.00 0.00 ? 68 LEU A HD21 1 
ATOM 1072 H HD22 . LEU A 1 68 ? -0.950  5.010   -8.814  1.00 0.00 ? 68 LEU A HD22 1 
ATOM 1073 H HD23 . LEU A 1 68 ? 0.662   5.014   -8.054  1.00 0.00 ? 68 LEU A HD23 1 
ATOM 1074 N N    . LEU A 1 69 ? -0.206  -0.533  -10.156 1.00 0.00 ? 69 LEU A N    1 
ATOM 1075 C CA   . LEU A 1 69 ? -0.677  -1.211  -11.396 1.00 0.00 ? 69 LEU A CA   1 
ATOM 1076 C C    . LEU A 1 69 ? -2.085  -0.758  -11.929 1.00 0.00 ? 69 LEU A C    1 
ATOM 1077 O O    . LEU A 1 69 ? -2.233  -0.490  -13.122 1.00 0.00 ? 69 LEU A O    1 
ATOM 1078 C CB   . LEU A 1 69 ? -0.666  -2.759  -11.227 1.00 0.00 ? 69 LEU A CB   1 
ATOM 1079 C CG   . LEU A 1 69 ? 0.671   -3.444  -10.870 1.00 0.00 ? 69 LEU A CG   1 
ATOM 1080 C CD1  . LEU A 1 69 ? 0.407   -4.947  -10.669 1.00 0.00 ? 69 LEU A CD1  1 
ATOM 1081 C CD2  . LEU A 1 69 ? 1.744   -3.261  -11.945 1.00 0.00 ? 69 LEU A CD2  1 
ATOM 1082 H H    . LEU A 1 69 ? -0.547  -0.814  -9.230  1.00 0.00 ? 69 LEU A H    1 
ATOM 1083 H HA   . LEU A 1 69 ? -0.008  -0.972  -12.236 1.00 0.00 ? 69 LEU A HA   1 
ATOM 1084 H HB2  . LEU A 1 69 ? -1.416  -3.036  -10.460 1.00 0.00 ? 69 LEU A HB2  1 
ATOM 1085 H HB3  . LEU A 1 69 ? -1.052  -3.210  -12.165 1.00 0.00 ? 69 LEU A HB3  1 
ATOM 1086 H HG   . LEU A 1 69 ? 1.054   -3.032  -9.913  1.00 0.00 ? 69 LEU A HG   1 
ATOM 1087 H HD11 . LEU A 1 69 ? -0.327  -5.131  -9.862  1.00 0.00 ? 69 LEU A HD11 1 
ATOM 1088 H HD12 . LEU A 1 69 ? 0.012   -5.431  -11.583 1.00 0.00 ? 69 LEU A HD12 1 
ATOM 1089 H HD13 . LEU A 1 69 ? 1.323   -5.492  -10.387 1.00 0.00 ? 69 LEU A HD13 1 
ATOM 1090 H HD21 . LEU A 1 69 ? 1.426   -3.641  -12.934 1.00 0.00 ? 69 LEU A HD21 1 
ATOM 1091 H HD22 . LEU A 1 69 ? 2.015   -2.198  -12.080 1.00 0.00 ? 69 LEU A HD22 1 
ATOM 1092 H HD23 . LEU A 1 69 ? 2.680   -3.783  -11.678 1.00 0.00 ? 69 LEU A HD23 1 
ATOM 1093 N N    . GLN A 1 70 ? -3.106  -0.767  -11.069 1.00 0.00 ? 70 GLN A N    1 
ATOM 1094 C CA   . GLN A 1 70 ? -4.532  -0.666  -11.492 1.00 0.00 ? 70 GLN A CA   1 
ATOM 1095 C C    . GLN A 1 70 ? -5.431  -0.023  -10.377 1.00 0.00 ? 70 GLN A C    1 
ATOM 1096 O O    . GLN A 1 70 ? -5.069  0.020   -9.202  1.00 0.00 ? 70 GLN A O    1 
ATOM 1097 C CB   . GLN A 1 70 ? -5.017  -2.110  -11.862 1.00 0.00 ? 70 GLN A CB   1 
ATOM 1098 C CG   . GLN A 1 70 ? -5.825  -2.233  -13.169 1.00 0.00 ? 70 GLN A CG   1 
ATOM 1099 C CD   . GLN A 1 70 ? -7.261  -1.758  -13.135 1.00 0.00 ? 70 GLN A CD   1 
ATOM 1100 O OE1  . GLN A 1 70 ? -7.567  -0.602  -13.402 1.00 0.00 ? 70 GLN A OE1  1 
ATOM 1101 N NE2  . GLN A 1 70 ? -8.194  -2.606  -12.796 1.00 0.00 ? 70 GLN A NE2  1 
ATOM 1102 H H    . GLN A 1 70 ? -2.792  -0.950  -10.112 1.00 0.00 ? 70 GLN A H    1 
ATOM 1103 H HA   . GLN A 1 70 ? -4.592  -0.003  -12.380 1.00 0.00 ? 70 GLN A HA   1 
ATOM 1104 H HB2  . GLN A 1 70 ? -4.148  -2.787  -12.005 1.00 0.00 ? 70 GLN A HB2  1 
ATOM 1105 H HB3  . GLN A 1 70 ? -5.555  -2.583  -11.016 1.00 0.00 ? 70 GLN A HB3  1 
ATOM 1106 H HG2  . GLN A 1 70 ? -5.298  -1.704  -13.984 1.00 0.00 ? 70 GLN A HG2  1 
ATOM 1107 H HG3  . GLN A 1 70 ? -5.799  -3.293  -13.490 1.00 0.00 ? 70 GLN A HG3  1 
ATOM 1108 H HE21 . GLN A 1 70 ? -7.871  -3.512  -12.446 1.00 0.00 ? 70 GLN A HE21 1 
ATOM 1109 H HE22 . GLN A 1 70 ? -9.111  -2.182  -12.634 1.00 0.00 ? 70 GLN A HE22 1 
ATOM 1110 N N    . GLU A 1 71 ? -6.626  0.452   -10.751 1.00 0.00 ? 71 GLU A N    1 
ATOM 1111 C CA   . GLU A 1 71 ? -7.726  0.704   -9.770  1.00 0.00 ? 71 GLU A CA   1 
ATOM 1112 C C    . GLU A 1 71 ? -9.094  0.380   -10.455 1.00 0.00 ? 71 GLU A C    1 
ATOM 1113 O O    . GLU A 1 71 ? -9.477  -0.791  -10.493 1.00 0.00 ? 71 GLU A O    1 
ATOM 1114 C CB   . GLU A 1 71 ? -7.575  2.092   -9.101  1.00 0.00 ? 71 GLU A CB   1 
ATOM 1115 C CG   . GLU A 1 71 ? -8.537  2.305   -7.909  1.00 0.00 ? 71 GLU A CG   1 
ATOM 1116 C CD   . GLU A 1 71 ? -8.472  3.707   -7.319  1.00 0.00 ? 71 GLU A CD   1 
ATOM 1117 O OE1  . GLU A 1 71 ? -8.659  4.727   -7.975  1.00 0.00 ? 71 GLU A OE1  1 
ATOM 1118 O OE2  . GLU A 1 71 ? -8.204  3.695   -5.984  1.00 0.00 ? 71 GLU A OE2  1 
ATOM 1119 H H    . GLU A 1 71 ? -6.822  0.258   -11.741 1.00 0.00 ? 71 GLU A H    1 
ATOM 1120 H HA   . GLU A 1 71 ? -7.641  -0.057  -8.965  1.00 0.00 ? 71 GLU A HA   1 
ATOM 1121 H HB2  . GLU A 1 71 ? -6.533  2.195   -8.735  1.00 0.00 ? 71 GLU A HB2  1 
ATOM 1122 H HB3  . GLU A 1 71 ? -7.688  2.898   -9.852  1.00 0.00 ? 71 GLU A HB3  1 
ATOM 1123 H HG2  . GLU A 1 71 ? -9.586  2.137   -8.211  1.00 0.00 ? 71 GLU A HG2  1 
ATOM 1124 H HG3  . GLU A 1 71 ? -8.334  1.549   -7.127  1.00 0.00 ? 71 GLU A HG3  1 
ATOM 1125 H HE2  . GLU A 1 71 ? -8.143  2.795   -5.661  1.00 0.00 ? 71 GLU A HE2  1 
ATOM 1126 N N    . GLU A 1 72 ? -9.829  1.372   -10.991 1.00 0.00 ? 72 GLU A N    1 
ATOM 1127 C CA   . GLU A 1 72 ? -11.124 1.177   -11.705 1.00 0.00 ? 72 GLU A CA   1 
ATOM 1128 C C    . GLU A 1 72 ? -12.310 0.582   -10.872 1.00 0.00 ? 72 GLU A C    1 
ATOM 1129 O O    . GLU A 1 72 ? -13.418 1.107   -10.839 1.00 0.00 ? 72 GLU A O    1 
ATOM 1130 C CB   . GLU A 1 72 ? -10.974 0.454   -13.069 1.00 0.00 ? 72 GLU A CB   1 
ATOM 1131 C CG   . GLU A 1 72 ? -10.189 1.250   -14.132 1.00 0.00 ? 72 GLU A CG   1 
ATOM 1132 C CD   . GLU A 1 72 ? -10.132 0.534   -15.475 1.00 0.00 ? 72 GLU A CD   1 
ATOM 1133 O OE1  . GLU A 1 72 ? -10.960 0.708   -16.363 1.00 0.00 ? 72 GLU A OE1  1 
ATOM 1134 O OE2  . GLU A 1 72 ? -9.071  -0.317  -15.567 1.00 0.00 ? 72 GLU A OE2  1 
ATOM 1135 H H    . GLU A 1 72 ? -9.393  2.295   -10.897 1.00 0.00 ? 72 GLU A H    1 
ATOM 1136 H HA   . GLU A 1 72 ? -11.486 2.200   -11.939 1.00 0.00 ? 72 GLU A HA   1 
ATOM 1137 H HB2  . GLU A 1 72 ? -10.517 -0.544  -12.926 1.00 0.00 ? 72 GLU A HB2  1 
ATOM 1138 H HB3  . GLU A 1 72 ? -11.988 0.251   -13.476 1.00 0.00 ? 72 GLU A HB3  1 
ATOM 1139 H HG2  . GLU A 1 72 ? -10.662 2.234   -14.302 1.00 0.00 ? 72 GLU A HG2  1 
ATOM 1140 H HG3  . GLU A 1 72 ? -9.161  1.475   -13.794 1.00 0.00 ? 72 GLU A HG3  1 
ATOM 1141 H HE2  . GLU A 1 72 ? -8.548  -0.306  -14.756 1.00 0.00 ? 72 GLU A HE2  1 
# 
